data_5NTC
#
_entry.id   5NTC
#
_cell.length_a   74.909
_cell.length_b   99.151
_cell.length_c   206.873
_cell.angle_alpha   90.00
_cell.angle_beta   90.00
_cell.angle_gamma   90.00
#
_symmetry.space_group_name_H-M   'P 21 21 2'
#
loop_
_entity.id
_entity.type
_entity.pdbx_description
1 polymer 'Histone-arginine methyltransferase CARM1'
2 non-polymer 1,2-ETHANEDIOL
3 non-polymer DI(HYDROXYETHYL)ETHER
4 non-polymer 1,2-DIMETHOXYETHANE
5 non-polymer 1-METHOXY-2-(2-METHOXYETHOXY)ETHANE
6 non-polymer 2-[3-(2-HYDROXY-1,1-DIHYDROXYMETHYL-ETHYLAMINO)-PROPYLAMINO]-2-HYDROXYMETHYL-PROPANE-1,3-DIOL
7 non-polymer [(2~{R},3~{S},4~{R},5~{R})-5-(6-aminopurin-9-yl)-3,4-bis(oxidanyl)oxolan-2-yl]methyl-(2-azaniumylethyl)-[(3~{S})-3-azaniumyl-4-oxidanyl-4-oxidanylidene-butyl]azanium
8 water water
#
_entity_poly.entity_id   1
_entity_poly.type   'polypeptide(L)'
_entity_poly.pdbx_seq_one_letter_code
;GHMGHTLERSVFSERTEESSAVQYFQFYGYLSQQQNMMQDYVRTGTYQRAILQNHTDFKDKIVLDVGCGSGILSFFAAQA
GARKIYAVEASTMAQHAEVLVKSNNLTDRIVVIPGKVEEVSLPEQVDIIISEPMGYMLFNERMLESYLHAKKYLKPSGNM
FPTIGDVHLAPFTDEQLYMEQFTKANFWYQPSFHGVDLSALRGAAVDEYFRQPVVDTFDIRILMAKSVKYTVNFLEAKEG
DLHRIEIPFKFHMLHSGLVHGLAFWFDVAFIGSIMTVWLSTAPTEPLTHWYQVRCLFQSPLFAKAGDTLSGTCLLIANKR
QSYDISIVAQVDQTGSKSSNLLDLKNPFFRYTGTTPSPPPGSHYTSPSENM
;
_entity_poly.pdbx_strand_id   A,B,C,D
#
loop_
_chem_comp.id
_chem_comp.type
_chem_comp.name
_chem_comp.formula
6L7 non-polymer [(2~{R},3~{S},4~{R},5~{R})-5-(6-aminopurin-9-yl)-3,4-bis(oxidanyl)oxolan-2-yl]methyl-(2-azaniumylethyl)-[(3~{S})-3-azaniumyl-4-oxidanyl-4-oxidanylidene-butyl]azanium 'C16 H29 N8 O5 3'
B3P non-polymer 2-[3-(2-HYDROXY-1,1-DIHYDROXYMETHYL-ETHYLAMINO)-PROPYLAMINO]-2-HYDROXYMETHYL-PROPANE-1,3-DIOL 'C11 H26 N2 O6'
DXE non-polymer 1,2-DIMETHOXYETHANE 'C4 H10 O2'
EDO non-polymer 1,2-ETHANEDIOL 'C2 H6 O2'
M2M non-polymer 1-METHOXY-2-(2-METHOXYETHOXY)ETHANE 'C6 H14 O3'
PEG non-polymer DI(HYDROXYETHYL)ETHER 'C4 H10 O3'
#
# COMPACT_ATOMS: atom_id res chain seq x y z
N SER A 20 0.96 -36.89 -5.43
CA SER A 20 -0.26 -36.86 -6.21
C SER A 20 -0.17 -35.78 -7.30
N ALA A 21 -0.76 -36.06 -8.46
CA ALA A 21 -0.82 -35.11 -9.57
C ALA A 21 -1.80 -33.96 -9.31
N VAL A 22 -2.89 -34.29 -8.62
CA VAL A 22 -3.92 -33.33 -8.30
C VAL A 22 -3.30 -32.19 -7.49
N GLN A 23 -2.57 -32.58 -6.46
CA GLN A 23 -1.90 -31.64 -5.57
C GLN A 23 -0.88 -30.79 -6.33
N TYR A 24 -0.13 -31.44 -7.22
CA TYR A 24 0.84 -30.75 -8.05
C TYR A 24 0.12 -29.65 -8.81
N PHE A 25 -0.98 -29.99 -9.46
CA PHE A 25 -1.70 -28.97 -10.22
C PHE A 25 -2.45 -27.96 -9.34
N GLN A 26 -2.86 -28.36 -8.13
CA GLN A 26 -3.43 -27.39 -7.20
C GLN A 26 -2.40 -26.35 -6.79
N PHE A 27 -1.17 -26.78 -6.54
CA PHE A 27 -0.08 -25.88 -6.17
C PHE A 27 0.10 -24.78 -7.21
N TYR A 28 0.07 -25.14 -8.49
CA TYR A 28 0.30 -24.17 -9.56
C TYR A 28 -0.95 -23.42 -9.99
N GLY A 29 -2.06 -23.67 -9.30
CA GLY A 29 -3.28 -22.91 -9.53
C GLY A 29 -3.29 -21.53 -8.88
N TYR A 30 -2.43 -21.33 -7.89
CA TYR A 30 -2.38 -20.05 -7.17
C TYR A 30 -1.57 -19.00 -7.93
N LEU A 31 -2.13 -17.80 -8.07
CA LEU A 31 -1.44 -16.71 -8.74
C LEU A 31 -0.14 -16.34 -8.02
N SER A 32 -0.11 -16.51 -6.70
CA SER A 32 1.08 -16.21 -5.93
C SER A 32 2.28 -17.05 -6.34
N GLN A 33 2.04 -18.33 -6.67
CA GLN A 33 3.12 -19.21 -7.08
C GLN A 33 3.65 -18.78 -8.47
N GLN A 34 2.72 -18.49 -9.37
CA GLN A 34 3.06 -18.01 -10.69
C GLN A 34 3.87 -16.74 -10.55
N GLN A 35 3.41 -15.86 -9.66
CA GLN A 35 4.07 -14.61 -9.37
C GLN A 35 5.48 -14.86 -8.86
N ASN A 36 5.61 -15.78 -7.92
CA ASN A 36 6.93 -16.11 -7.37
C ASN A 36 7.86 -16.54 -8.50
N MET A 37 7.37 -17.36 -9.42
CA MET A 37 8.22 -17.74 -10.55
C MET A 37 8.51 -16.57 -11.51
N MET A 38 7.51 -15.75 -11.77
CA MET A 38 7.67 -14.59 -12.66
C MET A 38 8.68 -13.59 -12.09
N GLN A 39 8.71 -13.46 -10.77
CA GLN A 39 9.58 -12.51 -10.09
C GLN A 39 11.05 -12.93 -10.08
N ASP A 40 11.33 -14.16 -10.49
CA ASP A 40 12.70 -14.62 -10.66
C ASP A 40 13.24 -14.01 -11.96
N TYR A 41 13.99 -12.91 -11.83
CA TYR A 41 14.40 -12.12 -12.99
C TYR A 41 15.36 -12.88 -13.89
N VAL A 42 16.24 -13.67 -13.27
CA VAL A 42 17.19 -14.49 -14.04
C VAL A 42 16.41 -15.39 -14.98
N ARG A 43 15.49 -16.15 -14.40
CA ARG A 43 14.68 -17.11 -15.14
C ARG A 43 13.90 -16.41 -16.26
N THR A 44 13.03 -15.49 -15.86
CA THR A 44 12.11 -14.84 -16.77
C THR A 44 12.85 -13.99 -17.81
N GLY A 45 13.80 -13.20 -17.34
CA GLY A 45 14.59 -12.36 -18.23
C GLY A 45 15.39 -13.19 -19.21
N THR A 46 15.98 -14.28 -18.75
CA THR A 46 16.76 -15.12 -19.65
C THR A 46 15.84 -15.78 -20.68
N TYR A 47 14.66 -16.24 -20.26
CA TYR A 47 13.72 -16.78 -21.25
C TYR A 47 13.35 -15.71 -22.31
N GLN A 48 13.00 -14.52 -21.84
CA GLN A 48 12.64 -13.45 -22.78
C GLN A 48 13.78 -13.18 -23.76
N ARG A 49 15.00 -13.03 -23.24
CA ARG A 49 16.15 -12.78 -24.11
C ARG A 49 16.38 -13.94 -25.09
N ALA A 50 16.30 -15.17 -24.59
CA ALA A 50 16.49 -16.35 -25.44
C ALA A 50 15.51 -16.34 -26.58
N ILE A 51 14.26 -16.02 -26.29
CA ILE A 51 13.24 -16.01 -27.35
C ILE A 51 13.39 -14.84 -28.31
N LEU A 52 13.51 -13.61 -27.79
CA LEU A 52 13.59 -12.43 -28.64
C LEU A 52 14.86 -12.36 -29.47
N GLN A 53 15.98 -12.75 -28.89
CA GLN A 53 17.25 -12.69 -29.61
C GLN A 53 17.35 -13.76 -30.70
N ASN A 54 16.46 -14.76 -30.65
CA ASN A 54 16.35 -15.76 -31.71
C ASN A 54 15.03 -15.63 -32.46
N HIS A 55 14.70 -14.39 -32.84
CA HIS A 55 13.40 -14.09 -33.43
C HIS A 55 13.10 -14.86 -34.72
N THR A 56 14.13 -15.23 -35.46
CA THR A 56 13.92 -15.95 -36.71
C THR A 56 13.37 -17.36 -36.45
N ASP A 57 13.58 -17.88 -35.25
CA ASP A 57 13.02 -19.18 -34.89
C ASP A 57 11.54 -19.08 -34.53
N PHE A 58 11.02 -17.84 -34.43
CA PHE A 58 9.64 -17.64 -34.02
C PHE A 58 8.79 -16.89 -35.05
N LYS A 59 9.39 -15.96 -35.79
CA LYS A 59 8.61 -15.13 -36.72
C LYS A 59 7.78 -15.95 -37.70
N ASP A 60 6.47 -15.76 -37.63
CA ASP A 60 5.50 -16.44 -38.48
C ASP A 60 5.55 -17.96 -38.33
N LYS A 61 5.95 -18.43 -37.15
CA LYS A 61 6.05 -19.86 -36.90
C LYS A 61 4.93 -20.36 -35.99
N ILE A 62 4.80 -21.68 -35.92
CA ILE A 62 3.86 -22.31 -35.00
C ILE A 62 4.61 -22.79 -33.74
N VAL A 63 4.06 -22.41 -32.58
CA VAL A 63 4.70 -22.65 -31.30
C VAL A 63 3.80 -23.46 -30.37
N LEU A 64 4.40 -24.35 -29.59
CA LEU A 64 3.69 -25.00 -28.49
C LEU A 64 4.34 -24.63 -27.15
N ASP A 65 3.54 -24.07 -26.24
CA ASP A 65 4.01 -23.74 -24.89
C ASP A 65 3.52 -24.81 -23.92
N VAL A 66 4.44 -25.67 -23.45
CA VAL A 66 4.02 -26.78 -22.58
C VAL A 66 3.95 -26.31 -21.13
N GLY A 67 2.74 -26.25 -20.59
CA GLY A 67 2.55 -25.79 -19.22
C GLY A 67 2.76 -24.30 -19.12
N CYS A 68 1.87 -23.53 -19.76
CA CYS A 68 2.07 -22.10 -19.94
C CYS A 68 1.88 -21.27 -18.67
N GLY A 69 1.19 -21.80 -17.68
CA GLY A 69 0.92 -21.06 -16.47
C GLY A 69 0.19 -19.76 -16.75
N SER A 70 0.79 -18.64 -16.38
CA SER A 70 0.22 -17.32 -16.64
C SER A 70 0.20 -17.01 -18.14
N GLY A 71 1.05 -17.69 -18.90
CA GLY A 71 1.13 -17.50 -20.33
C GLY A 71 2.34 -16.69 -20.77
N ILE A 72 3.18 -16.33 -19.81
CA ILE A 72 4.27 -15.38 -20.03
C ILE A 72 5.17 -15.76 -21.23
N LEU A 73 5.58 -17.03 -21.30
CA LEU A 73 6.47 -17.46 -22.38
C LEU A 73 5.78 -17.34 -23.75
N SER A 74 4.48 -17.61 -23.78
CA SER A 74 3.72 -17.47 -25.01
C SER A 74 3.68 -16.00 -25.43
N PHE A 75 3.55 -15.10 -24.47
CA PHE A 75 3.59 -13.68 -24.77
C PHE A 75 4.97 -13.32 -25.30
N PHE A 76 6.02 -13.88 -24.70
CA PHE A 76 7.36 -13.65 -25.28
C PHE A 76 7.44 -14.18 -26.71
N ALA A 77 6.86 -15.35 -26.97
CA ALA A 77 6.86 -15.89 -28.33
C ALA A 77 6.10 -14.95 -29.26
N ALA A 78 4.98 -14.38 -28.79
CA ALA A 78 4.23 -13.42 -29.60
C ALA A 78 5.04 -12.15 -29.85
N GLN A 79 5.78 -11.69 -28.84
CA GLN A 79 6.68 -10.55 -29.04
C GLN A 79 7.70 -10.84 -30.13
N ALA A 80 8.08 -12.11 -30.26
CA ALA A 80 9.07 -12.52 -31.24
C ALA A 80 8.45 -12.73 -32.61
N GLY A 81 7.14 -12.52 -32.72
CA GLY A 81 6.48 -12.52 -34.02
C GLY A 81 5.79 -13.81 -34.44
N ALA A 82 5.62 -14.76 -33.52
CA ALA A 82 4.99 -16.03 -33.87
C ALA A 82 3.57 -15.82 -34.38
N ARG A 83 3.19 -16.63 -35.37
CA ARG A 83 1.85 -16.55 -35.96
C ARG A 83 0.79 -17.23 -35.10
N LYS A 84 1.13 -18.38 -34.54
CA LYS A 84 0.21 -19.13 -33.69
C LYS A 84 0.95 -19.83 -32.57
N ILE A 85 0.41 -19.67 -31.37
CA ILE A 85 0.98 -20.24 -30.16
C ILE A 85 -0.11 -21.01 -29.44
N TYR A 86 0.11 -22.31 -29.28
CA TYR A 86 -0.80 -23.13 -28.49
C TYR A 86 -0.24 -23.23 -27.08
N ALA A 87 -1.01 -22.73 -26.11
CA ALA A 87 -0.56 -22.66 -24.74
C ALA A 87 -1.33 -23.66 -23.89
N VAL A 88 -0.69 -24.78 -23.58
CA VAL A 88 -1.32 -25.89 -22.89
C VAL A 88 -1.12 -25.76 -21.38
N GLU A 89 -2.20 -25.87 -20.61
CA GLU A 89 -2.08 -25.77 -19.15
C GLU A 89 -3.13 -26.61 -18.43
N ALA A 90 -2.67 -27.41 -17.49
CA ALA A 90 -3.53 -28.39 -16.81
C ALA A 90 -4.16 -27.87 -15.52
N SER A 91 -3.55 -26.89 -14.87
CA SER A 91 -4.12 -26.36 -13.63
C SER A 91 -5.19 -25.33 -13.95
N THR A 92 -5.88 -24.83 -12.92
CA THR A 92 -6.92 -23.82 -13.11
C THR A 92 -6.34 -22.50 -13.63
N MET A 93 -5.02 -22.32 -13.50
CA MET A 93 -4.35 -21.15 -14.01
C MET A 93 -4.73 -20.90 -15.47
N ALA A 94 -5.03 -21.97 -16.20
CA ALA A 94 -5.45 -21.88 -17.59
C ALA A 94 -6.53 -20.83 -17.78
N GLN A 95 -7.44 -20.70 -16.82
CA GLN A 95 -8.52 -19.74 -16.98
C GLN A 95 -7.95 -18.33 -16.90
N HIS A 96 -6.91 -18.16 -16.09
CA HIS A 96 -6.31 -16.83 -15.90
C HIS A 96 -5.51 -16.44 -17.13
N ALA A 97 -4.81 -17.42 -17.72
CA ALA A 97 -4.05 -17.19 -18.94
C ALA A 97 -4.98 -16.72 -20.04
N GLU A 98 -6.16 -17.31 -20.11
CA GLU A 98 -7.15 -16.95 -21.11
C GLU A 98 -7.57 -15.49 -20.96
N VAL A 99 -7.75 -15.06 -19.71
CA VAL A 99 -8.11 -13.67 -19.43
C VAL A 99 -7.01 -12.74 -19.93
N LEU A 100 -5.75 -13.13 -19.73
CA LEU A 100 -4.63 -12.29 -20.16
C LEU A 100 -4.47 -12.25 -21.68
N VAL A 101 -4.78 -13.36 -22.36
CA VAL A 101 -4.68 -13.38 -23.82
C VAL A 101 -5.68 -12.38 -24.39
N LYS A 102 -6.89 -12.35 -23.83
CA LYS A 102 -7.90 -11.40 -24.26
C LYS A 102 -7.50 -9.94 -23.97
N SER A 103 -7.07 -9.68 -22.74
CA SER A 103 -6.76 -8.31 -22.34
C SER A 103 -5.53 -7.76 -23.06
N ASN A 104 -4.68 -8.64 -23.59
CA ASN A 104 -3.51 -8.21 -24.35
C ASN A 104 -3.78 -8.29 -25.86
N ASN A 105 -5.05 -8.50 -26.21
CA ASN A 105 -5.48 -8.48 -27.61
C ASN A 105 -4.68 -9.44 -28.48
N LEU A 106 -4.54 -10.68 -28.02
CA LEU A 106 -3.75 -11.68 -28.75
C LEU A 106 -4.53 -12.96 -28.98
N THR A 107 -5.85 -12.82 -29.02
CA THR A 107 -6.76 -13.95 -29.19
C THR A 107 -6.57 -14.67 -30.52
N ASP A 108 -6.17 -13.93 -31.56
CA ASP A 108 -5.98 -14.52 -32.88
C ASP A 108 -4.62 -15.20 -33.03
N ARG A 109 -3.75 -15.04 -32.05
CA ARG A 109 -2.42 -15.65 -32.13
C ARG A 109 -2.12 -16.65 -31.02
N ILE A 110 -2.66 -16.43 -29.83
CA ILE A 110 -2.46 -17.38 -28.73
C ILE A 110 -3.76 -18.09 -28.41
N VAL A 111 -3.69 -19.42 -28.38
CA VAL A 111 -4.85 -20.23 -28.03
C VAL A 111 -4.53 -21.05 -26.79
N VAL A 112 -5.20 -20.73 -25.69
CA VAL A 112 -5.00 -21.47 -24.45
C VAL A 112 -5.82 -22.75 -24.51
N ILE A 113 -5.13 -23.87 -24.27
CA ILE A 113 -5.76 -25.18 -24.26
C ILE A 113 -5.69 -25.75 -22.83
N PRO A 114 -6.85 -25.85 -22.16
CA PRO A 114 -6.85 -26.43 -20.82
C PRO A 114 -6.69 -27.94 -20.84
N GLY A 115 -5.80 -28.46 -19.99
CA GLY A 115 -5.60 -29.89 -19.90
C GLY A 115 -4.13 -30.29 -19.91
N LYS A 116 -3.90 -31.59 -19.74
CA LYS A 116 -2.56 -32.15 -19.75
C LYS A 116 -2.06 -32.27 -21.18
N VAL A 117 -0.79 -31.96 -21.41
CA VAL A 117 -0.22 -32.05 -22.74
C VAL A 117 -0.29 -33.49 -23.24
N GLU A 118 -0.38 -34.44 -22.31
CA GLU A 118 -0.49 -35.86 -22.67
C GLU A 118 -1.87 -36.24 -23.20
N GLU A 119 -2.89 -35.45 -22.85
CA GLU A 119 -4.27 -35.83 -23.15
C GLU A 119 -5.01 -34.89 -24.12
N VAL A 120 -4.57 -33.64 -24.23
CA VAL A 120 -5.24 -32.69 -25.12
C VAL A 120 -4.94 -33.02 -26.57
N SER A 121 -5.71 -32.40 -27.46
CA SER A 121 -5.44 -32.49 -28.89
C SER A 121 -5.02 -31.13 -29.42
N LEU A 122 -4.02 -31.13 -30.28
CA LEU A 122 -3.55 -29.92 -30.95
C LEU A 122 -4.05 -29.91 -32.40
N PRO A 123 -4.40 -28.73 -32.92
CA PRO A 123 -4.95 -28.74 -34.28
C PRO A 123 -3.92 -29.11 -35.35
N GLU A 124 -2.68 -28.69 -35.16
CA GLU A 124 -1.62 -28.92 -36.15
C GLU A 124 -0.28 -29.23 -35.46
N GLN A 125 0.73 -29.61 -36.25
CA GLN A 125 2.09 -29.77 -35.73
C GLN A 125 2.75 -28.39 -35.60
N VAL A 126 3.77 -28.30 -34.75
CA VAL A 126 4.40 -27.01 -34.44
C VAL A 126 5.85 -26.96 -34.89
N ASP A 127 6.35 -25.74 -35.08
CA ASP A 127 7.74 -25.53 -35.45
C ASP A 127 8.63 -25.54 -34.23
N ILE A 128 8.14 -25.03 -33.11
CA ILE A 128 9.01 -25.01 -31.93
C ILE A 128 8.24 -25.21 -30.63
N ILE A 129 8.84 -25.97 -29.71
CA ILE A 129 8.23 -26.15 -28.39
C ILE A 129 9.01 -25.34 -27.38
N ILE A 130 8.28 -24.57 -26.58
CA ILE A 130 8.88 -23.85 -25.47
C ILE A 130 8.26 -24.33 -24.17
N SER A 131 9.08 -24.34 -23.14
CA SER A 131 8.64 -24.74 -21.82
C SER A 131 9.63 -24.31 -20.74
N GLU A 132 9.19 -24.38 -19.50
CA GLU A 132 10.05 -24.22 -18.35
C GLU A 132 9.78 -25.41 -17.42
N PRO A 133 10.34 -26.58 -17.77
CA PRO A 133 10.06 -27.83 -17.07
C PRO A 133 11.05 -28.21 -15.97
N MET A 134 11.99 -27.33 -15.65
CA MET A 134 13.05 -27.67 -14.69
C MET A 134 12.56 -27.60 -13.24
N GLY A 135 13.05 -28.54 -12.43
CA GLY A 135 12.85 -28.52 -11.00
C GLY A 135 14.18 -28.58 -10.27
N TYR A 136 14.15 -28.76 -8.95
CA TYR A 136 15.38 -28.95 -8.17
C TYR A 136 16.27 -30.02 -8.82
N MET A 137 17.57 -29.75 -8.84
CA MET A 137 18.57 -30.61 -9.49
C MET A 137 18.06 -31.06 -10.86
N LEU A 138 17.40 -30.12 -11.54
CA LEU A 138 16.82 -30.29 -12.88
C LEU A 138 15.59 -31.19 -12.95
N PHE A 139 15.71 -32.41 -12.43
CA PHE A 139 14.70 -33.45 -12.68
C PHE A 139 13.46 -33.42 -11.78
N ASN A 140 13.53 -32.77 -10.62
CA ASN A 140 12.42 -32.83 -9.69
C ASN A 140 11.11 -32.35 -10.32
N GLU A 141 10.01 -32.95 -9.85
CA GLU A 141 8.64 -32.68 -10.31
C GLU A 141 8.30 -33.46 -11.58
N ARG A 142 9.31 -33.98 -12.25
CA ARG A 142 9.13 -34.83 -13.43
C ARG A 142 8.28 -34.17 -14.50
N MET A 143 8.56 -32.91 -14.77
CA MET A 143 7.90 -32.23 -15.88
C MET A 143 8.66 -32.40 -17.20
N LEU A 144 9.94 -32.74 -17.12
CA LEU A 144 10.73 -32.96 -18.32
C LEU A 144 10.12 -34.07 -19.18
N GLU A 145 9.53 -35.07 -18.52
CA GLU A 145 8.85 -36.15 -19.26
C GLU A 145 7.70 -35.65 -20.12
N SER A 146 6.90 -34.74 -19.57
CA SER A 146 5.80 -34.15 -20.32
C SER A 146 6.35 -33.34 -21.49
N TYR A 147 7.39 -32.59 -21.20
CA TYR A 147 8.07 -31.76 -22.19
C TYR A 147 8.54 -32.64 -23.34
N LEU A 148 9.16 -33.77 -23.03
CA LEU A 148 9.62 -34.68 -24.06
C LEU A 148 8.43 -35.33 -24.75
N HIS A 149 7.41 -35.67 -23.98
CA HIS A 149 6.19 -36.24 -24.53
C HIS A 149 5.60 -35.36 -25.62
N ALA A 150 5.58 -34.05 -25.38
CA ALA A 150 5.06 -33.10 -26.35
C ALA A 150 5.75 -33.12 -27.73
N LYS A 151 6.88 -33.81 -27.84
CA LYS A 151 7.62 -33.86 -29.10
C LYS A 151 6.84 -34.58 -30.21
N LYS A 152 5.78 -35.29 -29.82
CA LYS A 152 4.90 -35.91 -30.80
C LYS A 152 4.22 -34.87 -31.69
N TYR A 153 4.17 -33.62 -31.24
CA TYR A 153 3.57 -32.54 -32.02
C TYR A 153 4.60 -31.71 -32.79
N LEU A 154 5.87 -32.10 -32.69
CA LEU A 154 6.94 -31.34 -33.31
C LEU A 154 7.23 -31.79 -34.74
N LYS A 155 7.31 -30.83 -35.67
CA LYS A 155 7.70 -31.13 -37.04
C LYS A 155 9.13 -31.69 -37.06
N PRO A 156 9.47 -32.50 -38.09
CA PRO A 156 10.83 -33.08 -38.10
C PRO A 156 11.97 -32.07 -38.03
N SER A 157 11.75 -30.84 -38.49
CA SER A 157 12.79 -29.80 -38.41
C SER A 157 12.63 -28.92 -37.18
N GLY A 158 11.81 -29.35 -36.23
CA GLY A 158 11.51 -28.52 -35.09
C GLY A 158 12.59 -28.34 -34.04
N ASN A 159 12.42 -27.30 -33.24
CA ASN A 159 13.35 -26.99 -32.16
C ASN A 159 12.69 -27.09 -30.78
N MET A 160 13.55 -27.14 -29.77
CA MET A 160 13.13 -27.24 -28.38
C MET A 160 13.82 -26.12 -27.61
N PHE A 161 13.01 -25.35 -26.87
CA PHE A 161 13.52 -24.26 -26.04
C PHE A 161 13.05 -24.49 -24.61
N PRO A 162 13.93 -24.95 -23.71
CA PRO A 162 15.38 -25.21 -23.86
C PRO A 162 15.71 -26.43 -24.70
N THR A 163 16.89 -26.38 -25.30
CA THR A 163 17.37 -27.42 -26.20
C THR A 163 18.13 -28.48 -25.43
N ILE A 164 19.00 -28.05 -24.52
CA ILE A 164 19.72 -29.04 -23.70
C ILE A 164 19.77 -28.65 -22.22
N GLY A 165 19.93 -29.67 -21.38
CA GLY A 165 20.07 -29.48 -19.94
C GLY A 165 21.29 -30.17 -19.35
N ASP A 166 22.08 -29.42 -18.59
CA ASP A 166 23.26 -29.93 -17.92
C ASP A 166 23.06 -29.99 -16.41
N VAL A 167 23.17 -31.18 -15.83
CA VAL A 167 23.22 -31.31 -14.38
C VAL A 167 24.68 -31.35 -13.96
N HIS A 168 25.05 -30.53 -12.98
CA HIS A 168 26.39 -30.54 -12.43
C HIS A 168 26.41 -31.14 -11.03
N LEU A 169 27.44 -31.97 -10.80
CA LEU A 169 27.67 -32.62 -9.51
C LEU A 169 29.07 -32.27 -8.98
N ALA A 170 29.18 -32.03 -7.68
CA ALA A 170 30.51 -31.87 -7.10
C ALA A 170 30.55 -32.29 -5.63
N PRO A 171 31.66 -32.90 -5.19
CA PRO A 171 31.70 -33.23 -3.77
C PRO A 171 31.94 -31.99 -2.92
N PHE A 172 31.36 -31.93 -1.73
CA PHE A 172 31.59 -30.78 -0.86
C PHE A 172 31.97 -31.17 0.56
N THR A 173 32.52 -30.20 1.28
CA THR A 173 32.77 -30.34 2.70
C THR A 173 32.04 -29.25 3.45
N ASP A 174 31.23 -29.66 4.42
CA ASP A 174 30.47 -28.72 5.23
C ASP A 174 30.12 -29.41 6.55
N GLU A 175 31.07 -29.33 7.49
CA GLU A 175 30.95 -30.01 8.77
C GLU A 175 29.70 -29.58 9.57
N GLN A 176 29.42 -28.27 9.58
CA GLN A 176 28.26 -27.76 10.31
C GLN A 176 26.94 -28.33 9.79
N LEU A 177 26.80 -28.37 8.47
CA LEU A 177 25.59 -28.92 7.86
C LEU A 177 25.45 -30.36 8.30
N TYR A 178 26.55 -31.10 8.22
CA TYR A 178 26.57 -32.50 8.65
C TYR A 178 26.15 -32.68 10.10
N MET A 179 26.78 -31.93 11.01
CA MET A 179 26.54 -32.10 12.45
C MET A 179 25.13 -31.65 12.87
N GLU A 180 24.62 -30.66 12.17
CA GLU A 180 23.27 -30.17 12.36
C GLU A 180 22.23 -31.31 12.39
N GLN A 181 22.43 -32.32 11.55
CA GLN A 181 21.48 -33.43 11.42
C GLN A 181 21.37 -34.19 12.73
N PHE A 182 22.53 -34.46 13.33
CA PHE A 182 22.60 -35.16 14.60
C PHE A 182 22.11 -34.27 15.71
N THR A 183 22.44 -32.98 15.64
CA THR A 183 21.92 -32.08 16.65
C THR A 183 20.40 -32.18 16.63
N LYS A 184 19.78 -32.17 15.45
CA LYS A 184 18.33 -32.33 15.42
C LYS A 184 17.83 -33.70 15.86
N ALA A 185 18.44 -34.78 15.38
CA ALA A 185 17.98 -36.11 15.75
C ALA A 185 18.18 -36.42 17.23
N ASN A 186 19.20 -35.83 17.86
CA ASN A 186 19.48 -36.15 19.27
C ASN A 186 18.41 -35.67 20.22
N PHE A 187 17.44 -34.91 19.73
CA PHE A 187 16.25 -34.64 20.52
C PHE A 187 15.67 -35.94 21.05
N TRP A 188 15.73 -37.00 20.24
CA TRP A 188 15.16 -38.26 20.63
C TRP A 188 16.08 -39.07 21.55
N TYR A 189 17.31 -38.61 21.77
CA TYR A 189 18.22 -39.37 22.62
C TYR A 189 18.21 -38.82 24.04
N GLN A 190 17.08 -39.03 24.71
CA GLN A 190 16.95 -38.60 26.09
C GLN A 190 16.08 -39.62 26.81
N PRO A 191 16.51 -40.04 28.01
CA PRO A 191 15.86 -41.15 28.71
C PRO A 191 14.59 -40.75 29.46
N SER A 192 14.31 -39.46 29.56
CA SER A 192 13.13 -39.01 30.29
C SER A 192 12.55 -37.70 29.76
N PHE A 193 12.05 -37.75 28.53
CA PHE A 193 11.27 -36.64 28.00
C PHE A 193 9.89 -36.68 28.64
N HIS A 194 9.67 -35.80 29.62
CA HIS A 194 8.43 -35.85 30.40
C HIS A 194 8.18 -37.26 30.94
N GLY A 195 9.25 -37.95 31.33
CA GLY A 195 9.13 -39.29 31.88
C GLY A 195 9.19 -40.41 30.85
N VAL A 196 9.30 -40.07 29.58
CA VAL A 196 9.31 -41.08 28.51
C VAL A 196 10.71 -41.25 27.94
N ASP A 197 11.12 -42.49 27.74
CA ASP A 197 12.42 -42.77 27.14
C ASP A 197 12.26 -42.79 25.62
N LEU A 198 12.82 -41.78 24.95
CA LEU A 198 12.67 -41.63 23.51
C LEU A 198 13.79 -42.26 22.70
N SER A 199 14.85 -42.67 23.38
CA SER A 199 16.12 -42.99 22.72
C SER A 199 16.00 -44.03 21.60
N ALA A 200 15.09 -44.99 21.74
CA ALA A 200 14.95 -46.08 20.75
C ALA A 200 14.64 -45.57 19.35
N LEU A 201 14.17 -44.33 19.23
CA LEU A 201 13.84 -43.78 17.91
C LEU A 201 14.93 -42.87 17.36
N ARG A 202 16.05 -42.74 18.06
CA ARG A 202 17.08 -41.82 17.60
C ARG A 202 17.61 -42.22 16.21
N GLY A 203 17.84 -43.52 16.02
CA GLY A 203 18.32 -44.02 14.74
C GLY A 203 17.39 -43.69 13.57
N ALA A 204 16.09 -43.86 13.80
CA ALA A 204 15.09 -43.57 12.78
C ALA A 204 15.06 -42.08 12.44
N ALA A 205 15.23 -41.23 13.45
CA ALA A 205 15.21 -39.79 13.23
C ALA A 205 16.42 -39.36 12.41
N VAL A 206 17.58 -39.95 12.72
CA VAL A 206 18.79 -39.68 11.96
C VAL A 206 18.61 -40.03 10.48
N ASP A 207 18.07 -41.22 10.23
CA ASP A 207 17.83 -41.67 8.86
C ASP A 207 16.90 -40.73 8.11
N GLU A 208 15.86 -40.28 8.79
CA GLU A 208 14.89 -39.39 8.17
C GLU A 208 15.58 -38.11 7.72
N TYR A 209 16.37 -37.51 8.60
CA TYR A 209 17.01 -36.24 8.26
C TYR A 209 17.98 -36.40 7.09
N PHE A 210 18.72 -37.51 7.05
CA PHE A 210 19.71 -37.70 6.00
C PHE A 210 19.11 -38.10 4.66
N ARG A 211 17.83 -38.47 4.66
CA ARG A 211 17.11 -38.79 3.43
C ARG A 211 16.63 -37.54 2.70
N GLN A 212 16.74 -36.39 3.35
CA GLN A 212 16.28 -35.12 2.78
C GLN A 212 17.37 -34.40 1.97
N PRO A 213 17.14 -34.18 0.66
CA PRO A 213 18.08 -33.26 0.03
C PRO A 213 17.95 -31.87 0.63
N VAL A 214 19.07 -31.16 0.76
CA VAL A 214 19.10 -29.84 1.37
C VAL A 214 19.12 -28.76 0.31
N VAL A 215 18.07 -27.95 0.29
CA VAL A 215 17.95 -26.85 -0.66
C VAL A 215 18.46 -25.56 -0.06
N ASP A 216 19.53 -25.03 -0.62
CA ASP A 216 20.01 -23.70 -0.26
C ASP A 216 21.26 -23.39 -1.07
N THR A 217 21.99 -22.36 -0.70
CA THR A 217 23.20 -21.98 -1.40
C THR A 217 24.43 -22.14 -0.51
N PHE A 218 25.60 -21.86 -1.06
CA PHE A 218 26.86 -22.05 -0.35
C PHE A 218 28.02 -21.32 -1.02
N ASP A 219 29.11 -21.18 -0.28
CA ASP A 219 30.35 -20.62 -0.81
C ASP A 219 31.03 -21.67 -1.69
N ILE A 220 31.49 -21.27 -2.87
CA ILE A 220 32.05 -22.24 -3.81
C ILE A 220 33.33 -22.87 -3.29
N ARG A 221 33.93 -22.28 -2.26
CA ARG A 221 35.15 -22.84 -1.68
C ARG A 221 34.90 -24.13 -0.89
N ILE A 222 33.64 -24.49 -0.66
CA ILE A 222 33.38 -25.77 0.00
C ILE A 222 33.47 -26.91 -1.01
N LEU A 223 33.53 -26.57 -2.30
CA LEU A 223 33.64 -27.60 -3.33
C LEU A 223 35.06 -28.13 -3.36
N MET A 224 35.19 -29.45 -3.39
CA MET A 224 36.48 -30.12 -3.26
C MET A 224 37.04 -30.64 -4.58
N ALA A 225 36.28 -30.53 -5.65
CA ALA A 225 36.73 -31.01 -6.95
C ALA A 225 35.93 -30.35 -8.06
N LYS A 226 36.50 -30.33 -9.25
CA LYS A 226 35.82 -29.80 -10.43
C LYS A 226 34.55 -30.60 -10.64
N SER A 227 33.47 -29.92 -11.02
CA SER A 227 32.18 -30.60 -11.16
C SER A 227 32.20 -31.58 -12.32
N VAL A 228 31.33 -32.57 -12.21
CA VAL A 228 31.07 -33.50 -13.29
C VAL A 228 29.73 -33.10 -13.91
N LYS A 229 29.66 -33.21 -15.24
CA LYS A 229 28.50 -32.76 -16.00
C LYS A 229 27.74 -33.96 -16.55
N TYR A 230 26.42 -33.94 -16.42
CA TYR A 230 25.58 -34.94 -17.08
C TYR A 230 24.54 -34.23 -17.96
N THR A 231 24.57 -34.52 -19.25
CA THR A 231 23.77 -33.81 -20.24
C THR A 231 22.56 -34.59 -20.76
N VAL A 232 21.43 -33.89 -20.81
CA VAL A 232 20.23 -34.38 -21.47
C VAL A 232 19.96 -33.48 -22.66
N ASN A 233 19.96 -34.09 -23.85
CA ASN A 233 19.66 -33.39 -25.09
C ASN A 233 18.17 -33.57 -25.39
N PHE A 234 17.40 -32.50 -25.23
CA PHE A 234 15.95 -32.59 -25.29
C PHE A 234 15.42 -32.89 -26.69
N LEU A 235 16.21 -32.60 -27.71
CA LEU A 235 15.84 -32.94 -29.08
C LEU A 235 15.91 -34.45 -29.32
N GLU A 236 16.84 -35.12 -28.67
CA GLU A 236 17.09 -36.53 -28.93
C GLU A 236 16.46 -37.45 -27.87
N ALA A 237 16.44 -36.98 -26.62
CA ALA A 237 16.00 -37.82 -25.51
C ALA A 237 14.58 -38.32 -25.66
N LYS A 238 14.33 -39.50 -25.10
CA LYS A 238 12.99 -40.08 -25.07
C LYS A 238 12.43 -39.91 -23.67
N GLU A 239 11.11 -39.86 -23.58
CA GLU A 239 10.42 -39.74 -22.31
C GLU A 239 10.92 -40.80 -21.32
N GLY A 240 10.94 -42.05 -21.77
CA GLY A 240 11.34 -43.18 -20.95
C GLY A 240 12.73 -43.04 -20.36
N ASP A 241 13.58 -42.29 -21.05
CA ASP A 241 14.95 -42.06 -20.57
C ASP A 241 14.94 -41.45 -19.17
N LEU A 242 13.87 -40.76 -18.81
CA LEU A 242 13.88 -40.03 -17.54
C LEU A 242 13.32 -40.82 -16.36
N HIS A 243 12.99 -42.08 -16.58
CA HIS A 243 12.49 -42.94 -15.50
C HIS A 243 13.64 -43.54 -14.70
N ARG A 244 14.79 -43.64 -15.35
CA ARG A 244 15.98 -44.17 -14.73
C ARG A 244 17.18 -43.37 -15.21
N ILE A 245 17.80 -42.61 -14.32
CA ILE A 245 18.93 -41.78 -14.72
C ILE A 245 20.17 -42.22 -13.95
N GLU A 246 21.16 -42.73 -14.68
CA GLU A 246 22.41 -43.18 -14.05
C GLU A 246 23.49 -42.16 -14.35
N ILE A 247 24.03 -41.56 -13.29
CA ILE A 247 25.04 -40.53 -13.43
C ILE A 247 26.34 -41.05 -12.81
N PRO A 248 27.25 -41.57 -13.64
CA PRO A 248 28.54 -41.99 -13.08
C PRO A 248 29.39 -40.78 -12.78
N PHE A 249 30.31 -40.89 -11.83
CA PHE A 249 31.22 -39.79 -11.58
C PHE A 249 32.58 -40.26 -11.08
N LYS A 250 33.58 -39.48 -11.47
CA LYS A 250 34.96 -39.68 -11.09
C LYS A 250 35.52 -38.30 -10.78
N PHE A 251 35.69 -38.00 -9.50
CA PHE A 251 36.20 -36.71 -9.08
C PHE A 251 37.67 -36.81 -8.74
N HIS A 252 38.44 -35.83 -9.21
CA HIS A 252 39.85 -35.73 -8.84
C HIS A 252 39.99 -34.61 -7.83
N MET A 253 40.24 -35.00 -6.58
CA MET A 253 40.17 -34.08 -5.46
C MET A 253 41.22 -32.97 -5.53
N LEU A 254 40.78 -31.73 -5.36
CA LEU A 254 41.66 -30.57 -5.38
C LEU A 254 42.05 -30.13 -3.98
N HIS A 255 41.24 -30.49 -3.00
CA HIS A 255 41.53 -30.15 -1.61
C HIS A 255 41.42 -31.40 -0.76
N SER A 256 42.23 -31.44 0.29
CA SER A 256 42.18 -32.54 1.24
C SER A 256 41.14 -32.24 2.31
N GLY A 257 40.43 -33.28 2.75
CA GLY A 257 39.45 -33.12 3.81
C GLY A 257 38.34 -34.15 3.82
N LEU A 258 37.29 -33.84 4.59
CA LEU A 258 36.11 -34.67 4.68
C LEU A 258 35.05 -34.30 3.66
N VAL A 259 34.64 -35.31 2.90
CA VAL A 259 33.56 -35.18 1.93
C VAL A 259 32.28 -35.59 2.60
N HIS A 260 31.40 -34.62 2.77
CA HIS A 260 30.13 -34.83 3.46
C HIS A 260 28.99 -35.12 2.51
N GLY A 261 29.23 -34.96 1.21
CA GLY A 261 28.21 -35.25 0.22
C GLY A 261 28.42 -34.61 -1.13
N LEU A 262 27.35 -34.60 -1.93
CA LEU A 262 27.40 -34.07 -3.29
C LEU A 262 26.48 -32.88 -3.44
N ALA A 263 27.00 -31.84 -4.08
CA ALA A 263 26.24 -30.67 -4.46
C ALA A 263 25.81 -30.79 -5.90
N PHE A 264 24.59 -30.34 -6.16
CA PHE A 264 23.94 -30.42 -7.45
C PHE A 264 23.45 -29.06 -7.89
N TRP A 265 23.67 -28.76 -9.16
CA TRP A 265 23.01 -27.60 -9.79
C TRP A 265 22.82 -27.89 -11.27
N PHE A 266 22.25 -26.96 -12.03
CA PHE A 266 22.04 -27.20 -13.44
C PHE A 266 22.05 -25.95 -14.32
N ASP A 267 22.34 -26.18 -15.59
CA ASP A 267 22.27 -25.15 -16.64
C ASP A 267 21.32 -25.65 -17.71
N VAL A 268 20.61 -24.75 -18.40
CA VAL A 268 19.95 -25.16 -19.65
C VAL A 268 20.37 -24.22 -20.77
N ALA A 269 20.42 -24.76 -21.98
CA ALA A 269 20.76 -23.95 -23.15
C ALA A 269 19.63 -23.95 -24.16
N PHE A 270 19.37 -22.74 -24.65
CA PHE A 270 18.46 -22.44 -25.75
C PHE A 270 19.31 -22.22 -27.00
N ILE A 271 19.39 -23.24 -27.84
CA ILE A 271 20.21 -23.23 -29.05
C ILE A 271 19.37 -22.77 -30.23
N GLY A 272 19.38 -21.47 -30.49
CA GLY A 272 18.61 -20.90 -31.59
C GLY A 272 19.43 -20.76 -32.86
N SER A 273 18.79 -20.28 -33.92
CA SER A 273 19.47 -20.12 -35.20
C SER A 273 20.46 -18.97 -35.18
N ILE A 274 20.19 -17.97 -34.35
CA ILE A 274 21.05 -16.79 -34.26
C ILE A 274 22.10 -16.93 -33.16
N MET A 275 21.69 -17.40 -31.99
CA MET A 275 22.63 -17.55 -30.88
C MET A 275 22.15 -18.54 -29.84
N THR A 276 23.08 -18.97 -29.00
CA THR A 276 22.76 -19.86 -27.91
C THR A 276 22.72 -19.05 -26.63
N VAL A 277 21.63 -19.19 -25.89
CA VAL A 277 21.49 -18.47 -24.63
C VAL A 277 21.44 -19.48 -23.48
N TRP A 278 22.18 -19.17 -22.41
CA TRP A 278 22.27 -20.07 -21.26
C TRP A 278 21.53 -19.53 -20.03
N LEU A 279 20.83 -20.43 -19.36
CA LEU A 279 20.27 -20.16 -18.03
C LEU A 279 20.97 -21.06 -17.02
N SER A 280 21.72 -20.45 -16.11
CA SER A 280 22.52 -21.21 -15.13
C SER A 280 22.04 -21.00 -13.69
N THR A 281 22.09 -22.07 -12.91
CA THR A 281 21.79 -21.99 -11.47
C THR A 281 23.04 -22.35 -10.67
N ALA A 282 24.21 -22.13 -11.27
CA ALA A 282 25.46 -22.45 -10.62
C ALA A 282 25.71 -21.52 -9.42
N PRO A 283 26.44 -22.03 -8.41
CA PRO A 283 26.74 -21.22 -7.22
C PRO A 283 27.69 -20.08 -7.52
N THR A 284 28.27 -20.08 -8.71
CA THR A 284 29.07 -18.97 -9.20
C THR A 284 28.18 -17.89 -9.84
N GLU A 285 26.88 -18.17 -9.92
CA GLU A 285 25.94 -17.27 -10.58
C GLU A 285 24.93 -16.69 -9.58
N PRO A 286 24.24 -15.60 -9.97
CA PRO A 286 23.19 -15.06 -9.09
C PRO A 286 22.11 -16.10 -8.78
N LEU A 287 21.54 -16.05 -7.57
CA LEU A 287 20.54 -17.04 -7.17
C LEU A 287 19.24 -16.99 -7.95
N THR A 288 18.66 -18.18 -8.09
CA THR A 288 17.35 -18.37 -8.68
C THR A 288 16.51 -19.05 -7.61
N HIS A 289 15.22 -19.22 -7.88
N HIS A 289 15.21 -19.21 -7.85
CA HIS A 289 14.33 -19.90 -6.95
CA HIS A 289 14.37 -19.90 -6.86
C HIS A 289 14.64 -21.40 -6.89
C HIS A 289 14.72 -21.39 -6.81
N TRP A 290 15.59 -21.85 -7.69
CA TRP A 290 16.09 -23.23 -7.64
C TRP A 290 17.26 -23.41 -6.66
N TYR A 291 17.91 -22.32 -6.25
CA TYR A 291 19.05 -22.37 -5.33
C TYR A 291 20.06 -23.43 -5.76
N GLN A 292 20.63 -24.18 -4.82
CA GLN A 292 21.36 -25.38 -5.16
C GLN A 292 20.92 -26.50 -4.23
N VAL A 293 21.25 -27.74 -4.59
CA VAL A 293 20.82 -28.87 -3.78
C VAL A 293 22.02 -29.65 -3.29
N ARG A 294 22.01 -30.02 -2.02
CA ARG A 294 23.07 -30.88 -1.51
C ARG A 294 22.51 -32.18 -0.92
N CYS A 295 23.12 -33.28 -1.31
CA CYS A 295 22.82 -34.59 -0.74
C CYS A 295 23.97 -35.01 0.16
N LEU A 296 23.63 -35.28 1.41
CA LEU A 296 24.60 -35.63 2.44
C LEU A 296 24.94 -37.12 2.45
N PHE A 297 26.18 -37.44 2.77
CA PHE A 297 26.55 -38.82 3.09
C PHE A 297 26.36 -39.02 4.59
N GLN A 298 25.67 -40.09 4.99
CA GLN A 298 25.53 -40.33 6.43
C GLN A 298 26.89 -40.70 7.02
N SER A 299 27.76 -41.26 6.19
CA SER A 299 29.12 -41.53 6.63
C SER A 299 30.07 -40.79 5.68
N PRO A 300 30.74 -39.74 6.18
CA PRO A 300 31.60 -38.93 5.32
C PRO A 300 32.90 -39.63 4.91
N LEU A 301 33.51 -39.16 3.82
CA LEU A 301 34.73 -39.79 3.30
C LEU A 301 35.96 -38.89 3.36
N PHE A 302 37.07 -39.40 3.89
CA PHE A 302 38.32 -38.63 3.87
C PHE A 302 38.99 -38.75 2.52
N ALA A 303 39.43 -37.63 1.97
CA ALA A 303 40.18 -37.67 0.73
C ALA A 303 41.27 -36.63 0.76
N LYS A 304 42.42 -36.94 0.18
CA LYS A 304 43.50 -35.97 0.09
C LYS A 304 43.56 -35.43 -1.33
N ALA A 305 44.12 -34.24 -1.49
CA ALA A 305 44.28 -33.67 -2.81
C ALA A 305 45.07 -34.66 -3.66
N GLY A 306 44.55 -34.93 -4.86
CA GLY A 306 45.15 -35.91 -5.74
C GLY A 306 44.42 -37.25 -5.76
N ASP A 307 43.65 -37.53 -4.71
CA ASP A 307 42.83 -38.75 -4.69
C ASP A 307 41.71 -38.71 -5.73
N THR A 308 41.11 -39.86 -5.95
CA THR A 308 39.97 -39.98 -6.85
C THR A 308 38.75 -40.47 -6.07
N LEU A 309 37.65 -39.73 -6.19
CA LEU A 309 36.38 -40.12 -5.57
C LEU A 309 35.45 -40.58 -6.67
N SER A 310 35.18 -41.88 -6.72
CA SER A 310 34.43 -42.42 -7.84
C SER A 310 33.14 -43.03 -7.35
N GLY A 311 32.16 -43.07 -8.24
CA GLY A 311 30.90 -43.71 -7.89
C GLY A 311 29.76 -43.41 -8.83
N THR A 312 28.55 -43.56 -8.30
CA THR A 312 27.37 -43.39 -9.12
C THR A 312 26.23 -42.72 -8.36
N CYS A 313 25.48 -41.92 -9.10
CA CYS A 313 24.23 -41.35 -8.62
C CYS A 313 23.10 -41.87 -9.50
N LEU A 314 22.17 -42.61 -8.90
CA LEU A 314 21.09 -43.24 -9.67
C LEU A 314 19.75 -42.64 -9.25
N LEU A 315 19.05 -42.05 -10.22
CA LEU A 315 17.76 -41.44 -9.96
C LEU A 315 16.68 -42.37 -10.51
N ILE A 316 15.77 -42.78 -9.63
CA ILE A 316 14.72 -43.72 -10.02
C ILE A 316 13.35 -43.07 -9.82
N ALA A 317 12.60 -42.95 -10.91
CA ALA A 317 11.29 -42.31 -10.87
C ALA A 317 10.32 -43.04 -9.95
N ASN A 318 9.63 -42.29 -9.11
CA ASN A 318 8.61 -42.86 -8.22
C ASN A 318 7.24 -42.29 -8.54
N LYS A 319 6.24 -42.76 -7.81
CA LYS A 319 4.84 -42.40 -8.06
C LYS A 319 4.42 -41.05 -7.48
N ARG A 320 5.34 -40.34 -6.84
CA ARG A 320 4.99 -39.04 -6.26
C ARG A 320 5.63 -37.88 -7.04
N GLN A 321 5.67 -38.00 -8.36
CA GLN A 321 6.24 -36.96 -9.22
C GLN A 321 7.66 -36.62 -8.86
N SER A 322 8.41 -37.59 -8.36
CA SER A 322 9.78 -37.33 -7.95
C SER A 322 10.69 -38.53 -8.17
N TYR A 323 11.84 -38.51 -7.53
CA TYR A 323 12.83 -39.57 -7.67
C TYR A 323 13.32 -40.12 -6.34
N ASP A 324 13.60 -41.41 -6.34
CA ASP A 324 14.40 -42.02 -5.30
C ASP A 324 15.85 -41.91 -5.76
N ILE A 325 16.69 -41.33 -4.91
CA ILE A 325 18.08 -41.05 -5.26
C ILE A 325 18.98 -42.03 -4.52
N SER A 326 19.84 -42.70 -5.27
CA SER A 326 20.85 -43.55 -4.64
C SER A 326 22.24 -43.04 -5.01
N ILE A 327 23.06 -42.75 -3.99
CA ILE A 327 24.41 -42.28 -4.26
C ILE A 327 25.40 -43.23 -3.60
N VAL A 328 26.30 -43.78 -4.40
CA VAL A 328 27.36 -44.63 -3.87
C VAL A 328 28.70 -44.04 -4.29
N ALA A 329 29.56 -43.82 -3.30
CA ALA A 329 30.86 -43.21 -3.53
C ALA A 329 31.97 -43.95 -2.80
N GLN A 330 33.16 -43.96 -3.42
CA GLN A 330 34.33 -44.53 -2.77
C GLN A 330 35.59 -43.75 -3.15
N VAL A 331 36.50 -43.65 -2.19
CA VAL A 331 37.82 -43.09 -2.44
C VAL A 331 38.70 -44.22 -2.96
N ASP A 332 39.13 -44.11 -4.21
CA ASP A 332 39.81 -45.21 -4.88
C ASP A 332 41.13 -45.58 -4.20
N GLN A 333 41.84 -44.58 -3.68
CA GLN A 333 43.15 -44.84 -3.10
C GLN A 333 43.06 -45.61 -1.77
N THR A 334 41.96 -45.43 -1.03
CA THR A 334 41.83 -46.08 0.28
C THR A 334 40.73 -47.16 0.33
N GLY A 335 39.83 -47.13 -0.65
CA GLY A 335 38.71 -48.06 -0.69
C GLY A 335 37.60 -47.83 0.32
N SER A 336 37.62 -46.70 1.01
CA SER A 336 36.56 -46.34 1.96
C SER A 336 35.28 -45.95 1.20
N LYS A 337 34.17 -46.58 1.58
CA LYS A 337 32.88 -46.47 0.87
C LYS A 337 31.80 -45.73 1.63
N SER A 338 30.93 -45.05 0.90
CA SER A 338 29.72 -44.49 1.48
C SER A 338 28.53 -44.70 0.54
N SER A 339 27.44 -45.20 1.10
CA SER A 339 26.21 -45.44 0.33
C SER A 339 25.05 -44.65 0.93
N ASN A 340 24.24 -44.02 0.10
CA ASN A 340 23.14 -43.21 0.64
C ASN A 340 21.87 -43.23 -0.20
N LEU A 341 20.74 -43.18 0.49
CA LEU A 341 19.43 -43.11 -0.14
C LEU A 341 18.75 -41.79 0.22
N LEU A 342 18.22 -41.10 -0.78
CA LEU A 342 17.54 -39.84 -0.56
C LEU A 342 16.20 -39.77 -1.28
N ASP A 343 15.27 -39.05 -0.67
CA ASP A 343 13.94 -38.84 -1.25
C ASP A 343 13.77 -37.40 -1.68
N LEU A 344 13.86 -37.17 -2.99
CA LEU A 344 13.78 -35.82 -3.54
C LEU A 344 12.41 -35.17 -3.34
N LYS A 345 11.39 -35.94 -2.99
CA LYS A 345 10.07 -35.33 -2.79
C LYS A 345 9.94 -34.60 -1.45
N ASN A 346 10.86 -34.85 -0.52
CA ASN A 346 10.80 -34.22 0.81
C ASN A 346 12.09 -33.47 1.12
N PRO A 347 12.39 -32.44 0.33
CA PRO A 347 13.65 -31.72 0.57
C PRO A 347 13.54 -30.81 1.79
N PHE A 348 14.68 -30.48 2.38
CA PHE A 348 14.71 -29.55 3.49
C PHE A 348 15.10 -28.17 2.99
N PHE A 349 14.19 -27.21 3.08
CA PHE A 349 14.49 -25.85 2.65
C PHE A 349 15.22 -25.09 3.76
N ARG A 350 16.54 -24.97 3.62
CA ARG A 350 17.41 -24.44 4.67
C ARG A 350 17.80 -22.96 4.47
N TYR A 351 17.63 -22.45 3.25
CA TYR A 351 18.07 -21.08 2.92
C TYR A 351 17.55 -20.03 3.90
N THR A 352 18.46 -19.19 4.39
CA THR A 352 18.12 -18.19 5.41
C THR A 352 18.35 -16.76 4.91
N GLY A 353 19.13 -16.60 3.86
CA GLY A 353 19.46 -15.29 3.34
C GLY A 353 20.83 -14.80 3.79
N THR A 354 21.36 -15.42 4.84
CA THR A 354 22.66 -15.03 5.38
C THR A 354 23.78 -15.39 4.42
N THR A 355 24.76 -14.49 4.31
CA THR A 355 25.91 -14.72 3.46
C THR A 355 26.63 -16.01 3.89
N PRO A 356 26.81 -16.96 2.97
CA PRO A 356 27.49 -18.21 3.33
C PRO A 356 28.96 -18.00 3.65
N SER A 357 29.42 -18.63 4.73
CA SER A 357 30.81 -18.52 5.15
C SER A 357 31.69 -19.51 4.41
N PRO A 358 32.93 -19.09 4.07
CA PRO A 358 33.85 -20.06 3.45
C PRO A 358 34.35 -21.03 4.50
N PRO A 359 34.89 -22.18 4.08
CA PRO A 359 35.37 -23.10 5.11
C PRO A 359 36.45 -22.45 5.98
N PRO A 360 36.55 -22.86 7.25
CA PRO A 360 37.64 -22.35 8.08
C PRO A 360 38.97 -22.87 7.56
N GLY A 361 40.03 -22.08 7.71
CA GLY A 361 41.32 -22.43 7.15
C GLY A 361 41.44 -22.02 5.70
N SER A 362 40.71 -20.97 5.33
CA SER A 362 40.77 -20.42 3.97
C SER A 362 41.76 -19.27 3.89
N HIS A 363 42.33 -18.88 5.02
CA HIS A 363 43.28 -17.78 5.06
C HIS A 363 44.72 -18.29 4.90
N TYR A 364 45.33 -17.89 3.79
CA TYR A 364 46.70 -18.28 3.48
C TYR A 364 47.66 -17.13 3.81
N THR A 365 47.12 -15.92 3.90
CA THR A 365 47.88 -14.77 4.36
C THR A 365 47.23 -14.23 5.64
N SER A 366 48.03 -13.58 6.49
CA SER A 366 47.54 -13.12 7.78
C SER A 366 46.32 -12.22 7.64
N PRO A 367 45.19 -12.60 8.27
CA PRO A 367 44.00 -11.75 8.20
C PRO A 367 44.18 -10.38 8.87
N SER A 368 45.14 -10.26 9.78
CA SER A 368 45.37 -9.00 10.48
C SER A 368 46.21 -8.01 9.67
N GLU A 369 46.83 -8.49 8.59
CA GLU A 369 47.58 -7.60 7.70
C GLU A 369 46.64 -6.92 6.70
N SER B 20 -6.40 -34.50 0.49
CA SER B 20 -6.44 -35.94 0.70
C SER B 20 -6.15 -36.33 2.16
N ALA B 21 -6.75 -37.44 2.58
CA ALA B 21 -6.48 -38.04 3.87
C ALA B 21 -5.08 -38.62 3.83
N VAL B 22 -4.71 -39.10 2.64
CA VAL B 22 -3.38 -39.63 2.37
C VAL B 22 -2.34 -38.56 2.68
N GLN B 23 -2.57 -37.36 2.14
CA GLN B 23 -1.66 -36.23 2.35
C GLN B 23 -1.55 -35.90 3.83
N TYR B 24 -2.70 -35.86 4.49
CA TYR B 24 -2.76 -35.56 5.90
C TYR B 24 -1.93 -36.53 6.70
N PHE B 25 -2.15 -37.83 6.50
CA PHE B 25 -1.43 -38.83 7.28
C PHE B 25 0.04 -38.95 6.86
N GLN B 26 0.35 -38.64 5.60
CA GLN B 26 1.76 -38.55 5.18
C GLN B 26 2.47 -37.42 5.92
N PHE B 27 1.81 -36.29 6.07
CA PHE B 27 2.40 -35.17 6.82
C PHE B 27 2.82 -35.59 8.24
N TYR B 28 1.94 -36.31 8.94
CA TYR B 28 2.21 -36.69 10.32
C TYR B 28 2.99 -37.99 10.49
N GLY B 29 3.41 -38.59 9.38
CA GLY B 29 4.26 -39.77 9.43
C GLY B 29 5.70 -39.45 9.77
N TYR B 30 6.09 -38.19 9.57
CA TYR B 30 7.46 -37.75 9.81
C TYR B 30 7.76 -37.47 11.27
N LEU B 31 8.87 -38.02 11.75
CA LEU B 31 9.33 -37.80 13.12
C LEU B 31 9.65 -36.34 13.40
N SER B 32 10.12 -35.61 12.40
CA SER B 32 10.43 -34.19 12.58
C SER B 32 9.19 -33.41 12.99
N GLN B 33 8.05 -33.78 12.44
CA GLN B 33 6.80 -33.11 12.77
C GLN B 33 6.35 -33.45 14.21
N GLN B 34 6.48 -34.71 14.58
CA GLN B 34 6.20 -35.13 15.94
C GLN B 34 7.10 -34.35 16.88
N GLN B 35 8.37 -34.24 16.53
CA GLN B 35 9.31 -33.47 17.31
C GLN B 35 8.87 -32.01 17.42
N ASN B 36 8.47 -31.41 16.30
CA ASN B 36 7.98 -30.03 16.36
C ASN B 36 6.83 -29.90 17.34
N MET B 37 5.90 -30.83 17.32
CA MET B 37 4.80 -30.76 18.29
C MET B 37 5.23 -31.02 19.73
N MET B 38 6.08 -32.03 19.92
CA MET B 38 6.53 -32.41 21.25
C MET B 38 7.33 -31.30 21.92
N GLN B 39 8.11 -30.56 21.14
CA GLN B 39 8.94 -29.51 21.70
C GLN B 39 8.15 -28.26 22.09
N ASP B 40 6.87 -28.23 21.76
CA ASP B 40 6.00 -27.17 22.28
C ASP B 40 5.75 -27.49 23.75
N TYR B 41 6.52 -26.86 24.63
CA TYR B 41 6.49 -27.21 26.05
C TYR B 41 5.18 -26.87 26.75
N VAL B 42 4.58 -25.75 26.37
CA VAL B 42 3.30 -25.37 26.95
C VAL B 42 2.28 -26.47 26.66
N ARG B 43 2.18 -26.86 25.39
CA ARG B 43 1.24 -27.89 24.97
C ARG B 43 1.44 -29.20 25.75
N THR B 44 2.65 -29.75 25.62
CA THR B 44 2.98 -31.06 26.14
C THR B 44 2.90 -31.06 27.67
N GLY B 45 3.50 -30.03 28.27
CA GLY B 45 3.47 -29.88 29.72
C GLY B 45 2.07 -29.70 30.26
N THR B 46 1.24 -28.92 29.56
CA THR B 46 -0.12 -28.71 30.01
C THR B 46 -0.91 -30.01 29.91
N TYR B 47 -0.73 -30.76 28.81
CA TYR B 47 -1.38 -32.07 28.74
C TYR B 47 -0.95 -32.95 29.90
N GLN B 48 0.37 -33.04 30.14
CA GLN B 48 0.84 -33.89 31.22
C GLN B 48 0.26 -33.48 32.57
N ARG B 49 0.31 -32.19 32.88
CA ARG B 49 -0.24 -31.69 34.14
C ARG B 49 -1.74 -31.99 34.23
N ALA B 50 -2.47 -31.75 33.15
CA ALA B 50 -3.90 -32.03 33.13
C ALA B 50 -4.17 -33.49 33.45
N ILE B 51 -3.39 -34.39 32.86
CA ILE B 51 -3.61 -35.81 33.11
C ILE B 51 -3.18 -36.22 34.52
N LEU B 52 -1.97 -35.85 34.93
CA LEU B 52 -1.44 -36.28 36.23
C LEU B 52 -2.19 -35.67 37.42
N GLN B 53 -2.61 -34.41 37.31
CA GLN B 53 -3.33 -33.80 38.43
C GLN B 53 -4.74 -34.38 38.57
N ASN B 54 -5.23 -35.03 37.51
CA ASN B 54 -6.50 -35.74 37.55
C ASN B 54 -6.28 -37.24 37.46
N HIS B 55 -5.32 -37.76 38.22
CA HIS B 55 -4.92 -39.16 38.10
C HIS B 55 -6.07 -40.11 38.41
N THR B 56 -6.99 -39.69 39.27
CA THR B 56 -8.11 -40.55 39.63
C THR B 56 -9.05 -40.80 38.45
N ASP B 57 -9.01 -39.92 37.44
CA ASP B 57 -9.79 -40.16 36.23
C ASP B 57 -9.13 -41.21 35.34
N PHE B 58 -7.91 -41.61 35.71
CA PHE B 58 -7.16 -42.56 34.90
C PHE B 58 -6.82 -43.83 35.67
N LYS B 59 -6.62 -43.70 36.99
CA LYS B 59 -6.18 -44.83 37.80
C LYS B 59 -7.07 -46.06 37.63
N ASP B 60 -6.48 -47.14 37.14
CA ASP B 60 -7.17 -48.41 36.92
C ASP B 60 -8.33 -48.31 35.92
N LYS B 61 -8.24 -47.35 35.00
CA LYS B 61 -9.28 -47.15 33.99
C LYS B 61 -8.86 -47.60 32.60
N ILE B 62 -9.84 -47.67 31.70
CA ILE B 62 -9.60 -47.94 30.30
C ILE B 62 -9.60 -46.63 29.52
N VAL B 63 -8.57 -46.42 28.71
CA VAL B 63 -8.38 -45.15 28.00
C VAL B 63 -8.34 -45.35 26.50
N LEU B 64 -8.89 -44.40 25.76
CA LEU B 64 -8.68 -44.34 24.32
C LEU B 64 -7.93 -43.07 23.93
N ASP B 65 -6.80 -43.24 23.26
CA ASP B 65 -6.01 -42.12 22.74
C ASP B 65 -6.28 -41.96 21.25
N VAL B 66 -7.00 -40.91 20.87
CA VAL B 66 -7.36 -40.74 19.46
C VAL B 66 -6.24 -40.02 18.72
N GLY B 67 -5.56 -40.73 17.84
CA GLY B 67 -4.44 -40.17 17.11
C GLY B 67 -3.23 -40.00 18.00
N CYS B 68 -2.66 -41.12 18.45
CA CYS B 68 -1.64 -41.10 19.50
C CYS B 68 -0.30 -40.56 19.04
N GLY B 69 -0.07 -40.54 17.73
CA GLY B 69 1.20 -40.08 17.20
C GLY B 69 2.36 -40.87 17.77
N SER B 70 3.28 -40.16 18.42
CA SER B 70 4.43 -40.79 19.06
C SER B 70 3.99 -41.64 20.25
N GLY B 71 2.80 -41.34 20.78
CA GLY B 71 2.27 -42.06 21.93
C GLY B 71 2.34 -41.30 23.25
N ILE B 72 2.82 -40.06 23.20
CA ILE B 72 3.12 -39.30 24.41
C ILE B 72 1.93 -39.23 25.40
N LEU B 73 0.73 -38.93 24.91
CA LEU B 73 -0.43 -38.81 25.79
C LEU B 73 -0.78 -40.15 26.44
N SER B 74 -0.57 -41.23 25.70
CA SER B 74 -0.81 -42.56 26.23
C SER B 74 0.18 -42.85 27.35
N PHE B 75 1.42 -42.41 27.19
CA PHE B 75 2.42 -42.55 28.24
C PHE B 75 2.01 -41.72 29.45
N PHE B 76 1.51 -40.51 29.22
CA PHE B 76 0.99 -39.74 30.35
C PHE B 76 -0.16 -40.49 31.04
N ALA B 77 -1.06 -41.08 30.25
CA ALA B 77 -2.15 -41.85 30.83
C ALA B 77 -1.62 -43.04 31.64
N ALA B 78 -0.58 -43.69 31.14
CA ALA B 78 0.04 -44.79 31.87
C ALA B 78 0.69 -44.31 33.17
N GLN B 79 1.34 -43.15 33.12
CA GLN B 79 1.91 -42.56 34.32
C GLN B 79 0.86 -42.31 35.39
N ALA B 80 -0.35 -41.98 34.95
CA ALA B 80 -1.45 -41.68 35.87
C ALA B 80 -2.14 -42.94 36.38
N GLY B 81 -1.65 -44.10 35.96
CA GLY B 81 -2.12 -45.37 36.50
C GLY B 81 -3.17 -46.11 35.70
N ALA B 82 -3.37 -45.71 34.44
CA ALA B 82 -4.39 -46.35 33.61
C ALA B 82 -4.09 -47.85 33.49
N ARG B 83 -5.14 -48.66 33.48
CA ARG B 83 -4.97 -50.11 33.41
C ARG B 83 -4.71 -50.54 31.98
N LYS B 84 -5.42 -49.95 31.02
CA LYS B 84 -5.26 -50.33 29.63
C LYS B 84 -5.50 -49.08 28.77
N ILE B 85 -4.61 -48.87 27.80
CA ILE B 85 -4.71 -47.71 26.92
C ILE B 85 -4.70 -48.17 25.49
N TYR B 86 -5.78 -47.90 24.76
CA TYR B 86 -5.81 -48.19 23.35
C TYR B 86 -5.38 -46.93 22.61
N ALA B 87 -4.29 -47.04 21.87
CA ALA B 87 -3.70 -45.90 21.19
C ALA B 87 -3.87 -46.07 19.68
N VAL B 88 -4.84 -45.34 19.12
CA VAL B 88 -5.18 -45.48 17.71
C VAL B 88 -4.40 -44.48 16.86
N GLU B 89 -3.79 -44.97 15.79
CA GLU B 89 -3.03 -44.09 14.90
C GLU B 89 -3.02 -44.57 13.46
N ALA B 90 -3.36 -43.67 12.53
CA ALA B 90 -3.53 -44.04 11.13
C ALA B 90 -2.27 -43.86 10.27
N SER B 91 -1.35 -43.01 10.71
CA SER B 91 -0.12 -42.78 9.94
C SER B 91 0.92 -43.86 10.25
N THR B 92 2.04 -43.81 9.55
CA THR B 92 3.14 -44.76 9.78
C THR B 92 3.77 -44.54 11.17
N MET B 93 3.51 -43.37 11.77
CA MET B 93 4.01 -43.08 13.11
C MET B 93 3.65 -44.20 14.06
N ALA B 94 2.54 -44.88 13.79
CA ALA B 94 2.08 -46.01 14.59
C ALA B 94 3.21 -47.00 14.85
N GLN B 95 4.08 -47.20 13.87
CA GLN B 95 5.12 -48.19 14.03
C GLN B 95 6.11 -47.68 15.07
N HIS B 96 6.32 -46.38 15.11
CA HIS B 96 7.31 -45.78 15.99
C HIS B 96 6.81 -45.81 17.41
N ALA B 97 5.52 -45.56 17.58
CA ALA B 97 4.89 -45.63 18.88
C ALA B 97 5.03 -47.04 19.46
N GLU B 98 4.89 -48.05 18.62
CA GLU B 98 5.01 -49.43 19.07
C GLU B 98 6.42 -49.67 19.64
N VAL B 99 7.43 -49.12 18.98
CA VAL B 99 8.80 -49.27 19.45
C VAL B 99 8.97 -48.66 20.83
N LEU B 100 8.37 -47.50 21.05
CA LEU B 100 8.52 -46.79 22.32
C LEU B 100 7.78 -47.51 23.45
N VAL B 101 6.66 -48.13 23.12
CA VAL B 101 5.89 -48.85 24.13
C VAL B 101 6.74 -50.02 24.60
N LYS B 102 7.39 -50.70 23.66
CA LYS B 102 8.27 -51.81 23.98
C LYS B 102 9.49 -51.35 24.79
N SER B 103 10.16 -50.31 24.31
CA SER B 103 11.39 -49.85 24.97
C SER B 103 11.11 -49.22 26.34
N ASN B 104 9.86 -48.82 26.57
CA ASN B 104 9.48 -48.27 27.88
C ASN B 104 8.79 -49.31 28.76
N ASN B 105 8.84 -50.58 28.34
CA ASN B 105 8.32 -51.69 29.12
C ASN B 105 6.86 -51.51 29.51
N LEU B 106 6.01 -51.16 28.54
CA LEU B 106 4.60 -50.90 28.81
C LEU B 106 3.70 -51.71 27.87
N THR B 107 4.21 -52.85 27.42
CA THR B 107 3.50 -53.72 26.49
C THR B 107 2.19 -54.23 27.09
N ASP B 108 2.17 -54.36 28.41
CA ASP B 108 0.99 -54.85 29.12
C ASP B 108 -0.09 -53.79 29.33
N ARG B 109 0.23 -52.52 29.07
CA ARG B 109 -0.70 -51.43 29.33
C ARG B 109 -1.08 -50.54 28.15
N ILE B 110 -0.15 -50.32 27.22
CA ILE B 110 -0.46 -49.52 26.03
C ILE B 110 -0.51 -50.43 24.82
N VAL B 111 -1.64 -50.37 24.11
CA VAL B 111 -1.87 -51.18 22.94
C VAL B 111 -2.11 -50.27 21.74
N VAL B 112 -1.15 -50.26 20.82
CA VAL B 112 -1.29 -49.46 19.61
C VAL B 112 -2.20 -50.17 18.62
N ILE B 113 -3.20 -49.45 18.14
CA ILE B 113 -4.12 -49.95 17.12
C ILE B 113 -3.84 -49.10 15.87
N PRO B 114 -3.19 -49.70 14.86
CA PRO B 114 -2.97 -48.93 13.63
C PRO B 114 -4.24 -48.81 12.80
N GLY B 115 -4.53 -47.60 12.31
CA GLY B 115 -5.69 -47.38 11.49
C GLY B 115 -6.48 -46.15 11.90
N LYS B 116 -7.51 -45.84 11.12
CA LYS B 116 -8.37 -44.71 11.40
C LYS B 116 -9.34 -45.06 12.51
N VAL B 117 -9.58 -44.12 13.42
CA VAL B 117 -10.50 -44.37 14.53
C VAL B 117 -11.90 -44.68 14.00
N GLU B 118 -12.19 -44.22 12.78
CA GLU B 118 -13.48 -44.49 12.16
C GLU B 118 -13.63 -45.94 11.67
N GLU B 119 -12.50 -46.63 11.48
CA GLU B 119 -12.50 -47.95 10.87
C GLU B 119 -12.02 -49.12 11.76
N VAL B 120 -11.23 -48.83 12.80
CA VAL B 120 -10.71 -49.89 13.66
C VAL B 120 -11.78 -50.50 14.57
N SER B 121 -11.44 -51.64 15.16
CA SER B 121 -12.27 -52.28 16.17
C SER B 121 -11.54 -52.27 17.52
N LEU B 122 -12.26 -51.88 18.57
CA LEU B 122 -11.72 -51.91 19.93
C LEU B 122 -12.34 -53.05 20.73
N PRO B 123 -11.56 -53.68 21.62
CA PRO B 123 -12.11 -54.82 22.36
C PRO B 123 -13.22 -54.46 23.35
N GLU B 124 -13.11 -53.30 23.98
CA GLU B 124 -14.09 -52.88 25.00
C GLU B 124 -14.43 -51.38 24.88
N GLN B 125 -15.42 -50.95 25.67
CA GLN B 125 -15.73 -49.53 25.80
C GLN B 125 -14.77 -48.90 26.80
N VAL B 126 -14.56 -47.58 26.72
CA VAL B 126 -13.56 -46.91 27.54
C VAL B 126 -14.19 -45.92 28.52
N ASP B 127 -13.44 -45.62 29.57
CA ASP B 127 -13.87 -44.68 30.59
C ASP B 127 -13.58 -43.24 30.19
N ILE B 128 -12.48 -43.05 29.46
CA ILE B 128 -12.08 -41.72 29.06
C ILE B 128 -11.36 -41.71 27.71
N ILE B 129 -11.68 -40.68 26.92
CA ILE B 129 -11.01 -40.47 25.65
C ILE B 129 -10.06 -39.30 25.78
N ILE B 130 -8.81 -39.49 25.36
CA ILE B 130 -7.85 -38.39 25.31
C ILE B 130 -7.42 -38.18 23.87
N SER B 131 -7.18 -36.92 23.53
CA SER B 131 -6.73 -36.58 22.19
C SER B 131 -6.19 -35.17 22.13
N GLU B 132 -5.55 -34.88 21.00
CA GLU B 132 -5.12 -33.53 20.69
C GLU B 132 -5.63 -33.21 19.29
N PRO B 133 -6.92 -32.88 19.17
CA PRO B 133 -7.55 -32.71 17.87
C PRO B 133 -7.60 -31.27 17.35
N MET B 134 -6.96 -30.35 18.06
CA MET B 134 -7.02 -28.93 17.69
C MET B 134 -6.10 -28.55 16.55
N GLY B 135 -6.60 -27.68 15.67
CA GLY B 135 -5.78 -27.04 14.65
C GLY B 135 -5.94 -25.54 14.76
N TYR B 136 -5.40 -24.81 13.77
CA TYR B 136 -5.59 -23.36 13.70
C TYR B 136 -7.07 -23.01 13.86
N MET B 137 -7.35 -21.90 14.55
CA MET B 137 -8.73 -21.50 14.81
C MET B 137 -9.53 -22.64 15.39
N LEU B 138 -8.87 -23.54 16.10
CA LEU B 138 -9.47 -24.72 16.68
C LEU B 138 -9.89 -25.76 15.62
N PHE B 139 -10.66 -25.36 14.62
CA PHE B 139 -11.32 -26.30 13.72
C PHE B 139 -10.47 -26.84 12.55
N ASN B 140 -9.38 -26.18 12.21
CA ASN B 140 -8.59 -26.59 11.04
C ASN B 140 -8.13 -28.05 11.12
N GLU B 141 -8.02 -28.68 9.95
CA GLU B 141 -7.57 -30.07 9.77
C GLU B 141 -8.71 -31.07 10.04
N ARG B 142 -9.77 -30.59 10.68
CA ARG B 142 -10.97 -31.40 10.91
C ARG B 142 -10.69 -32.73 11.61
N MET B 143 -9.88 -32.67 12.65
CA MET B 143 -9.67 -33.83 13.52
C MET B 143 -10.72 -33.90 14.61
N LEU B 144 -11.39 -32.77 14.88
CA LEU B 144 -12.42 -32.72 15.90
C LEU B 144 -13.57 -33.71 15.59
N GLU B 145 -13.87 -33.88 14.31
CA GLU B 145 -14.89 -34.83 13.86
C GLU B 145 -14.57 -36.26 14.25
N SER B 146 -13.31 -36.64 14.07
CA SER B 146 -12.82 -37.97 14.41
C SER B 146 -12.91 -38.18 15.92
N TYR B 147 -12.48 -37.15 16.64
CA TYR B 147 -12.50 -37.15 18.09
C TYR B 147 -13.94 -37.38 18.56
N LEU B 148 -14.89 -36.67 17.97
CA LEU B 148 -16.28 -36.87 18.37
C LEU B 148 -16.80 -38.24 17.93
N HIS B 149 -16.42 -38.67 16.73
CA HIS B 149 -16.78 -40.00 16.27
C HIS B 149 -16.35 -41.07 17.27
N ALA B 150 -15.15 -40.95 17.83
CA ALA B 150 -14.67 -41.92 18.83
C ALA B 150 -15.58 -42.10 20.05
N LYS B 151 -16.56 -41.21 20.24
CA LYS B 151 -17.47 -41.26 21.37
C LYS B 151 -18.35 -42.51 21.36
N LYS B 152 -18.41 -43.20 20.23
CA LYS B 152 -19.12 -44.47 20.15
C LYS B 152 -18.48 -45.52 21.06
N TYR B 153 -17.23 -45.31 21.46
CA TYR B 153 -16.54 -46.24 22.35
C TYR B 153 -16.60 -45.79 23.81
N LEU B 154 -17.29 -44.69 24.08
CA LEU B 154 -17.32 -44.12 25.42
C LEU B 154 -18.45 -44.69 26.28
N LYS B 155 -18.09 -45.15 27.48
CA LYS B 155 -19.07 -45.60 28.46
C LYS B 155 -19.97 -44.43 28.82
N PRO B 156 -21.21 -44.72 29.26
CA PRO B 156 -22.17 -43.64 29.51
C PRO B 156 -21.72 -42.55 30.49
N SER B 157 -20.99 -42.89 31.55
CA SER B 157 -20.53 -41.87 32.50
C SER B 157 -19.10 -41.38 32.18
N GLY B 158 -18.61 -41.71 30.99
CA GLY B 158 -17.23 -41.40 30.61
C GLY B 158 -16.86 -39.95 30.35
N ASN B 159 -15.56 -39.68 30.35
CA ASN B 159 -15.03 -38.32 30.15
C ASN B 159 -14.21 -38.16 28.86
N MET B 160 -14.01 -36.89 28.51
CA MET B 160 -13.21 -36.53 27.34
C MET B 160 -12.18 -35.45 27.69
N PHE B 161 -10.94 -35.68 27.28
CA PHE B 161 -9.82 -34.78 27.53
C PHE B 161 -9.17 -34.40 26.19
N PRO B 162 -9.40 -33.16 25.70
CA PRO B 162 -10.12 -32.01 26.27
C PRO B 162 -11.64 -32.19 26.35
N THR B 163 -12.23 -31.50 27.31
CA THR B 163 -13.65 -31.59 27.56
C THR B 163 -14.35 -30.51 26.77
N ILE B 164 -13.78 -29.30 26.78
CA ILE B 164 -14.38 -28.22 25.96
C ILE B 164 -13.35 -27.42 25.19
N GLY B 165 -13.81 -26.84 24.09
CA GLY B 165 -12.99 -25.95 23.28
C GLY B 165 -13.68 -24.62 23.01
N ASP B 166 -12.98 -23.53 23.30
CA ASP B 166 -13.49 -22.19 23.07
C ASP B 166 -12.69 -21.51 21.96
N VAL B 167 -13.36 -21.11 20.88
CA VAL B 167 -12.68 -20.26 19.90
C VAL B 167 -13.02 -18.82 20.23
N HIS B 168 -11.97 -18.00 20.30
CA HIS B 168 -12.09 -16.57 20.57
C HIS B 168 -11.81 -15.77 19.32
N LEU B 169 -12.64 -14.74 19.13
CA LEU B 169 -12.56 -13.81 18.02
C LEU B 169 -12.41 -12.39 18.54
N ALA B 170 -11.59 -11.58 17.88
CA ALA B 170 -11.55 -10.17 18.21
C ALA B 170 -11.16 -9.32 17.00
N PRO B 171 -11.74 -8.11 16.86
CA PRO B 171 -11.31 -7.26 15.75
C PRO B 171 -9.93 -6.67 15.98
N PHE B 172 -9.13 -6.49 14.93
CA PHE B 172 -7.81 -5.88 15.11
C PHE B 172 -7.54 -4.76 14.12
N THR B 173 -6.53 -3.95 14.45
CA THR B 173 -6.02 -2.92 13.54
C THR B 173 -4.53 -3.20 13.31
N ASP B 174 -4.15 -3.31 12.04
CA ASP B 174 -2.77 -3.57 11.68
C ASP B 174 -2.49 -3.14 10.24
N GLU B 175 -2.18 -1.86 10.07
CA GLU B 175 -1.93 -1.26 8.78
C GLU B 175 -0.81 -1.94 8.01
N GLN B 176 0.24 -2.28 8.75
CA GLN B 176 1.44 -2.86 8.16
C GLN B 176 1.13 -4.20 7.45
N LEU B 177 0.37 -5.05 8.12
CA LEU B 177 0.00 -6.35 7.57
C LEU B 177 -0.85 -6.19 6.30
N TYR B 178 -1.85 -5.31 6.40
CA TYR B 178 -2.74 -5.02 5.29
C TYR B 178 -1.90 -4.58 4.10
N MET B 179 -0.99 -3.62 4.32
CA MET B 179 -0.19 -3.14 3.21
C MET B 179 0.79 -4.20 2.72
N GLU B 180 1.29 -5.06 3.62
CA GLU B 180 2.11 -6.19 3.17
C GLU B 180 1.39 -7.06 2.16
N GLN B 181 0.15 -7.45 2.47
CA GLN B 181 -0.61 -8.28 1.52
C GLN B 181 -0.99 -7.50 0.25
N PHE B 182 -1.36 -6.25 0.44
CA PHE B 182 -1.77 -5.43 -0.68
C PHE B 182 -0.63 -5.23 -1.69
N THR B 183 0.56 -4.99 -1.15
CA THR B 183 1.74 -4.81 -1.99
C THR B 183 2.00 -6.04 -2.86
N LYS B 184 1.90 -7.23 -2.28
CA LYS B 184 2.06 -8.46 -3.04
C LYS B 184 0.96 -8.59 -4.08
N ALA B 185 -0.28 -8.29 -3.71
CA ALA B 185 -1.36 -8.40 -4.69
C ALA B 185 -1.23 -7.39 -5.85
N ASN B 186 -0.67 -6.21 -5.58
CA ASN B 186 -0.54 -5.19 -6.63
C ASN B 186 0.46 -5.51 -7.75
N PHE B 187 1.22 -6.58 -7.60
CA PHE B 187 2.08 -7.07 -8.68
C PHE B 187 1.24 -7.25 -9.95
N TRP B 188 0.01 -7.72 -9.75
CA TRP B 188 -0.92 -8.03 -10.84
C TRP B 188 -1.63 -6.78 -11.40
N TYR B 189 -1.21 -5.61 -10.93
CA TYR B 189 -1.71 -4.33 -11.43
C TYR B 189 -0.84 -3.80 -12.58
N GLN B 190 0.34 -4.38 -12.73
CA GLN B 190 1.29 -3.94 -13.75
C GLN B 190 0.74 -3.99 -15.18
N PRO B 191 0.85 -2.88 -15.92
CA PRO B 191 0.36 -2.90 -17.30
C PRO B 191 1.40 -3.39 -18.30
N SER B 192 2.64 -3.54 -17.84
CA SER B 192 3.74 -3.91 -18.73
C SER B 192 4.85 -4.68 -18.01
N PHE B 193 4.50 -5.85 -17.46
CA PHE B 193 5.50 -6.76 -16.92
C PHE B 193 6.22 -7.46 -18.07
N HIS B 194 7.47 -7.06 -18.31
CA HIS B 194 8.21 -7.52 -19.48
C HIS B 194 7.38 -7.34 -20.75
N GLY B 195 6.65 -6.24 -20.82
CA GLY B 195 5.83 -5.95 -21.98
C GLY B 195 4.42 -6.51 -21.95
N VAL B 196 4.08 -7.25 -20.90
CA VAL B 196 2.77 -7.90 -20.81
C VAL B 196 1.88 -7.18 -19.80
N ASP B 197 0.62 -6.98 -20.18
CA ASP B 197 -0.36 -6.33 -19.32
C ASP B 197 -1.06 -7.34 -18.40
N LEU B 198 -0.76 -7.27 -17.11
CA LEU B 198 -1.29 -8.24 -16.15
C LEU B 198 -2.56 -7.76 -15.45
N SER B 199 -2.89 -6.48 -15.61
CA SER B 199 -3.89 -5.80 -14.78
C SER B 199 -5.26 -6.48 -14.75
N ALA B 200 -5.66 -7.13 -15.83
CA ALA B 200 -6.98 -7.75 -15.89
C ALA B 200 -7.16 -8.79 -14.79
N LEU B 201 -6.05 -9.26 -14.22
CA LEU B 201 -6.09 -10.26 -13.16
C LEU B 201 -5.94 -9.66 -11.76
N ARG B 202 -5.90 -8.34 -11.65
CA ARG B 202 -5.68 -7.75 -10.32
C ARG B 202 -6.76 -8.14 -9.33
N GLY B 203 -8.01 -8.09 -9.75
CA GLY B 203 -9.11 -8.47 -8.89
C GLY B 203 -8.96 -9.90 -8.38
N ALA B 204 -8.57 -10.78 -9.28
CA ALA B 204 -8.37 -12.19 -8.94
C ALA B 204 -7.22 -12.37 -7.95
N ALA B 205 -6.15 -11.59 -8.13
CA ALA B 205 -4.99 -11.70 -7.27
C ALA B 205 -5.30 -11.21 -5.86
N VAL B 206 -5.99 -10.07 -5.75
CA VAL B 206 -6.39 -9.53 -4.47
C VAL B 206 -7.29 -10.52 -3.73
N ASP B 207 -8.25 -11.10 -4.45
CA ASP B 207 -9.14 -12.07 -3.84
C ASP B 207 -8.35 -13.24 -3.23
N GLU B 208 -7.37 -13.74 -3.97
CA GLU B 208 -6.57 -14.88 -3.52
C GLU B 208 -5.75 -14.55 -2.27
N TYR B 209 -5.01 -13.45 -2.31
CA TYR B 209 -4.15 -13.07 -1.19
C TYR B 209 -4.95 -12.82 0.09
N PHE B 210 -6.09 -12.15 -0.05
CA PHE B 210 -6.88 -11.81 1.12
C PHE B 210 -7.74 -12.97 1.61
N ARG B 211 -7.80 -14.06 0.84
CA ARG B 211 -8.43 -15.28 1.34
C ARG B 211 -7.47 -16.06 2.23
N GLN B 212 -6.22 -15.61 2.31
CA GLN B 212 -5.21 -16.33 3.08
C GLN B 212 -5.25 -15.98 4.56
N PRO B 213 -5.49 -16.98 5.42
CA PRO B 213 -5.32 -16.70 6.85
C PRO B 213 -3.88 -16.39 7.20
N VAL B 214 -3.67 -15.41 8.08
CA VAL B 214 -2.33 -15.00 8.46
C VAL B 214 -2.01 -15.65 9.80
N VAL B 215 -1.05 -16.57 9.77
CA VAL B 215 -0.66 -17.31 10.95
C VAL B 215 0.58 -16.67 11.55
N ASP B 216 0.44 -16.13 12.74
CA ASP B 216 1.59 -15.61 13.50
C ASP B 216 1.07 -15.06 14.80
N THR B 217 1.91 -14.34 15.54
CA THR B 217 1.49 -13.74 16.79
C THR B 217 1.50 -12.22 16.65
N PHE B 218 1.06 -11.54 17.70
CA PHE B 218 0.95 -10.10 17.65
C PHE B 218 0.81 -9.54 19.06
N ASP B 219 1.04 -8.24 19.18
CA ASP B 219 0.86 -7.52 20.43
C ASP B 219 -0.64 -7.30 20.68
N ILE B 220 -1.09 -7.54 21.90
CA ILE B 220 -2.52 -7.43 22.20
C ILE B 220 -3.04 -6.00 22.02
N ARG B 221 -2.14 -5.04 21.87
CA ARG B 221 -2.56 -3.65 21.73
C ARG B 221 -3.24 -3.40 20.37
N ILE B 222 -3.15 -4.36 19.45
CA ILE B 222 -3.82 -4.20 18.15
C ILE B 222 -5.29 -4.59 18.23
N LEU B 223 -5.70 -5.21 19.34
CA LEU B 223 -7.10 -5.60 19.52
C LEU B 223 -7.96 -4.39 19.87
N MET B 224 -9.09 -4.25 19.18
CA MET B 224 -9.96 -3.08 19.31
C MET B 224 -11.22 -3.32 20.14
N ALA B 225 -11.41 -4.56 20.59
CA ALA B 225 -12.59 -4.88 21.40
C ALA B 225 -12.36 -6.18 22.16
N LYS B 226 -13.11 -6.35 23.24
CA LYS B 226 -13.06 -7.58 24.01
C LYS B 226 -13.46 -8.74 23.10
N SER B 227 -12.80 -9.88 23.26
CA SER B 227 -13.05 -11.01 22.38
C SER B 227 -14.45 -11.58 22.56
N VAL B 228 -14.95 -12.20 21.50
CA VAL B 228 -16.20 -12.96 21.55
C VAL B 228 -15.85 -14.44 21.52
N LYS B 229 -16.62 -15.21 22.27
CA LYS B 229 -16.36 -16.64 22.49
C LYS B 229 -17.37 -17.54 21.78
N TYR B 230 -16.90 -18.61 21.15
CA TYR B 230 -17.78 -19.66 20.64
C TYR B 230 -17.33 -21.01 21.21
N THR B 231 -18.23 -21.68 21.92
CA THR B 231 -17.89 -22.88 22.68
C THR B 231 -18.38 -24.17 22.01
N VAL B 232 -17.49 -25.15 21.98
CA VAL B 232 -17.83 -26.50 21.59
C VAL B 232 -17.64 -27.40 22.81
N ASN B 233 -18.72 -28.02 23.26
CA ASN B 233 -18.66 -28.96 24.37
C ASN B 233 -18.52 -30.35 23.78
N PHE B 234 -17.33 -30.93 23.90
CA PHE B 234 -17.03 -32.18 23.23
C PHE B 234 -17.79 -33.38 23.83
N LEU B 235 -18.23 -33.26 25.09
CA LEU B 235 -19.05 -34.31 25.69
C LEU B 235 -20.45 -34.39 25.07
N GLU B 236 -20.98 -33.24 24.68
CA GLU B 236 -22.35 -33.17 24.22
C GLU B 236 -22.46 -33.15 22.70
N ALA B 237 -21.48 -32.52 22.04
CA ALA B 237 -21.54 -32.32 20.59
C ALA B 237 -21.55 -33.64 19.83
N LYS B 238 -22.22 -33.63 18.67
CA LYS B 238 -22.22 -34.77 17.78
C LYS B 238 -21.30 -34.47 16.60
N GLU B 239 -20.76 -35.53 16.00
CA GLU B 239 -19.86 -35.42 14.86
C GLU B 239 -20.44 -34.46 13.81
N GLY B 240 -21.70 -34.70 13.45
CA GLY B 240 -22.34 -33.94 12.39
C GLY B 240 -22.34 -32.45 12.63
N ASP B 241 -22.33 -32.06 13.91
CA ASP B 241 -22.36 -30.65 14.26
C ASP B 241 -21.22 -29.90 13.62
N LEU B 242 -20.12 -30.58 13.33
CA LEU B 242 -18.95 -29.84 12.85
C LEU B 242 -18.94 -29.76 11.33
N HIS B 243 -20.05 -30.18 10.71
CA HIS B 243 -20.16 -30.08 9.27
C HIS B 243 -20.57 -28.67 8.85
N ARG B 244 -21.28 -27.96 9.74
CA ARG B 244 -21.67 -26.58 9.49
C ARG B 244 -21.60 -25.82 10.80
N ILE B 245 -20.66 -24.88 10.90
CA ILE B 245 -20.45 -24.14 12.13
C ILE B 245 -20.74 -22.67 11.91
N GLU B 246 -21.75 -22.16 12.61
CA GLU B 246 -22.13 -20.76 12.50
C GLU B 246 -21.78 -20.01 13.79
N ILE B 247 -20.88 -19.03 13.66
CA ILE B 247 -20.36 -18.27 14.79
C ILE B 247 -20.81 -16.81 14.73
N PRO B 248 -21.87 -16.46 15.48
CA PRO B 248 -22.31 -15.07 15.49
C PRO B 248 -21.39 -14.21 16.34
N PHE B 249 -21.29 -12.92 16.04
CA PHE B 249 -20.53 -12.03 16.91
C PHE B 249 -21.06 -10.61 16.91
N LYS B 250 -20.90 -9.96 18.07
CA LYS B 250 -21.29 -8.59 18.31
C LYS B 250 -20.21 -7.94 19.18
N PHE B 251 -19.36 -7.11 18.58
CA PHE B 251 -18.28 -6.48 19.33
C PHE B 251 -18.65 -5.06 19.72
N HIS B 252 -18.30 -4.69 20.95
CA HIS B 252 -18.43 -3.31 21.39
C HIS B 252 -17.06 -2.65 21.33
N MET B 253 -16.91 -1.79 20.34
CA MET B 253 -15.61 -1.22 20.00
C MET B 253 -15.12 -0.34 21.14
N LEU B 254 -13.89 -0.60 21.57
CA LEU B 254 -13.27 0.12 22.67
C LEU B 254 -12.35 1.23 22.16
N HIS B 255 -11.92 1.11 20.91
CA HIS B 255 -11.07 2.12 20.30
C HIS B 255 -11.61 2.52 18.95
N SER B 256 -11.37 3.77 18.58
CA SER B 256 -11.75 4.26 17.27
C SER B 256 -10.62 3.98 16.31
N GLY B 257 -10.97 3.64 15.07
CA GLY B 257 -9.96 3.38 14.07
C GLY B 257 -10.43 2.45 12.98
N LEU B 258 -9.45 1.95 12.24
CA LEU B 258 -9.67 1.03 11.14
C LEU B 258 -9.61 -0.41 11.60
N VAL B 259 -10.65 -1.17 11.28
CA VAL B 259 -10.69 -2.60 11.57
C VAL B 259 -10.20 -3.29 10.30
N HIS B 260 -9.03 -3.91 10.38
CA HIS B 260 -8.43 -4.55 9.23
C HIS B 260 -8.82 -6.01 9.14
N GLY B 261 -9.43 -6.52 10.20
CA GLY B 261 -9.88 -7.90 10.20
C GLY B 261 -10.17 -8.48 11.56
N LEU B 262 -10.24 -9.81 11.58
CA LEU B 262 -10.57 -10.54 12.81
C LEU B 262 -9.42 -11.46 13.20
N ALA B 263 -9.06 -11.41 14.48
CA ALA B 263 -8.08 -12.32 15.04
C ALA B 263 -8.79 -13.47 15.75
N PHE B 264 -8.20 -14.65 15.60
CA PHE B 264 -8.74 -15.89 16.13
C PHE B 264 -7.68 -16.59 16.96
N TRP B 265 -8.12 -17.11 18.10
CA TRP B 265 -7.30 -18.05 18.86
C TRP B 265 -8.25 -18.97 19.62
N PHE B 266 -7.70 -19.90 20.40
CA PHE B 266 -8.58 -20.83 21.12
C PHE B 266 -8.03 -21.31 22.45
N ASP B 267 -8.94 -21.72 23.31
CA ASP B 267 -8.59 -22.37 24.57
C ASP B 267 -9.26 -23.74 24.61
N VAL B 268 -8.64 -24.71 25.27
CA VAL B 268 -9.36 -25.93 25.61
C VAL B 268 -9.25 -26.18 27.09
N ALA B 269 -10.31 -26.78 27.63
CA ALA B 269 -10.33 -27.13 29.04
C ALA B 269 -10.46 -28.63 29.20
N PHE B 270 -9.63 -29.10 30.11
CA PHE B 270 -9.61 -30.46 30.60
C PHE B 270 -10.32 -30.43 31.95
N ILE B 271 -11.59 -30.80 31.94
CA ILE B 271 -12.43 -30.76 33.13
C ILE B 271 -12.41 -32.13 33.79
N GLY B 272 -11.49 -32.29 34.74
CA GLY B 272 -11.34 -33.55 35.45
C GLY B 272 -12.07 -33.59 36.77
N SER B 273 -11.99 -34.74 37.44
CA SER B 273 -12.67 -34.94 38.71
C SER B 273 -12.00 -34.16 39.84
N ILE B 274 -10.70 -33.95 39.73
CA ILE B 274 -9.96 -33.27 40.78
C ILE B 274 -9.87 -31.78 40.49
N MET B 275 -9.56 -31.43 39.25
CA MET B 275 -9.47 -30.02 38.87
C MET B 275 -9.60 -29.81 37.38
N THR B 276 -9.86 -28.55 37.00
CA THR B 276 -9.92 -28.18 35.60
C THR B 276 -8.64 -27.49 35.19
N VAL B 277 -8.04 -27.96 34.10
CA VAL B 277 -6.81 -27.36 33.60
C VAL B 277 -7.06 -26.80 32.21
N TRP B 278 -6.56 -25.60 31.96
CA TRP B 278 -6.76 -24.92 30.69
C TRP B 278 -5.48 -24.88 29.86
N LEU B 279 -5.63 -25.11 28.56
CA LEU B 279 -4.56 -24.88 27.60
C LEU B 279 -5.02 -23.74 26.70
N SER B 280 -4.30 -22.62 26.75
CA SER B 280 -4.67 -21.43 26.00
C SER B 280 -3.65 -21.08 24.93
N THR B 281 -4.13 -20.61 23.79
CA THR B 281 -3.24 -20.09 22.75
C THR B 281 -3.49 -18.60 22.54
N ALA B 282 -3.95 -17.93 23.60
CA ALA B 282 -4.24 -16.51 23.55
C ALA B 282 -2.94 -15.72 23.40
N PRO B 283 -3.01 -14.53 22.78
CA PRO B 283 -1.82 -13.71 22.59
C PRO B 283 -1.28 -13.10 23.90
N THR B 284 -2.06 -13.20 24.98
CA THR B 284 -1.60 -12.79 26.31
C THR B 284 -0.82 -13.89 27.00
N GLU B 285 -0.74 -15.05 26.36
CA GLU B 285 -0.11 -16.23 26.95
C GLU B 285 1.15 -16.60 26.20
N PRO B 286 1.99 -17.44 26.82
CA PRO B 286 3.19 -17.88 26.08
C PRO B 286 2.82 -18.51 24.76
N LEU B 287 3.66 -18.28 23.76
CA LEU B 287 3.40 -18.72 22.41
C LEU B 287 3.39 -20.24 22.28
N THR B 288 2.52 -20.75 21.41
CA THR B 288 2.49 -22.19 21.10
C THR B 288 2.73 -22.34 19.60
N HIS B 289 2.87 -23.58 19.15
CA HIS B 289 3.08 -23.85 17.75
C HIS B 289 1.81 -23.56 16.93
N TRP B 290 0.73 -23.19 17.60
CA TRP B 290 -0.49 -22.76 16.91
C TRP B 290 -0.47 -21.24 16.65
N TYR B 291 0.41 -20.52 17.33
CA TYR B 291 0.47 -19.06 17.19
C TYR B 291 -0.93 -18.47 17.33
N GLN B 292 -1.27 -17.47 16.51
CA GLN B 292 -2.65 -17.03 16.36
C GLN B 292 -2.97 -16.84 14.89
N VAL B 293 -4.25 -16.72 14.58
CA VAL B 293 -4.66 -16.61 13.18
C VAL B 293 -5.43 -15.33 12.94
N ARG B 294 -5.11 -14.61 11.87
CA ARG B 294 -5.87 -13.43 11.51
C ARG B 294 -6.46 -13.49 10.11
N CYS B 295 -7.71 -13.03 10.00
CA CYS B 295 -8.36 -12.87 8.73
C CYS B 295 -8.41 -11.39 8.35
N LEU B 296 -7.84 -11.07 7.19
CA LEU B 296 -7.83 -9.71 6.67
C LEU B 296 -9.06 -9.39 5.83
N PHE B 297 -9.55 -8.15 5.98
CA PHE B 297 -10.57 -7.59 5.11
C PHE B 297 -9.91 -6.96 3.89
N GLN B 298 -10.47 -7.16 2.70
CA GLN B 298 -9.88 -6.55 1.51
C GLN B 298 -9.94 -5.04 1.64
N SER B 299 -10.94 -4.54 2.34
CA SER B 299 -11.05 -3.13 2.66
C SER B 299 -11.38 -2.98 4.15
N PRO B 300 -10.54 -2.27 4.91
CA PRO B 300 -10.83 -2.18 6.35
C PRO B 300 -12.12 -1.42 6.64
N LEU B 301 -12.68 -1.61 7.83
CA LEU B 301 -13.92 -0.94 8.20
C LEU B 301 -13.62 0.14 9.21
N PHE B 302 -14.10 1.36 8.98
CA PHE B 302 -13.87 2.39 9.97
C PHE B 302 -14.90 2.24 11.08
N ALA B 303 -14.44 2.34 12.32
CA ALA B 303 -15.34 2.28 13.45
C ALA B 303 -14.92 3.24 14.55
N LYS B 304 -15.91 3.76 15.27
CA LYS B 304 -15.65 4.61 16.43
C LYS B 304 -15.83 3.83 17.71
N ALA B 305 -15.15 4.29 18.76
CA ALA B 305 -15.32 3.72 20.08
C ALA B 305 -16.79 3.83 20.46
N GLY B 306 -17.37 2.73 20.93
CA GLY B 306 -18.78 2.72 21.29
C GLY B 306 -19.65 2.13 20.20
N ASP B 307 -19.16 2.11 18.97
CA ASP B 307 -19.90 1.45 17.90
C ASP B 307 -19.92 -0.05 18.18
N THR B 308 -20.81 -0.74 17.47
CA THR B 308 -20.89 -2.18 17.56
C THR B 308 -20.62 -2.81 16.20
N LEU B 309 -19.73 -3.79 16.21
CA LEU B 309 -19.35 -4.51 15.00
C LEU B 309 -19.97 -5.91 15.02
N SER B 310 -20.95 -6.13 14.15
CA SER B 310 -21.74 -7.35 14.20
C SER B 310 -21.59 -8.19 12.96
N GLY B 311 -21.79 -9.50 13.11
CA GLY B 311 -21.77 -10.37 11.97
C GLY B 311 -21.63 -11.83 12.30
N THR B 312 -21.17 -12.59 11.33
CA THR B 312 -21.04 -14.04 11.51
C THR B 312 -19.85 -14.62 10.77
N CYS B 313 -19.32 -15.70 11.35
N CYS B 313 -19.31 -15.69 11.35
CA CYS B 313 -18.32 -16.53 10.71
CA CYS B 313 -18.31 -16.51 10.68
C CYS B 313 -18.95 -17.89 10.42
C CYS B 313 -18.94 -17.87 10.42
N LEU B 314 -19.01 -18.25 9.15
CA LEU B 314 -19.64 -19.50 8.75
C LEU B 314 -18.64 -20.47 8.13
N LEU B 315 -18.50 -21.63 8.77
CA LEU B 315 -17.63 -22.71 8.27
C LEU B 315 -18.45 -23.89 7.72
N ILE B 316 -18.23 -24.23 6.45
CA ILE B 316 -18.95 -25.34 5.80
C ILE B 316 -17.96 -26.42 5.38
N ALA B 317 -18.11 -27.63 5.88
CA ALA B 317 -17.21 -28.72 5.50
C ALA B 317 -17.29 -28.99 4.00
N ASN B 318 -16.13 -29.12 3.34
CA ASN B 318 -16.08 -29.41 1.91
C ASN B 318 -15.41 -30.77 1.64
N LYS B 319 -15.27 -31.09 0.36
CA LYS B 319 -14.72 -32.39 -0.08
C LYS B 319 -13.17 -32.48 -0.10
N ARG B 320 -12.50 -31.41 0.32
CA ARG B 320 -11.04 -31.40 0.41
C ARG B 320 -10.48 -31.40 1.85
N GLN B 321 -11.13 -32.15 2.73
CA GLN B 321 -10.71 -32.27 4.13
C GLN B 321 -10.61 -30.91 4.83
N SER B 322 -11.41 -29.94 4.40
CA SER B 322 -11.33 -28.59 4.97
C SER B 322 -12.70 -27.90 5.00
N TYR B 323 -12.67 -26.57 5.13
CA TYR B 323 -13.89 -25.78 5.23
C TYR B 323 -13.93 -24.68 4.19
N ASP B 324 -15.14 -24.41 3.71
CA ASP B 324 -15.41 -23.17 3.01
C ASP B 324 -15.79 -22.18 4.11
N ILE B 325 -15.02 -21.12 4.28
CA ILE B 325 -15.27 -20.16 5.36
C ILE B 325 -15.65 -18.79 4.84
N SER B 326 -16.77 -18.28 5.33
CA SER B 326 -17.19 -16.92 5.00
C SER B 326 -17.31 -16.08 6.27
N ILE B 327 -16.72 -14.89 6.23
CA ILE B 327 -16.79 -13.97 7.36
C ILE B 327 -17.50 -12.72 6.87
N VAL B 328 -18.61 -12.40 7.54
CA VAL B 328 -19.36 -11.19 7.22
C VAL B 328 -19.42 -10.33 8.47
N ALA B 329 -18.96 -9.09 8.33
CA ALA B 329 -18.91 -8.15 9.45
C ALA B 329 -19.46 -6.80 9.03
N GLN B 330 -20.17 -6.14 9.93
CA GLN B 330 -20.70 -4.82 9.62
C GLN B 330 -20.70 -3.90 10.83
N VAL B 331 -20.44 -2.63 10.56
CA VAL B 331 -20.54 -1.58 11.56
C VAL B 331 -21.99 -1.15 11.58
N ASP B 332 -22.66 -1.43 12.68
CA ASP B 332 -24.11 -1.28 12.76
C ASP B 332 -24.56 0.17 12.57
N GLN B 333 -23.76 1.11 13.06
CA GLN B 333 -24.15 2.51 13.06
C GLN B 333 -24.13 3.14 11.66
N THR B 334 -23.24 2.66 10.80
CA THR B 334 -23.09 3.24 9.46
C THR B 334 -23.53 2.31 8.34
N GLY B 335 -23.73 1.04 8.66
CA GLY B 335 -24.08 0.05 7.65
C GLY B 335 -22.90 -0.34 6.78
N SER B 336 -21.68 0.00 7.22
CA SER B 336 -20.50 -0.41 6.49
C SER B 336 -20.33 -1.91 6.70
N LYS B 337 -20.33 -2.62 5.57
CA LYS B 337 -20.35 -4.08 5.54
C LYS B 337 -19.07 -4.59 4.90
N SER B 338 -18.62 -5.75 5.35
CA SER B 338 -17.51 -6.44 4.73
C SER B 338 -17.85 -7.91 4.64
N SER B 339 -17.67 -8.49 3.45
CA SER B 339 -17.91 -9.90 3.23
C SER B 339 -16.59 -10.50 2.79
N ASN B 340 -16.24 -11.65 3.36
CA ASN B 340 -14.93 -12.22 3.10
C ASN B 340 -14.96 -13.74 3.05
N LEU B 341 -14.03 -14.29 2.26
CA LEU B 341 -13.86 -15.72 2.17
C LEU B 341 -12.48 -16.05 2.73
N LEU B 342 -12.37 -17.16 3.44
CA LEU B 342 -11.08 -17.55 4.00
C LEU B 342 -10.73 -18.96 3.56
N ASP B 343 -9.48 -19.16 3.15
CA ASP B 343 -9.04 -20.46 2.66
C ASP B 343 -7.96 -21.08 3.54
N LEU B 344 -8.36 -22.01 4.41
CA LEU B 344 -7.41 -22.63 5.33
C LEU B 344 -6.41 -23.52 4.59
N LYS B 345 -6.70 -23.84 3.34
CA LYS B 345 -5.81 -24.63 2.51
C LYS B 345 -4.56 -23.85 2.10
N ASN B 346 -4.62 -22.53 2.20
CA ASN B 346 -3.50 -21.71 1.75
C ASN B 346 -3.08 -20.63 2.76
N PRO B 347 -2.57 -21.04 3.94
CA PRO B 347 -2.25 -20.01 4.92
C PRO B 347 -0.97 -19.23 4.62
N PHE B 348 -0.90 -18.01 5.12
CA PHE B 348 0.34 -17.24 5.07
C PHE B 348 1.02 -17.37 6.43
N PHE B 349 2.12 -18.13 6.43
CA PHE B 349 2.91 -18.34 7.62
C PHE B 349 3.88 -17.17 7.72
N ARG B 350 3.55 -16.21 8.56
CA ARG B 350 4.30 -14.96 8.59
C ARG B 350 5.35 -14.93 9.68
N TYR B 351 5.19 -15.78 10.69
N TYR B 351 5.24 -15.84 10.64
CA TYR B 351 6.09 -15.82 11.84
CA TYR B 351 6.11 -15.80 11.81
C TYR B 351 7.56 -16.05 11.47
C TYR B 351 7.57 -16.01 11.42
N THR B 352 8.44 -15.26 12.07
CA THR B 352 9.87 -15.33 11.80
C THR B 352 10.64 -15.00 13.07
N ALA C 21 -17.04 31.58 -10.82
CA ALA C 21 -17.83 30.37 -10.65
C ALA C 21 -17.07 29.16 -11.19
N VAL C 22 -16.27 29.40 -12.22
CA VAL C 22 -15.48 28.33 -12.84
C VAL C 22 -14.52 27.66 -11.86
N GLN C 23 -13.72 28.47 -11.16
CA GLN C 23 -12.74 27.92 -10.22
C GLN C 23 -13.42 27.17 -9.07
N TYR C 24 -14.53 27.72 -8.58
CA TYR C 24 -15.28 27.09 -7.49
C TYR C 24 -15.61 25.66 -7.89
N PHE C 25 -16.18 25.49 -9.07
CA PHE C 25 -16.57 24.16 -9.55
C PHE C 25 -15.36 23.33 -9.98
N GLN C 26 -14.27 23.98 -10.40
CA GLN C 26 -13.04 23.25 -10.67
C GLN C 26 -12.51 22.61 -9.39
N PHE C 27 -12.58 23.34 -8.27
CA PHE C 27 -12.17 22.81 -6.96
C PHE C 27 -12.91 21.53 -6.59
N TYR C 28 -14.22 21.50 -6.81
CA TYR C 28 -15.04 20.34 -6.43
C TYR C 28 -15.11 19.24 -7.48
N GLY C 29 -14.38 19.41 -8.57
CA GLY C 29 -14.28 18.36 -9.57
C GLY C 29 -13.34 17.24 -9.16
N TYR C 30 -12.47 17.51 -8.19
CA TYR C 30 -11.48 16.54 -7.74
C TYR C 30 -12.07 15.53 -6.75
N LEU C 31 -11.80 14.25 -7.00
CA LEU C 31 -12.24 13.18 -6.12
C LEU C 31 -11.63 13.31 -4.72
N SER C 32 -10.42 13.85 -4.65
CA SER C 32 -9.73 14.03 -3.36
C SER C 32 -10.47 14.94 -2.37
N GLN C 33 -11.09 16.01 -2.87
CA GLN C 33 -11.86 16.90 -2.00
C GLN C 33 -13.16 16.23 -1.54
N GLN C 34 -13.82 15.54 -2.46
CA GLN C 34 -15.00 14.78 -2.09
C GLN C 34 -14.61 13.82 -0.99
N GLN C 35 -13.49 13.13 -1.19
CA GLN C 35 -12.97 12.20 -0.20
C GLN C 35 -12.71 12.91 1.12
N ASN C 36 -12.06 14.07 1.07
CA ASN C 36 -11.79 14.83 2.30
C ASN C 36 -13.09 15.13 3.05
N MET C 37 -14.13 15.53 2.31
CA MET C 37 -15.42 15.78 2.95
C MET C 37 -16.09 14.50 3.48
N MET C 38 -16.00 13.43 2.72
CA MET C 38 -16.56 12.14 3.11
C MET C 38 -15.86 11.59 4.35
N GLN C 39 -14.55 11.81 4.46
CA GLN C 39 -13.77 11.32 5.60
C GLN C 39 -14.00 12.12 6.88
N ASP C 40 -14.70 13.24 6.79
CA ASP C 40 -15.13 13.97 7.97
C ASP C 40 -16.29 13.20 8.59
N TYR C 41 -16.00 12.39 9.61
CA TYR C 41 -16.99 11.46 10.13
C TYR C 41 -18.17 12.16 10.78
N VAL C 42 -17.93 13.28 11.45
CA VAL C 42 -19.01 14.01 12.10
C VAL C 42 -20.05 14.41 11.05
N ARG C 43 -19.60 15.09 10.01
CA ARG C 43 -20.48 15.56 8.94
C ARG C 43 -21.25 14.41 8.31
N THR C 44 -20.50 13.46 7.76
CA THR C 44 -21.07 12.37 6.99
C THR C 44 -21.98 11.49 7.85
N GLY C 45 -21.48 11.12 9.02
CA GLY C 45 -22.24 10.30 9.93
C GLY C 45 -23.50 11.00 10.41
N THR C 46 -23.39 12.30 10.69
CA THR C 46 -24.55 13.05 11.13
C THR C 46 -25.59 13.17 10.02
N TYR C 47 -25.15 13.42 8.78
CA TYR C 47 -26.10 13.43 7.68
C TYR C 47 -26.78 12.06 7.56
N GLN C 48 -25.98 10.98 7.58
CA GLN C 48 -26.57 9.65 7.45
C GLN C 48 -27.59 9.41 8.55
N ARG C 49 -27.23 9.72 9.79
CA ARG C 49 -28.15 9.56 10.91
C ARG C 49 -29.41 10.40 10.76
N ALA C 50 -29.24 11.67 10.38
CA ALA C 50 -30.38 12.56 10.19
C ALA C 50 -31.34 11.98 9.18
N ILE C 51 -30.82 11.47 8.06
CA ILE C 51 -31.69 10.92 7.03
C ILE C 51 -32.31 9.60 7.44
N LEU C 52 -31.51 8.65 7.93
CA LEU C 52 -32.02 7.33 8.26
C LEU C 52 -32.96 7.32 9.47
N GLN C 53 -32.64 8.11 10.50
CA GLN C 53 -33.48 8.17 11.69
C GLN C 53 -34.81 8.90 11.44
N ASN C 54 -34.91 9.62 10.32
CA ASN C 54 -36.16 10.26 9.92
C ASN C 54 -36.72 9.62 8.64
N HIS C 55 -36.75 8.29 8.61
CA HIS C 55 -37.12 7.54 7.41
C HIS C 55 -38.51 7.87 6.86
N THR C 56 -39.43 8.28 7.73
CA THR C 56 -40.80 8.62 7.28
C THR C 56 -40.80 9.87 6.42
N ASP C 57 -39.77 10.70 6.53
CA ASP C 57 -39.63 11.87 5.67
C ASP C 57 -39.08 11.51 4.29
N PHE C 58 -38.65 10.26 4.11
CA PHE C 58 -38.05 9.87 2.85
C PHE C 58 -38.76 8.69 2.17
N LYS C 59 -39.32 7.78 2.96
CA LYS C 59 -39.92 6.57 2.39
C LYS C 59 -40.97 6.90 1.32
N ASP C 60 -40.66 6.46 0.09
CA ASP C 60 -41.52 6.68 -1.07
C ASP C 60 -41.78 8.15 -1.40
N LYS C 61 -40.82 9.01 -1.10
CA LYS C 61 -40.97 10.44 -1.36
C LYS C 61 -40.12 10.87 -2.57
N ILE C 62 -40.37 12.08 -3.07
CA ILE C 62 -39.56 12.65 -4.15
C ILE C 62 -38.54 13.57 -3.50
N VAL C 63 -37.27 13.40 -3.86
CA VAL C 63 -36.18 14.12 -3.20
C VAL C 63 -35.34 14.94 -4.17
N LEU C 64 -34.89 16.10 -3.72
CA LEU C 64 -33.86 16.84 -4.47
C LEU C 64 -32.56 16.99 -3.67
N ASP C 65 -31.44 16.55 -4.24
CA ASP C 65 -30.13 16.73 -3.62
C ASP C 65 -29.41 17.88 -4.31
N VAL C 66 -29.27 19.01 -3.62
CA VAL C 66 -28.67 20.19 -4.24
C VAL C 66 -27.16 20.13 -4.11
N GLY C 67 -26.46 19.94 -5.24
CA GLY C 67 -25.02 19.81 -5.23
C GLY C 67 -24.59 18.49 -4.63
N CYS C 68 -24.92 17.41 -5.32
CA CYS C 68 -24.79 16.06 -4.77
C CYS C 68 -23.33 15.62 -4.66
N GLY C 69 -22.44 16.27 -5.39
CA GLY C 69 -21.04 15.89 -5.38
C GLY C 69 -20.88 14.43 -5.78
N SER C 70 -20.32 13.63 -4.89
CA SER C 70 -20.14 12.20 -5.14
C SER C 70 -21.49 11.49 -5.20
N GLY C 71 -22.50 12.09 -4.56
CA GLY C 71 -23.84 11.53 -4.53
C GLY C 71 -24.22 10.89 -3.20
N ILE C 72 -23.32 10.99 -2.22
CA ILE C 72 -23.43 10.28 -0.95
C ILE C 72 -24.80 10.50 -0.25
N LEU C 73 -25.24 11.74 -0.18
CA LEU C 73 -26.50 12.06 0.50
C LEU C 73 -27.68 11.44 -0.26
N SER C 74 -27.59 11.38 -1.58
CA SER C 74 -28.64 10.75 -2.37
C SER C 74 -28.69 9.26 -2.05
N PHE C 75 -27.52 8.64 -1.86
CA PHE C 75 -27.47 7.24 -1.47
C PHE C 75 -28.06 7.07 -0.08
N PHE C 76 -27.77 8.00 0.83
CA PHE C 76 -28.42 7.96 2.13
C PHE C 76 -29.94 8.07 1.99
N ALA C 77 -30.39 8.96 1.12
CA ALA C 77 -31.82 9.10 0.87
C ALA C 77 -32.41 7.82 0.28
N ALA C 78 -31.67 7.17 -0.61
CA ALA C 78 -32.11 5.89 -1.18
C ALA C 78 -32.16 4.81 -0.09
N GLN C 79 -31.19 4.81 0.82
CA GLN C 79 -31.21 3.86 1.94
C GLN C 79 -32.46 4.08 2.78
N ALA C 80 -32.92 5.33 2.83
CA ALA C 80 -34.09 5.68 3.63
C ALA C 80 -35.42 5.40 2.91
N GLY C 81 -35.34 4.90 1.68
CA GLY C 81 -36.55 4.46 0.98
C GLY C 81 -37.17 5.44 -0.01
N ALA C 82 -36.44 6.46 -0.42
CA ALA C 82 -36.96 7.45 -1.36
C ALA C 82 -37.43 6.81 -2.65
N ARG C 83 -38.53 7.32 -3.22
CA ARG C 83 -39.06 6.75 -4.46
C ARG C 83 -38.22 7.23 -5.63
N LYS C 84 -37.88 8.52 -5.62
CA LYS C 84 -37.08 9.12 -6.68
C LYS C 84 -36.21 10.25 -6.12
N ILE C 85 -34.94 10.29 -6.53
CA ILE C 85 -34.02 11.29 -6.05
C ILE C 85 -33.39 12.01 -7.25
N TYR C 86 -33.60 13.31 -7.33
CA TYR C 86 -32.94 14.13 -8.34
C TYR C 86 -31.67 14.71 -7.76
N ALA C 87 -30.54 14.36 -8.35
CA ALA C 87 -29.25 14.75 -7.83
C ALA C 87 -28.59 15.76 -8.76
N VAL C 88 -28.65 17.03 -8.39
CA VAL C 88 -28.15 18.11 -9.24
C VAL C 88 -26.70 18.43 -8.90
N GLU C 89 -25.86 18.49 -9.92
CA GLU C 89 -24.44 18.82 -9.71
C GLU C 89 -23.84 19.57 -10.88
N ALA C 90 -23.18 20.69 -10.57
CA ALA C 90 -22.70 21.59 -11.62
C ALA C 90 -21.25 21.29 -12.05
N SER C 91 -20.46 20.67 -11.19
CA SER C 91 -19.07 20.36 -11.53
C SER C 91 -19.01 19.05 -12.31
N THR C 92 -17.81 18.69 -12.77
CA THR C 92 -17.62 17.46 -13.52
C THR C 92 -17.92 16.23 -12.66
N MET C 93 -17.89 16.40 -11.35
CA MET C 93 -18.18 15.34 -10.40
C MET C 93 -19.46 14.62 -10.79
N ALA C 94 -20.38 15.35 -11.43
CA ALA C 94 -21.65 14.78 -11.86
C ALA C 94 -21.47 13.44 -12.56
N GLN C 95 -20.45 13.28 -13.39
CA GLN C 95 -20.31 11.99 -14.07
C GLN C 95 -19.83 10.92 -13.12
N HIS C 96 -19.05 11.28 -12.11
CA HIS C 96 -18.52 10.27 -11.21
C HIS C 96 -19.70 9.73 -10.41
N ALA C 97 -20.61 10.63 -10.04
CA ALA C 97 -21.84 10.25 -9.37
C ALA C 97 -22.66 9.33 -10.26
N GLU C 98 -22.70 9.64 -11.55
CA GLU C 98 -23.45 8.82 -12.50
C GLU C 98 -22.92 7.39 -12.54
N VAL C 99 -21.60 7.26 -12.51
CA VAL C 99 -20.97 5.95 -12.48
C VAL C 99 -21.38 5.22 -11.21
N LEU C 100 -21.43 5.93 -10.08
CA LEU C 100 -21.78 5.28 -8.81
C LEU C 100 -23.25 4.88 -8.76
N VAL C 101 -24.11 5.65 -9.41
CA VAL C 101 -25.53 5.33 -9.43
C VAL C 101 -25.73 4.03 -10.21
N LYS C 102 -25.05 3.91 -11.35
CA LYS C 102 -25.12 2.70 -12.15
C LYS C 102 -24.54 1.50 -11.41
N SER C 103 -23.35 1.67 -10.82
CA SER C 103 -22.68 0.56 -10.16
C SER C 103 -23.39 0.12 -8.86
N ASN C 104 -24.19 1.00 -8.28
CA ASN C 104 -24.96 0.66 -7.08
C ASN C 104 -26.39 0.26 -7.42
N ASN C 105 -26.65 0.06 -8.71
CA ASN C 105 -27.92 -0.45 -9.20
C ASN C 105 -29.12 0.38 -8.73
N LEU C 106 -29.03 1.70 -8.88
CA LEU C 106 -30.08 2.60 -8.45
C LEU C 106 -30.52 3.58 -9.53
N THR C 107 -30.34 3.20 -10.80
CA THR C 107 -30.65 4.09 -11.92
C THR C 107 -32.13 4.49 -12.01
N ASP C 108 -33.05 3.63 -11.57
CA ASP C 108 -34.48 3.96 -11.63
C ASP C 108 -34.95 4.85 -10.48
N ARG C 109 -34.07 5.09 -9.51
CA ARG C 109 -34.40 5.85 -8.31
C ARG C 109 -33.59 7.14 -8.18
N ILE C 110 -32.34 7.12 -8.65
CA ILE C 110 -31.51 8.32 -8.64
C ILE C 110 -31.29 8.80 -10.07
N VAL C 111 -31.56 10.09 -10.30
CA VAL C 111 -31.31 10.69 -11.61
C VAL C 111 -30.31 11.82 -11.42
N VAL C 112 -29.12 11.65 -11.97
CA VAL C 112 -28.10 12.68 -11.89
C VAL C 112 -28.37 13.74 -12.95
N ILE C 113 -28.44 15.00 -12.53
CA ILE C 113 -28.64 16.12 -13.44
C ILE C 113 -27.39 17.01 -13.42
N PRO C 114 -26.60 16.96 -14.51
CA PRO C 114 -25.44 17.85 -14.56
C PRO C 114 -25.87 19.28 -14.85
N GLY C 115 -25.35 20.22 -14.06
CA GLY C 115 -25.65 21.63 -14.22
C GLY C 115 -25.96 22.30 -12.90
N LYS C 116 -26.12 23.62 -12.96
CA LYS C 116 -26.41 24.43 -11.79
C LYS C 116 -27.88 24.32 -11.42
N VAL C 117 -28.19 24.26 -10.12
CA VAL C 117 -29.58 24.13 -9.68
C VAL C 117 -30.41 25.30 -10.18
N GLU C 118 -29.75 26.44 -10.42
CA GLU C 118 -30.46 27.62 -10.90
C GLU C 118 -30.84 27.50 -12.39
N GLU C 119 -30.16 26.64 -13.14
CA GLU C 119 -30.35 26.59 -14.59
C GLU C 119 -31.00 25.29 -15.09
N VAL C 120 -30.82 24.18 -14.38
CA VAL C 120 -31.39 22.92 -14.84
C VAL C 120 -32.90 22.91 -14.61
N SER C 121 -33.58 21.96 -15.25
CA SER C 121 -35.02 21.77 -15.06
C SER C 121 -35.38 20.41 -14.45
N LEU C 122 -36.30 20.42 -13.47
CA LEU C 122 -36.82 19.19 -12.89
C LEU C 122 -38.26 18.95 -13.37
N PRO C 123 -38.63 17.69 -13.66
CA PRO C 123 -40.02 17.49 -14.10
C PRO C 123 -41.05 17.58 -12.98
N GLU C 124 -40.70 17.15 -11.77
CA GLU C 124 -41.66 17.15 -10.66
C GLU C 124 -41.30 18.14 -9.58
N GLN C 125 -42.25 18.43 -8.71
CA GLN C 125 -41.98 19.14 -7.46
C GLN C 125 -41.59 18.06 -6.46
N VAL C 126 -40.87 18.43 -5.41
CA VAL C 126 -40.33 17.43 -4.49
C VAL C 126 -40.91 17.57 -3.09
N ASP C 127 -40.84 16.49 -2.31
CA ASP C 127 -41.31 16.49 -0.94
C ASP C 127 -40.26 17.05 -0.01
N ILE C 128 -38.99 16.79 -0.32
CA ILE C 128 -37.91 17.23 0.55
C ILE C 128 -36.62 17.56 -0.21
N ILE C 129 -35.96 18.61 0.25
CA ILE C 129 -34.67 18.98 -0.30
C ILE C 129 -33.56 18.65 0.69
N ILE C 130 -32.53 17.96 0.20
CA ILE C 130 -31.33 17.72 0.98
C ILE C 130 -30.13 18.38 0.32
N SER C 131 -29.22 18.87 1.15
CA SER C 131 -28.00 19.49 0.67
C SER C 131 -26.99 19.67 1.82
N GLU C 132 -25.75 19.97 1.44
CA GLU C 132 -24.72 20.35 2.39
C GLU C 132 -24.09 21.65 1.90
N PRO C 133 -24.76 22.78 2.14
CA PRO C 133 -24.37 24.07 1.58
C PRO C 133 -23.52 24.96 2.51
N MET C 134 -23.10 24.44 3.66
CA MET C 134 -22.37 25.24 4.63
C MET C 134 -20.88 25.41 4.27
N GLY C 135 -20.37 26.62 4.53
CA GLY C 135 -18.95 26.89 4.42
C GLY C 135 -18.43 27.50 5.72
N TYR C 136 -17.20 27.99 5.71
CA TYR C 136 -16.65 28.68 6.87
C TYR C 136 -17.67 29.71 7.37
N MET C 137 -17.80 29.87 8.68
CA MET C 137 -18.81 30.76 9.25
C MET C 137 -20.19 30.52 8.65
N LEU C 138 -20.48 29.29 8.26
CA LEU C 138 -21.75 28.94 7.64
C LEU C 138 -21.92 29.52 6.23
N PHE C 139 -21.76 30.85 6.11
CA PHE C 139 -22.14 31.56 4.89
C PHE C 139 -21.12 31.52 3.75
N ASN C 140 -19.85 31.23 4.05
CA ASN C 140 -18.82 31.29 3.02
C ASN C 140 -19.18 30.37 1.85
N GLU C 141 -18.79 30.79 0.65
CA GLU C 141 -19.06 30.08 -0.60
C GLU C 141 -20.46 30.38 -1.15
N ARG C 142 -21.35 30.92 -0.32
CA ARG C 142 -22.66 31.36 -0.80
C ARG C 142 -23.43 30.26 -1.55
N MET C 143 -23.41 29.06 -0.98
CA MET C 143 -24.21 27.96 -1.53
C MET C 143 -25.61 27.92 -0.93
N LEU C 144 -25.81 28.53 0.24
CA LEU C 144 -27.15 28.56 0.84
C LEU C 144 -28.16 29.25 -0.07
N GLU C 145 -27.70 30.25 -0.82
CA GLU C 145 -28.56 30.92 -1.77
C GLU C 145 -29.06 29.97 -2.85
N SER C 146 -28.18 29.09 -3.34
CA SER C 146 -28.59 28.09 -4.31
C SER C 146 -29.60 27.15 -3.64
N TYR C 147 -29.27 26.77 -2.41
CA TYR C 147 -30.10 25.89 -1.60
C TYR C 147 -31.51 26.46 -1.43
N LEU C 148 -31.59 27.75 -1.10
CA LEU C 148 -32.88 28.42 -0.93
C LEU C 148 -33.57 28.60 -2.28
N HIS C 149 -32.78 28.91 -3.31
CA HIS C 149 -33.28 29.03 -4.67
C HIS C 149 -34.00 27.74 -5.06
N ALA C 150 -33.42 26.60 -4.69
CA ALA C 150 -34.03 25.31 -4.99
C ALA C 150 -35.45 25.14 -4.44
N LYS C 151 -35.90 26.01 -3.53
CA LYS C 151 -37.25 25.87 -3.00
C LYS C 151 -38.33 26.12 -4.06
N LYS C 152 -37.94 26.65 -5.21
CA LYS C 152 -38.90 26.79 -6.31
C LYS C 152 -39.41 25.41 -6.76
N TYR C 153 -38.66 24.36 -6.43
CA TYR C 153 -39.07 22.99 -6.75
C TYR C 153 -39.71 22.26 -5.56
N LEU C 154 -39.88 22.96 -4.44
CA LEU C 154 -40.42 22.34 -3.22
C LEU C 154 -41.94 22.42 -3.15
N LYS C 155 -42.59 21.29 -2.88
CA LYS C 155 -44.03 21.27 -2.63
C LYS C 155 -44.35 22.08 -1.38
N PRO C 156 -45.55 22.68 -1.32
CA PRO C 156 -45.88 23.39 -0.08
C PRO C 156 -45.86 22.43 1.10
N SER C 157 -45.37 22.89 2.25
CA SER C 157 -45.27 22.08 3.46
C SER C 157 -44.17 21.03 3.31
N GLY C 158 -43.36 21.16 2.27
CA GLY C 158 -42.24 20.25 2.02
C GLY C 158 -41.14 20.59 3.00
N ASN C 159 -40.14 19.71 3.15
CA ASN C 159 -39.10 19.95 4.15
C ASN C 159 -37.71 20.26 3.57
N MET C 160 -36.86 20.78 4.47
CA MET C 160 -35.50 21.16 4.15
C MET C 160 -34.55 20.46 5.11
N PHE C 161 -33.55 19.79 4.57
CA PHE C 161 -32.53 19.09 5.35
C PHE C 161 -31.13 19.56 4.95
N PRO C 162 -30.50 20.42 5.77
CA PRO C 162 -30.89 20.97 7.08
C PRO C 162 -32.04 21.97 7.02
N THR C 163 -32.75 22.08 8.13
CA THR C 163 -33.93 22.93 8.21
C THR C 163 -33.55 24.34 8.69
N ILE C 164 -32.68 24.42 9.70
CA ILE C 164 -32.21 25.71 10.18
C ILE C 164 -30.70 25.70 10.35
N GLY C 165 -30.11 26.90 10.27
CA GLY C 165 -28.70 27.09 10.51
C GLY C 165 -28.43 28.19 11.53
N ASP C 166 -27.62 27.87 12.54
CA ASP C 166 -27.25 28.83 13.58
C ASP C 166 -25.78 29.24 13.47
N VAL C 167 -25.53 30.53 13.28
CA VAL C 167 -24.14 31.01 13.38
C VAL C 167 -23.91 31.58 14.78
N HIS C 168 -22.83 31.13 15.41
CA HIS C 168 -22.42 31.62 16.72
C HIS C 168 -21.19 32.50 16.65
N LEU C 169 -21.23 33.62 17.36
CA LEU C 169 -20.03 34.46 17.52
C LEU C 169 -19.78 34.79 19.00
N ALA C 170 -18.50 34.86 19.37
CA ALA C 170 -18.12 35.25 20.74
C ALA C 170 -16.78 36.00 20.76
N PRO C 171 -16.61 36.95 21.71
CA PRO C 171 -15.32 37.65 21.75
C PRO C 171 -14.21 36.77 22.30
N PHE C 172 -12.97 36.93 21.83
CA PHE C 172 -11.86 36.13 22.36
C PHE C 172 -10.64 36.97 22.72
N THR C 173 -9.75 36.38 23.51
CA THR C 173 -8.43 36.96 23.79
C THR C 173 -7.35 35.96 23.38
N ASP C 174 -6.40 36.42 22.58
CA ASP C 174 -5.29 35.59 22.12
C ASP C 174 -4.15 36.52 21.72
N GLU C 175 -3.36 36.88 22.72
CA GLU C 175 -2.30 37.86 22.55
C GLU C 175 -1.30 37.43 21.47
N GLN C 176 -0.94 36.14 21.48
CA GLN C 176 0.01 35.59 20.51
C GLN C 176 -0.50 35.70 19.07
N LEU C 177 -1.76 35.36 18.84
CA LEU C 177 -2.34 35.48 17.51
C LEU C 177 -2.26 36.93 17.07
N TYR C 178 -2.66 37.83 17.96
CA TYR C 178 -2.62 39.26 17.66
C TYR C 178 -1.21 39.74 17.30
N MET C 179 -0.23 39.42 18.14
CA MET C 179 1.14 39.91 17.94
C MET C 179 1.81 39.28 16.72
N GLU C 180 1.41 38.05 16.41
CA GLU C 180 1.88 37.36 15.21
C GLU C 180 1.75 38.22 13.93
N GLN C 181 0.67 38.99 13.84
CA GLN C 181 0.42 39.77 12.64
C GLN C 181 1.52 40.81 12.46
N PHE C 182 1.89 41.46 13.55
CA PHE C 182 2.94 42.47 13.53
C PHE C 182 4.29 41.81 13.34
N THR C 183 4.49 40.66 13.96
CA THR C 183 5.73 39.94 13.74
C THR C 183 5.90 39.67 12.25
N LYS C 184 4.84 39.20 11.59
CA LYS C 184 4.93 38.97 10.14
C LYS C 184 5.09 40.26 9.34
N ALA C 185 4.30 41.27 9.66
CA ALA C 185 4.37 42.53 8.92
C ALA C 185 5.70 43.25 9.12
N ASN C 186 6.34 43.06 10.27
CA ASN C 186 7.59 43.77 10.55
C ASN C 186 8.75 43.32 9.67
N PHE C 187 8.55 42.27 8.88
CA PHE C 187 9.51 41.95 7.83
C PHE C 187 9.79 43.19 6.99
N TRP C 188 8.76 43.98 6.73
CA TRP C 188 8.93 45.14 5.88
C TRP C 188 9.52 46.32 6.62
N TYR C 189 9.67 46.21 7.94
CA TYR C 189 10.19 47.34 8.69
C TYR C 189 11.69 47.19 8.93
N GLN C 190 12.46 47.35 7.85
CA GLN C 190 13.91 47.27 7.93
C GLN C 190 14.49 48.16 6.83
N PRO C 191 15.51 48.95 7.17
CA PRO C 191 16.04 49.97 6.26
C PRO C 191 17.01 49.46 5.19
N SER C 192 17.46 48.22 5.27
CA SER C 192 18.40 47.72 4.27
C SER C 192 18.25 46.23 4.05
N PHE C 193 17.10 45.85 3.52
CA PHE C 193 16.90 44.49 3.04
C PHE C 193 17.67 44.35 1.73
N HIS C 194 18.81 43.70 1.77
CA HIS C 194 19.68 43.60 0.61
C HIS C 194 19.91 44.97 -0.01
N GLY C 195 20.07 45.98 0.84
CA GLY C 195 20.31 47.35 0.38
C GLY C 195 19.06 48.16 0.13
N VAL C 196 17.90 47.55 0.29
CA VAL C 196 16.63 48.24 0.02
C VAL C 196 15.87 48.58 1.30
N ASP C 197 15.34 49.79 1.35
CA ASP C 197 14.53 50.24 2.48
C ASP C 197 13.08 49.85 2.20
N LEU C 198 12.58 48.89 2.97
CA LEU C 198 11.23 48.33 2.76
C LEU C 198 10.18 49.01 3.63
N SER C 199 10.61 49.88 4.55
CA SER C 199 9.76 50.35 5.63
C SER C 199 8.42 50.94 5.19
N ALA C 200 8.43 51.61 4.05
CA ALA C 200 7.24 52.32 3.57
C ALA C 200 6.05 51.40 3.34
N LEU C 201 6.28 50.10 3.22
CA LEU C 201 5.19 49.16 2.98
C LEU C 201 4.72 48.46 4.25
N ARG C 202 5.29 48.79 5.40
CA ARG C 202 4.92 48.05 6.62
C ARG C 202 3.44 48.22 6.96
N GLY C 203 2.92 49.44 6.87
CA GLY C 203 1.52 49.71 7.14
C GLY C 203 0.59 48.91 6.25
N ALA C 204 0.92 48.85 4.96
CA ALA C 204 0.12 48.12 3.99
C ALA C 204 0.12 46.63 4.32
N ALA C 205 1.27 46.13 4.77
CA ALA C 205 1.39 44.72 5.11
C ALA C 205 0.53 44.39 6.33
N VAL C 206 0.54 45.28 7.32
CA VAL C 206 -0.27 45.09 8.52
C VAL C 206 -1.77 45.03 8.19
N ASP C 207 -2.25 45.98 7.39
CA ASP C 207 -3.66 46.01 6.98
C ASP C 207 -4.05 44.71 6.26
N GLU C 208 -3.18 44.22 5.40
CA GLU C 208 -3.44 43.01 4.64
C GLU C 208 -3.66 41.80 5.55
N TYR C 209 -2.81 41.61 6.55
CA TYR C 209 -2.94 40.45 7.42
C TYR C 209 -4.22 40.51 8.23
N PHE C 210 -4.61 41.70 8.67
CA PHE C 210 -5.79 41.87 9.51
C PHE C 210 -7.10 41.80 8.74
N ARG C 211 -7.01 41.81 7.41
CA ARG C 211 -8.18 41.63 6.57
C ARG C 211 -8.53 40.15 6.39
N GLN C 212 -7.61 39.28 6.81
CA GLN C 212 -7.79 37.83 6.66
C GLN C 212 -8.46 37.19 7.87
N PRO C 213 -9.64 36.57 7.68
CA PRO C 213 -10.14 35.76 8.79
C PRO C 213 -9.21 34.57 9.03
N VAL C 214 -9.04 34.19 10.30
CA VAL C 214 -8.12 33.12 10.68
C VAL C 214 -8.88 31.81 10.87
N VAL C 215 -8.58 30.83 10.03
CA VAL C 215 -9.21 29.52 10.11
C VAL C 215 -8.32 28.58 10.91
N ASP C 216 -8.83 28.14 12.05
CA ASP C 216 -8.17 27.11 12.84
C ASP C 216 -9.04 26.87 14.08
N THR C 217 -8.48 26.16 15.06
CA THR C 217 -9.19 25.92 16.31
C THR C 217 -8.45 26.60 17.45
N PHE C 218 -9.00 26.47 18.64
CA PHE C 218 -8.45 27.13 19.82
C PHE C 218 -9.03 26.53 21.08
N ASP C 219 -8.40 26.83 22.21
CA ASP C 219 -8.92 26.40 23.50
C ASP C 219 -10.12 27.26 23.87
N ILE C 220 -11.19 26.64 24.35
CA ILE C 220 -12.41 27.37 24.66
C ILE C 220 -12.20 28.38 25.79
N ARG C 221 -11.10 28.26 26.52
CA ARG C 221 -10.82 29.20 27.60
C ARG C 221 -10.42 30.59 27.09
N ILE C 222 -10.15 30.75 25.80
CA ILE C 222 -9.85 32.08 25.27
C ILE C 222 -11.15 32.86 25.02
N LEU C 223 -12.29 32.18 25.03
CA LEU C 223 -13.56 32.85 24.79
C LEU C 223 -13.97 33.66 26.02
N MET C 224 -14.39 34.90 25.80
CA MET C 224 -14.62 35.84 26.90
C MET C 224 -16.10 36.04 27.27
N ALA C 225 -17.01 35.45 26.51
CA ALA C 225 -18.44 35.59 26.79
C ALA C 225 -19.23 34.49 26.08
N LYS C 226 -20.43 34.22 26.58
CA LYS C 226 -21.29 33.23 25.92
C LYS C 226 -21.59 33.73 24.51
N SER C 227 -21.64 32.80 23.56
CA SER C 227 -21.81 33.17 22.16
C SER C 227 -23.18 33.77 21.92
N VAL C 228 -23.26 34.60 20.88
CA VAL C 228 -24.54 35.12 20.43
C VAL C 228 -24.85 34.34 19.15
N LYS C 229 -26.13 34.01 19.01
CA LYS C 229 -26.63 33.15 17.94
C LYS C 229 -27.45 33.95 16.93
N TYR C 230 -27.20 33.72 15.65
CA TYR C 230 -28.02 34.27 14.59
C TYR C 230 -28.55 33.10 13.76
N THR C 231 -29.87 33.01 13.70
CA THR C 231 -30.54 31.85 13.13
C THR C 231 -31.10 32.17 11.75
N VAL C 232 -30.84 31.27 10.82
CA VAL C 232 -31.44 31.31 9.50
C VAL C 232 -32.35 30.09 9.39
N ASN C 233 -33.64 30.33 9.20
CA ASN C 233 -34.59 29.24 9.04
C ASN C 233 -34.81 28.99 7.56
N PHE C 234 -34.28 27.88 7.07
CA PHE C 234 -34.25 27.60 5.64
C PHE C 234 -35.65 27.35 5.07
N LEU C 235 -36.59 26.98 5.94
CA LEU C 235 -37.97 26.83 5.53
C LEU C 235 -38.63 28.19 5.25
N GLU C 236 -38.23 29.21 6.02
CA GLU C 236 -38.88 30.52 5.94
C GLU C 236 -38.12 31.54 5.10
N ALA C 237 -36.80 31.51 5.21
CA ALA C 237 -35.93 32.50 4.56
C ALA C 237 -36.01 32.48 3.04
N LYS C 238 -35.81 33.65 2.45
CA LYS C 238 -35.62 33.74 1.01
C LYS C 238 -34.16 33.98 0.66
N GLU C 239 -33.82 33.62 -0.57
CA GLU C 239 -32.50 33.78 -1.11
C GLU C 239 -31.98 35.18 -0.80
N GLY C 240 -32.81 36.19 -1.07
CA GLY C 240 -32.42 37.58 -0.89
C GLY C 240 -31.97 37.92 0.51
N ASP C 241 -32.47 37.20 1.50
CA ASP C 241 -32.07 37.42 2.88
C ASP C 241 -30.57 37.26 3.07
N LEU C 242 -29.92 36.47 2.20
CA LEU C 242 -28.50 36.17 2.42
C LEU C 242 -27.55 37.10 1.68
N HIS C 243 -28.08 38.16 1.06
CA HIS C 243 -27.24 39.14 0.36
C HIS C 243 -26.67 40.16 1.34
N ARG C 244 -27.41 40.38 2.43
CA ARG C 244 -27.01 41.28 3.49
C ARG C 244 -27.39 40.66 4.81
N ILE C 245 -26.40 40.29 5.61
CA ILE C 245 -26.69 39.64 6.88
C ILE C 245 -26.20 40.56 7.98
N GLU C 246 -27.14 41.07 8.77
CA GLU C 246 -26.81 41.94 9.89
C GLU C 246 -26.96 41.15 11.17
N ILE C 247 -25.84 40.98 11.86
CA ILE C 247 -25.81 40.21 13.08
C ILE C 247 -25.48 41.15 14.22
N PRO C 248 -26.51 41.63 14.93
CA PRO C 248 -26.20 42.47 16.08
C PRO C 248 -25.69 41.63 17.23
N PHE C 249 -24.89 42.22 18.11
CA PHE C 249 -24.45 41.47 19.28
C PHE C 249 -24.26 42.36 20.49
N LYS C 250 -24.53 41.74 21.63
CA LYS C 250 -24.40 42.35 22.93
C LYS C 250 -23.86 41.28 23.87
N PHE C 251 -22.57 41.37 24.18
CA PHE C 251 -21.93 40.37 25.03
C PHE C 251 -21.83 40.84 26.46
N HIS C 252 -22.13 39.93 27.36
CA HIS C 252 -21.97 40.15 28.79
C HIS C 252 -20.67 39.45 29.17
N MET C 253 -19.64 40.26 29.41
CA MET C 253 -18.28 39.74 29.59
C MET C 253 -18.19 38.87 30.83
N LEU C 254 -17.65 37.66 30.66
CA LEU C 254 -17.53 36.72 31.76
C LEU C 254 -16.12 36.76 32.37
N HIS C 255 -15.16 37.20 31.57
CA HIS C 255 -13.77 37.32 32.02
C HIS C 255 -13.26 38.71 31.69
N SER C 256 -12.36 39.23 32.52
CA SER C 256 -11.75 40.52 32.26
C SER C 256 -10.49 40.35 31.42
N GLY C 257 -10.22 41.30 30.53
CA GLY C 257 -9.02 41.25 29.72
C GLY C 257 -9.08 42.01 28.41
N LEU C 258 -8.12 41.75 27.53
CA LEU C 258 -8.07 42.40 26.23
C LEU C 258 -8.82 41.55 25.21
N VAL C 259 -9.76 42.18 24.52
CA VAL C 259 -10.54 41.51 23.47
C VAL C 259 -9.88 41.82 22.13
N HIS C 260 -9.36 40.76 21.51
CA HIS C 260 -8.61 40.88 20.26
C HIS C 260 -9.48 40.65 19.02
N GLY C 261 -10.71 40.17 19.22
CA GLY C 261 -11.61 39.94 18.10
C GLY C 261 -12.76 39.00 18.39
N LEU C 262 -13.38 38.52 17.31
CA LEU C 262 -14.54 37.64 17.41
C LEU C 262 -14.28 36.26 16.81
N ALA C 263 -14.70 35.23 17.54
CA ALA C 263 -14.67 33.87 17.06
C ALA C 263 -16.04 33.47 16.55
N PHE C 264 -16.03 32.70 15.46
CA PHE C 264 -17.22 32.27 14.72
C PHE C 264 -17.25 30.77 14.54
N TRP C 265 -18.43 30.21 14.74
CA TRP C 265 -18.72 28.82 14.34
C TRP C 265 -20.20 28.68 14.01
N PHE C 266 -20.64 27.47 13.66
CA PHE C 266 -22.05 27.28 13.31
C PHE C 266 -22.58 25.88 13.62
N ASP C 267 -23.90 25.80 13.77
CA ASP C 267 -24.63 24.55 13.93
C ASP C 267 -25.69 24.47 12.84
N VAL C 268 -26.03 23.26 12.39
CA VAL C 268 -27.24 23.10 11.58
C VAL C 268 -28.15 22.03 12.18
N ALA C 269 -29.45 22.20 11.99
CA ALA C 269 -30.43 21.23 12.50
C ALA C 269 -31.22 20.57 11.39
N PHE C 270 -31.36 19.26 11.52
CA PHE C 270 -32.23 18.47 10.65
C PHE C 270 -33.49 18.15 11.43
N ILE C 271 -34.54 18.93 11.16
CA ILE C 271 -35.81 18.82 11.87
C ILE C 271 -36.76 17.89 11.11
N GLY C 272 -36.71 16.61 11.46
CA GLY C 272 -37.54 15.59 10.82
C GLY C 272 -38.82 15.30 11.59
N SER C 273 -39.62 14.39 11.05
CA SER C 273 -40.90 14.05 11.65
C SER C 273 -40.73 13.25 12.94
N ILE C 274 -39.65 12.47 13.02
CA ILE C 274 -39.40 11.62 14.18
C ILE C 274 -38.52 12.30 15.22
N MET C 275 -37.46 12.96 14.77
CA MET C 275 -36.54 13.62 15.70
C MET C 275 -35.73 14.72 15.01
N THR C 276 -35.13 15.58 15.83
CA THR C 276 -34.26 16.64 15.31
C THR C 276 -32.81 16.22 15.55
N VAL C 277 -31.99 16.28 14.51
CA VAL C 277 -30.58 15.90 14.62
C VAL C 277 -29.68 17.12 14.41
N TRP C 278 -28.67 17.25 15.25
CA TRP C 278 -27.77 18.40 15.18
C TRP C 278 -26.38 18.09 14.65
N LEU C 279 -25.89 18.98 13.79
CA LEU C 279 -24.49 18.95 13.38
C LEU C 279 -23.82 20.24 13.85
N SER C 280 -22.85 20.10 14.76
CA SER C 280 -22.17 21.26 15.35
C SER C 280 -20.69 21.33 14.97
N THR C 281 -20.21 22.55 14.74
CA THR C 281 -18.79 22.79 14.50
C THR C 281 -18.21 23.66 15.62
N ALA C 282 -18.84 23.59 16.79
CA ALA C 282 -18.42 24.39 17.95
C ALA C 282 -17.07 23.91 18.47
N PRO C 283 -16.30 24.82 19.11
CA PRO C 283 -14.97 24.46 19.65
C PRO C 283 -15.06 23.51 20.85
N THR C 284 -16.25 23.33 21.39
CA THR C 284 -16.49 22.36 22.46
C THR C 284 -16.75 20.96 21.90
N GLU C 285 -16.82 20.84 20.57
CA GLU C 285 -17.13 19.59 19.92
C GLU C 285 -15.91 19.09 19.15
N PRO C 286 -15.90 17.79 18.77
CA PRO C 286 -14.78 17.34 17.95
C PRO C 286 -14.65 18.15 16.67
N LEU C 287 -13.42 18.36 16.24
CA LEU C 287 -13.11 19.23 15.11
C LEU C 287 -13.66 18.68 13.79
N THR C 288 -14.09 19.59 12.92
CA THR C 288 -14.56 19.24 11.58
C THR C 288 -13.68 19.95 10.54
N HIS C 289 -13.92 19.65 9.26
N HIS C 289 -13.88 19.67 9.26
CA HIS C 289 -13.18 20.28 8.18
CA HIS C 289 -13.08 20.32 8.24
C HIS C 289 -13.55 21.76 8.02
C HIS C 289 -13.47 21.81 8.11
N TRP C 290 -14.51 22.22 8.82
CA TRP C 290 -14.86 23.65 8.89
C TRP C 290 -14.06 24.39 9.96
N TYR C 291 -13.45 23.66 10.88
CA TYR C 291 -12.66 24.23 11.99
C TYR C 291 -13.44 25.36 12.68
N GLN C 292 -12.77 26.44 13.08
CA GLN C 292 -13.48 27.65 13.45
C GLN C 292 -12.81 28.88 12.84
N VAL C 293 -13.53 30.00 12.84
CA VAL C 293 -13.01 31.20 12.20
C VAL C 293 -12.88 32.34 13.21
N ARG C 294 -11.75 33.03 13.20
CA ARG C 294 -11.60 34.21 14.05
C ARG C 294 -11.30 35.45 13.23
N CYS C 295 -12.03 36.52 13.53
CA CYS C 295 -11.76 37.83 12.94
C CYS C 295 -11.15 38.73 14.00
N LEU C 296 -9.97 39.26 13.71
CA LEU C 296 -9.22 40.09 14.64
C LEU C 296 -9.63 41.56 14.58
N PHE C 297 -9.57 42.21 15.74
CA PHE C 297 -9.68 43.67 15.79
C PHE C 297 -8.27 44.21 15.59
N GLN C 298 -8.06 45.18 14.68
CA GLN C 298 -6.71 45.71 14.53
C GLN C 298 -6.33 46.49 15.78
N SER C 299 -7.33 46.98 16.52
CA SER C 299 -7.09 47.63 17.80
C SER C 299 -7.89 46.90 18.88
N PRO C 300 -7.19 46.28 19.85
CA PRO C 300 -7.93 45.51 20.87
C PRO C 300 -8.72 46.36 21.83
N LEU C 301 -9.73 45.77 22.46
CA LEU C 301 -10.56 46.51 23.43
C LEU C 301 -10.43 45.93 24.84
N PHE C 302 -10.15 46.76 25.84
CA PHE C 302 -10.15 46.24 27.21
C PHE C 302 -11.56 46.13 27.73
N ALA C 303 -11.83 45.02 28.42
CA ALA C 303 -13.13 44.82 29.02
C ALA C 303 -13.01 44.20 30.40
N LYS C 304 -13.97 44.56 31.26
CA LYS C 304 -14.03 44.03 32.61
C LYS C 304 -15.08 42.95 32.64
N ALA C 305 -14.96 41.99 33.55
CA ALA C 305 -16.03 41.02 33.73
C ALA C 305 -17.27 41.82 34.13
N GLY C 306 -18.38 41.58 33.45
CA GLY C 306 -19.61 42.32 33.72
C GLY C 306 -19.92 43.45 32.76
N ASP C 307 -18.90 43.96 32.07
CA ASP C 307 -19.11 45.00 31.05
C ASP C 307 -19.93 44.45 29.89
N THR C 308 -20.37 45.35 29.02
CA THR C 308 -21.13 44.95 27.85
C THR C 308 -20.33 45.27 26.60
N LEU C 309 -20.15 44.29 25.72
CA LEU C 309 -19.47 44.54 24.45
C LEU C 309 -20.54 44.47 23.37
N SER C 310 -20.89 45.62 22.80
CA SER C 310 -22.00 45.67 21.87
C SER C 310 -21.54 46.12 20.51
N GLY C 311 -22.27 45.69 19.49
CA GLY C 311 -21.96 46.13 18.15
C GLY C 311 -22.65 45.28 17.11
N THR C 312 -22.09 45.27 15.91
CA THR C 312 -22.71 44.50 14.84
C THR C 312 -21.67 43.90 13.93
N CYS C 313 -22.02 42.74 13.40
CA CYS C 313 -21.25 42.08 12.37
C CYS C 313 -22.11 42.06 11.13
N LEU C 314 -21.63 42.72 10.08
CA LEU C 314 -22.39 42.88 8.86
C LEU C 314 -21.69 42.16 7.72
N LEU C 315 -22.38 41.19 7.13
CA LEU C 315 -21.86 40.43 6.02
C LEU C 315 -22.53 40.90 4.75
N ILE C 316 -21.70 41.35 3.81
CA ILE C 316 -22.20 41.89 2.56
C ILE C 316 -21.69 41.06 1.39
N ALA C 317 -22.62 40.46 0.67
CA ALA C 317 -22.30 39.61 -0.47
C ALA C 317 -21.57 40.38 -1.57
N ASN C 318 -20.51 39.76 -2.08
CA ASN C 318 -19.70 40.30 -3.18
C ASN C 318 -19.78 39.37 -4.38
N LYS C 319 -19.08 39.72 -5.46
CA LYS C 319 -19.16 38.91 -6.67
C LYS C 319 -18.22 37.71 -6.62
N ARG C 320 -17.49 37.55 -5.52
CA ARG C 320 -16.45 36.51 -5.46
C ARG C 320 -16.90 35.31 -4.66
N GLN C 321 -18.18 34.98 -4.84
CA GLN C 321 -18.79 33.83 -4.19
C GLN C 321 -18.58 33.90 -2.69
N SER C 322 -18.44 35.11 -2.14
CA SER C 322 -18.19 35.26 -0.70
C SER C 322 -18.74 36.55 -0.11
N TYR C 323 -18.23 36.92 1.07
CA TYR C 323 -18.70 38.10 1.80
C TYR C 323 -17.59 39.05 2.22
N ASP C 324 -17.93 40.34 2.22
CA ASP C 324 -17.18 41.36 2.94
C ASP C 324 -17.74 41.47 4.35
N ILE C 325 -16.87 41.36 5.35
CA ILE C 325 -17.30 41.34 6.75
C ILE C 325 -16.96 42.67 7.36
N SER C 326 -17.94 43.34 7.94
CA SER C 326 -17.67 44.56 8.67
C SER C 326 -18.05 44.33 10.12
N ILE C 327 -17.11 44.55 11.01
CA ILE C 327 -17.36 44.36 12.44
C ILE C 327 -17.13 45.66 13.16
N VAL C 328 -18.17 46.10 13.87
CA VAL C 328 -18.06 47.28 14.71
C VAL C 328 -18.39 46.83 16.11
N ALA C 329 -17.46 47.09 17.03
CA ALA C 329 -17.61 46.68 18.41
C ALA C 329 -17.27 47.80 19.36
N GLN C 330 -17.99 47.85 20.47
CA GLN C 330 -17.76 48.85 21.52
C GLN C 330 -17.99 48.30 22.92
N VAL C 331 -17.17 48.77 23.86
CA VAL C 331 -17.42 48.53 25.28
C VAL C 331 -18.29 49.69 25.78
N ASP C 332 -19.53 49.40 26.13
CA ASP C 332 -20.49 50.47 26.42
C ASP C 332 -20.09 51.29 27.65
N GLN C 333 -19.50 50.63 28.65
CA GLN C 333 -19.18 51.31 29.91
C GLN C 333 -18.05 52.32 29.76
N THR C 334 -17.14 52.08 28.83
CA THR C 334 -15.99 52.97 28.63
C THR C 334 -16.05 53.72 27.32
N GLY C 335 -16.88 53.25 26.41
CA GLY C 335 -16.98 53.84 25.10
C GLY C 335 -15.83 53.56 24.16
N SER C 336 -14.97 52.61 24.54
CA SER C 336 -13.85 52.24 23.67
C SER C 336 -14.33 51.46 22.45
N LYS C 337 -14.03 51.98 21.27
CA LYS C 337 -14.55 51.40 20.03
C LYS C 337 -13.48 50.82 19.12
N SER C 338 -13.83 49.74 18.43
CA SER C 338 -12.97 49.19 17.39
C SER C 338 -13.77 48.71 16.16
N SER C 339 -13.23 49.03 14.98
CA SER C 339 -13.82 48.65 13.70
C SER C 339 -12.90 47.80 12.82
N ASN C 340 -13.47 46.83 12.11
CA ASN C 340 -12.68 46.02 11.18
C ASN C 340 -13.43 45.64 9.92
N LEU C 341 -12.66 45.60 8.82
CA LEU C 341 -13.17 45.19 7.54
C LEU C 341 -12.39 43.96 7.10
N LEU C 342 -13.09 42.90 6.73
CA LEU C 342 -12.46 41.63 6.35
C LEU C 342 -13.00 41.02 5.07
N ASP C 343 -12.12 40.26 4.44
CA ASP C 343 -12.42 39.55 3.22
C ASP C 343 -12.46 38.05 3.45
N LEU C 344 -13.66 37.48 3.56
CA LEU C 344 -13.83 36.06 3.87
C LEU C 344 -13.39 35.09 2.76
N LYS C 345 -13.27 35.61 1.54
CA LYS C 345 -12.84 34.79 0.41
C LYS C 345 -11.32 34.52 0.42
N ASN C 346 -10.57 35.27 1.23
CA ASN C 346 -9.11 35.11 1.32
C ASN C 346 -8.69 34.86 2.76
N PRO C 347 -9.17 33.76 3.37
CA PRO C 347 -8.83 33.48 4.76
C PRO C 347 -7.43 32.90 4.91
N PHE C 348 -6.85 33.04 6.10
CA PHE C 348 -5.55 32.46 6.39
C PHE C 348 -5.71 31.13 7.13
N PHE C 349 -5.30 30.03 6.51
CA PHE C 349 -5.39 28.72 7.16
C PHE C 349 -4.21 28.49 8.10
N ARG C 350 -4.47 28.64 9.39
CA ARG C 350 -3.42 28.64 10.42
C ARG C 350 -3.27 27.31 11.16
N TYR C 351 -4.28 26.44 11.08
CA TYR C 351 -4.30 25.16 11.82
C TYR C 351 -3.04 24.32 11.60
N THR C 352 -2.48 23.80 12.70
CA THR C 352 -1.24 23.04 12.64
C THR C 352 -1.34 21.62 13.24
N GLY C 353 -2.38 21.34 14.01
CA GLY C 353 -2.54 20.04 14.64
C GLY C 353 -2.13 20.02 16.10
N THR C 354 -1.38 21.02 16.52
CA THR C 354 -0.89 21.11 17.90
C THR C 354 -2.04 21.35 18.85
N THR C 355 -2.00 20.71 20.01
CA THR C 355 -3.03 20.89 21.03
C THR C 355 -3.08 22.38 21.40
N PRO C 356 -4.26 23.01 21.27
CA PRO C 356 -4.31 24.44 21.64
C PRO C 356 -4.09 24.68 23.13
N SER C 357 -3.23 25.65 23.45
CA SER C 357 -2.93 25.97 24.84
C SER C 357 -3.96 26.94 25.41
N PRO C 358 -4.31 26.78 26.70
CA PRO C 358 -5.22 27.75 27.31
C PRO C 358 -4.47 29.03 27.62
N PRO C 359 -5.20 30.14 27.82
CA PRO C 359 -4.48 31.39 28.13
C PRO C 359 -3.65 31.24 29.40
N PRO C 360 -2.54 31.99 29.51
CA PRO C 360 -1.76 31.94 30.75
C PRO C 360 -2.56 32.55 31.91
N GLY C 361 -2.36 32.05 33.12
CA GLY C 361 -3.15 32.52 34.25
C GLY C 361 -4.50 31.84 34.37
N SER C 362 -4.59 30.61 33.87
CA SER C 362 -5.81 29.83 33.95
C SER C 362 -5.84 28.94 35.20
N HIS C 363 -4.77 29.00 35.98
CA HIS C 363 -4.66 28.20 37.21
C HIS C 363 -5.24 28.96 38.40
N TYR C 364 -6.30 28.41 38.99
CA TYR C 364 -6.93 29.03 40.16
C TYR C 364 -6.43 28.35 41.44
N THR C 365 -5.96 27.11 41.30
CA THR C 365 -5.31 26.39 42.40
C THR C 365 -3.87 26.03 42.03
N SER C 366 -3.03 25.83 43.04
CA SER C 366 -1.60 25.57 42.83
C SER C 366 -1.36 24.38 41.88
N PRO C 367 -0.64 24.61 40.78
CA PRO C 367 -0.33 23.48 39.87
C PRO C 367 0.57 22.42 40.49
N SER C 368 1.37 22.79 41.48
CA SER C 368 2.27 21.84 42.13
C SER C 368 1.59 21.06 43.25
N SER D 20 -8.11 33.26 -14.86
CA SER D 20 -6.99 32.34 -14.72
C SER D 20 -5.71 33.16 -14.76
N ALA D 21 -5.64 34.08 -15.72
CA ALA D 21 -4.57 35.06 -15.75
C ALA D 21 -4.87 36.05 -14.62
N VAL D 22 -6.17 36.29 -14.46
CA VAL D 22 -6.70 37.13 -13.39
C VAL D 22 -6.28 36.54 -12.06
N GLN D 23 -6.50 35.23 -11.89
CA GLN D 23 -6.13 34.55 -10.65
C GLN D 23 -4.64 34.65 -10.36
N TYR D 24 -3.82 34.45 -11.40
CA TYR D 24 -2.38 34.53 -11.29
C TYR D 24 -1.98 35.91 -10.75
N PHE D 25 -2.48 36.95 -11.41
CA PHE D 25 -2.12 38.29 -11.02
C PHE D 25 -2.74 38.69 -9.68
N GLN D 26 -3.89 38.13 -9.33
CA GLN D 26 -4.41 38.32 -7.98
C GLN D 26 -3.51 37.67 -6.95
N PHE D 27 -3.04 36.46 -7.26
CA PHE D 27 -2.14 35.75 -6.36
C PHE D 27 -0.90 36.57 -6.11
N TYR D 28 -0.31 37.14 -7.14
CA TYR D 28 0.92 37.91 -6.90
C TYR D 28 0.71 39.37 -6.45
N GLY D 29 -0.54 39.77 -6.24
CA GLY D 29 -0.84 41.08 -5.70
C GLY D 29 -0.64 41.23 -4.20
N TYR D 30 -0.61 40.11 -3.47
CA TYR D 30 -0.46 40.13 -2.01
C TYR D 30 1.00 40.30 -1.55
N LEU D 31 1.19 41.22 -0.61
CA LEU D 31 2.51 41.48 -0.02
C LEU D 31 3.10 40.26 0.68
N SER D 32 2.24 39.42 1.27
CA SER D 32 2.70 38.21 1.94
C SER D 32 3.41 37.26 0.97
N GLN D 33 2.92 37.15 -0.25
CA GLN D 33 3.55 36.30 -1.26
C GLN D 33 4.90 36.86 -1.69
N GLN D 34 4.93 38.18 -1.90
CA GLN D 34 6.18 38.85 -2.22
C GLN D 34 7.16 38.58 -1.09
N GLN D 35 6.68 38.72 0.15
CA GLN D 35 7.51 38.45 1.32
C GLN D 35 8.00 37.02 1.31
N ASN D 36 7.10 36.08 1.02
CA ASN D 36 7.50 34.68 0.99
C ASN D 36 8.62 34.48 0.00
N MET D 37 8.53 35.08 -1.18
CA MET D 37 9.61 34.96 -2.15
C MET D 37 10.90 35.67 -1.76
N MET D 38 10.76 36.89 -1.22
CA MET D 38 11.92 37.68 -0.82
C MET D 38 12.69 36.98 0.29
N GLN D 39 11.99 36.28 1.16
CA GLN D 39 12.63 35.58 2.28
C GLN D 39 13.35 34.30 1.85
N ASP D 40 13.20 33.90 0.59
CA ASP D 40 14.04 32.82 0.07
C ASP D 40 15.43 33.40 -0.18
N TYR D 41 16.31 33.22 0.79
CA TYR D 41 17.60 33.91 0.78
C TYR D 41 18.55 33.44 -0.33
N VAL D 42 18.52 32.15 -0.65
CA VAL D 42 19.32 31.61 -1.74
C VAL D 42 18.96 32.33 -3.05
N ARG D 43 17.66 32.36 -3.34
CA ARG D 43 17.16 32.99 -4.56
C ARG D 43 17.60 34.46 -4.65
N THR D 44 17.16 35.23 -3.66
CA THR D 44 17.35 36.67 -3.64
C THR D 44 18.84 37.02 -3.57
N GLY D 45 19.56 36.34 -2.69
CA GLY D 45 20.98 36.55 -2.52
C GLY D 45 21.75 36.18 -3.77
N THR D 46 21.36 35.09 -4.42
CA THR D 46 22.04 34.67 -5.64
C THR D 46 21.78 35.68 -6.74
N TYR D 47 20.54 36.17 -6.86
CA TYR D 47 20.28 37.24 -7.82
C TYR D 47 21.14 38.48 -7.54
N GLN D 48 21.16 38.93 -6.28
CA GLN D 48 21.95 40.11 -5.97
C GLN D 48 23.43 39.89 -6.30
N ARG D 49 24.00 38.74 -5.90
CA ARG D 49 25.40 38.47 -6.22
C ARG D 49 25.61 38.45 -7.75
N ALA D 50 24.70 37.80 -8.47
CA ALA D 50 24.79 37.73 -9.92
C ALA D 50 24.84 39.11 -10.53
N ILE D 51 23.97 40.00 -10.07
CA ILE D 51 23.93 41.34 -10.63
C ILE D 51 25.14 42.19 -10.19
N LEU D 52 25.42 42.23 -8.89
CA LEU D 52 26.50 43.10 -8.40
C LEU D 52 27.89 42.63 -8.82
N GLN D 53 28.15 41.33 -8.86
CA GLN D 53 29.47 40.85 -9.26
C GLN D 53 29.71 41.08 -10.75
N ASN D 54 28.63 41.31 -11.50
CA ASN D 54 28.74 41.63 -12.91
C ASN D 54 28.27 43.06 -13.15
N HIS D 55 28.76 43.99 -12.32
CA HIS D 55 28.29 45.37 -12.36
C HIS D 55 28.53 46.00 -13.72
N THR D 56 29.54 45.52 -14.45
CA THR D 56 29.87 46.08 -15.76
C THR D 56 28.79 45.81 -16.82
N ASP D 57 27.97 44.79 -16.61
CA ASP D 57 26.84 44.53 -17.51
C ASP D 57 25.68 45.48 -17.24
N PHE D 58 25.79 46.29 -16.19
CA PHE D 58 24.72 47.21 -15.80
C PHE D 58 25.18 48.68 -15.81
N LYS D 59 26.47 48.92 -15.55
CA LYS D 59 26.96 50.29 -15.42
C LYS D 59 26.55 51.19 -16.60
N ASP D 60 25.75 52.21 -16.27
CA ASP D 60 25.25 53.17 -17.25
C ASP D 60 24.43 52.55 -18.37
N LYS D 61 23.76 51.42 -18.08
CA LYS D 61 22.97 50.73 -19.08
C LYS D 61 21.47 50.94 -18.92
N ILE D 62 20.72 50.55 -19.95
CA ILE D 62 19.26 50.55 -19.93
C ILE D 62 18.79 49.12 -19.62
N VAL D 63 17.90 48.99 -18.65
CA VAL D 63 17.48 47.66 -18.17
C VAL D 63 15.97 47.45 -18.28
N LEU D 64 15.57 46.21 -18.58
CA LEU D 64 14.16 45.84 -18.44
C LEU D 64 13.99 44.73 -17.41
N ASP D 65 13.18 45.01 -16.38
CA ASP D 65 12.83 44.02 -15.35
C ASP D 65 11.45 43.46 -15.64
N VAL D 66 11.38 42.21 -16.09
CA VAL D 66 10.10 41.61 -16.47
C VAL D 66 9.41 41.03 -15.25
N GLY D 67 8.31 41.66 -14.84
CA GLY D 67 7.60 41.22 -13.64
C GLY D 67 8.35 41.57 -12.37
N CYS D 68 8.45 42.86 -12.09
CA CYS D 68 9.35 43.34 -11.03
C CYS D 68 8.84 43.04 -9.62
N GLY D 69 7.54 42.79 -9.49
CA GLY D 69 6.96 42.54 -8.18
C GLY D 69 7.24 43.70 -7.24
N SER D 70 7.93 43.41 -6.14
CA SER D 70 8.30 44.46 -5.18
C SER D 70 9.29 45.44 -5.80
N GLY D 71 10.00 44.99 -6.84
CA GLY D 71 11.00 45.82 -7.50
C GLY D 71 12.43 45.46 -7.14
N ILE D 72 12.58 44.41 -6.33
CA ILE D 72 13.86 44.06 -5.72
C ILE D 72 15.01 43.94 -6.75
N LEU D 73 14.76 43.26 -7.87
CA LEU D 73 15.78 43.09 -8.90
C LEU D 73 16.16 44.42 -9.55
N SER D 74 15.18 45.30 -9.69
CA SER D 74 15.43 46.62 -10.25
C SER D 74 16.33 47.43 -9.30
N PHE D 75 16.11 47.28 -8.00
CA PHE D 75 16.94 47.93 -7.01
C PHE D 75 18.34 47.34 -7.11
N PHE D 76 18.43 46.02 -7.30
CA PHE D 76 19.75 45.42 -7.53
C PHE D 76 20.41 46.00 -8.78
N ALA D 77 19.67 46.17 -9.86
CA ALA D 77 20.23 46.78 -11.07
C ALA D 77 20.70 48.20 -10.80
N ALA D 78 19.93 48.96 -10.02
CA ALA D 78 20.32 50.31 -9.65
C ALA D 78 21.58 50.33 -8.78
N GLN D 79 21.69 49.38 -7.87
CA GLN D 79 22.90 49.26 -7.06
C GLN D 79 24.14 49.00 -7.92
N ALA D 80 23.93 48.29 -9.03
CA ALA D 80 25.03 47.93 -9.93
C ALA D 80 25.38 49.05 -10.92
N GLY D 81 24.67 50.18 -10.82
CA GLY D 81 25.01 51.37 -11.58
C GLY D 81 24.21 51.64 -12.85
N ALA D 82 23.10 50.92 -13.04
CA ALA D 82 22.28 51.11 -14.24
C ALA D 82 21.78 52.54 -14.36
N ARG D 83 21.71 53.07 -15.58
CA ARG D 83 21.25 54.43 -15.79
C ARG D 83 19.73 54.53 -15.73
N LYS D 84 19.03 53.58 -16.35
CA LYS D 84 17.57 53.59 -16.30
C LYS D 84 17.02 52.17 -16.37
N ILE D 85 16.03 51.91 -15.53
CA ILE D 85 15.41 50.60 -15.40
C ILE D 85 13.91 50.69 -15.61
N TYR D 86 13.40 50.00 -16.62
CA TYR D 86 11.96 49.91 -16.83
C TYR D 86 11.47 48.65 -16.12
N ALA D 87 10.62 48.86 -15.13
CA ALA D 87 10.15 47.77 -14.29
C ALA D 87 8.68 47.50 -14.58
N VAL D 88 8.42 46.45 -15.35
CA VAL D 88 7.06 46.14 -15.77
C VAL D 88 6.39 45.18 -14.80
N GLU D 89 5.18 45.53 -14.38
CA GLU D 89 4.43 44.66 -13.46
C GLU D 89 2.92 44.78 -13.69
N ALA D 90 2.26 43.64 -13.83
CA ALA D 90 0.84 43.63 -14.19
C ALA D 90 -0.09 43.57 -12.99
N SER D 91 0.39 43.07 -11.85
CA SER D 91 -0.45 42.97 -10.66
C SER D 91 -0.50 44.32 -9.95
N THR D 92 -1.31 44.41 -8.90
CA THR D 92 -1.43 45.64 -8.13
C THR D 92 -0.12 45.95 -7.40
N MET D 93 0.72 44.93 -7.26
CA MET D 93 2.02 45.11 -6.61
C MET D 93 2.76 46.29 -7.22
N ALA D 94 2.51 46.56 -8.50
CA ALA D 94 3.14 47.68 -9.20
C ALA D 94 3.05 48.97 -8.39
N GLN D 95 1.94 49.20 -7.72
CA GLN D 95 1.81 50.45 -6.97
C GLN D 95 2.72 50.39 -5.74
N HIS D 96 2.90 49.21 -5.18
CA HIS D 96 3.71 49.08 -3.98
C HIS D 96 5.15 49.29 -4.34
N ALA D 97 5.55 48.78 -5.51
CA ALA D 97 6.90 48.98 -5.99
C ALA D 97 7.17 50.48 -6.14
N GLU D 98 6.22 51.21 -6.71
CA GLU D 98 6.40 52.63 -6.95
C GLU D 98 6.64 53.35 -5.63
N VAL D 99 5.93 52.93 -4.58
CA VAL D 99 6.15 53.49 -3.26
C VAL D 99 7.60 53.26 -2.85
N LEU D 100 8.16 52.10 -3.18
CA LEU D 100 9.51 51.79 -2.74
C LEU D 100 10.53 52.60 -3.52
N VAL D 101 10.22 52.87 -4.79
CA VAL D 101 11.13 53.63 -5.63
C VAL D 101 11.23 55.04 -5.06
N LYS D 102 10.08 55.60 -4.69
CA LYS D 102 10.04 56.96 -4.15
C LYS D 102 10.75 57.01 -2.79
N SER D 103 10.42 56.09 -1.91
CA SER D 103 10.97 56.12 -0.55
C SER D 103 12.47 55.82 -0.56
N ASN D 104 12.95 55.20 -1.64
CA ASN D 104 14.38 54.95 -1.80
C ASN D 104 15.05 56.00 -2.71
N ASN D 105 14.32 57.06 -3.07
CA ASN D 105 14.88 58.16 -3.85
C ASN D 105 15.58 57.71 -5.13
N LEU D 106 14.88 56.90 -5.93
CA LEU D 106 15.44 56.37 -7.16
C LEU D 106 14.51 56.63 -8.35
N THR D 107 13.71 57.69 -8.25
CA THR D 107 12.74 58.03 -9.28
C THR D 107 13.38 58.35 -10.62
N ASP D 108 14.60 58.88 -10.62
CA ASP D 108 15.27 59.23 -11.86
C ASP D 108 15.87 58.00 -12.52
N ARG D 109 15.88 56.86 -11.84
CA ARG D 109 16.50 55.66 -12.38
C ARG D 109 15.57 54.45 -12.54
N ILE D 110 14.62 54.26 -11.63
CA ILE D 110 13.69 53.13 -11.77
C ILE D 110 12.34 53.69 -12.15
N VAL D 111 11.79 53.16 -13.24
CA VAL D 111 10.51 53.58 -13.75
C VAL D 111 9.57 52.39 -13.76
N VAL D 112 8.55 52.42 -12.91
CA VAL D 112 7.56 51.36 -12.89
C VAL D 112 6.57 51.55 -14.02
N ILE D 113 6.41 50.49 -14.82
CA ILE D 113 5.45 50.46 -15.91
C ILE D 113 4.38 49.41 -15.54
N PRO D 114 3.17 49.89 -15.21
CA PRO D 114 2.08 48.94 -14.90
C PRO D 114 1.48 48.31 -16.16
N GLY D 115 1.30 47.00 -16.12
CA GLY D 115 0.72 46.28 -17.25
C GLY D 115 1.47 45.02 -17.60
N LYS D 116 0.93 44.27 -18.57
CA LYS D 116 1.57 43.06 -19.05
C LYS D 116 2.69 43.41 -20.00
N VAL D 117 3.80 42.69 -19.91
CA VAL D 117 4.96 42.98 -20.76
C VAL D 117 4.60 42.81 -22.23
N GLU D 118 3.57 42.01 -22.50
CA GLU D 118 3.12 41.77 -23.86
C GLU D 118 2.37 42.98 -24.45
N GLU D 119 1.88 43.87 -23.58
CA GLU D 119 1.00 44.96 -24.01
C GLU D 119 1.52 46.39 -23.80
N VAL D 120 2.41 46.60 -22.85
CA VAL D 120 2.86 47.96 -22.54
C VAL D 120 3.72 48.51 -23.66
N SER D 121 3.93 49.82 -23.62
CA SER D 121 4.86 50.47 -24.54
C SER D 121 6.05 50.98 -23.75
N LEU D 122 7.25 50.68 -24.23
CA LEU D 122 8.47 51.20 -23.63
C LEU D 122 9.02 52.25 -24.58
N PRO D 123 9.59 53.34 -24.04
CA PRO D 123 10.08 54.40 -24.93
C PRO D 123 11.31 53.98 -25.74
N GLU D 124 12.18 53.14 -25.19
CA GLU D 124 13.39 52.72 -25.91
C GLU D 124 13.69 51.22 -25.80
N GLN D 125 14.67 50.76 -26.58
CA GLN D 125 15.20 49.40 -26.46
C GLN D 125 16.17 49.32 -25.29
N VAL D 126 16.39 48.11 -24.76
CA VAL D 126 17.20 47.95 -23.55
C VAL D 126 18.46 47.13 -23.83
N ASP D 127 19.46 47.31 -22.97
CA ASP D 127 20.74 46.59 -23.07
C ASP D 127 20.69 45.21 -22.44
N ILE D 128 19.91 45.07 -21.37
CA ILE D 128 19.83 43.82 -20.65
C ILE D 128 18.45 43.62 -20.03
N ILE D 129 17.97 42.39 -20.10
CA ILE D 129 16.69 42.04 -19.45
C ILE D 129 16.96 41.21 -18.21
N ILE D 130 16.35 41.59 -17.11
CA ILE D 130 16.41 40.79 -15.90
C ILE D 130 14.99 40.34 -15.54
N SER D 131 14.90 39.13 -14.98
CA SER D 131 13.64 38.58 -14.54
C SER D 131 13.85 37.38 -13.62
N GLU D 132 12.78 36.98 -12.96
CA GLU D 132 12.75 35.74 -12.19
C GLU D 132 11.48 35.00 -12.59
N PRO D 133 11.52 34.33 -13.76
CA PRO D 133 10.36 33.69 -14.39
C PRO D 133 10.23 32.20 -14.11
N MET D 134 11.07 31.65 -13.23
CA MET D 134 11.07 30.21 -13.00
C MET D 134 9.93 29.79 -12.09
N GLY D 135 9.36 28.64 -12.41
CA GLY D 135 8.38 27.98 -11.56
C GLY D 135 8.82 26.54 -11.31
N TYR D 136 7.94 25.73 -10.74
CA TYR D 136 8.20 24.31 -10.59
C TYR D 136 8.67 23.68 -11.89
N MET D 137 9.61 22.75 -11.78
CA MET D 137 10.18 22.10 -12.95
C MET D 137 10.62 23.11 -13.98
N LEU D 138 11.02 24.29 -13.52
CA LEU D 138 11.38 25.41 -14.38
C LEU D 138 10.15 26.00 -15.10
N PHE D 139 9.39 25.17 -15.80
CA PHE D 139 8.36 25.66 -16.72
C PHE D 139 7.02 26.09 -16.10
N ASN D 140 6.71 25.62 -14.90
CA ASN D 140 5.40 25.91 -14.31
C ASN D 140 5.12 27.41 -14.20
N GLU D 141 3.84 27.77 -14.30
CA GLU D 141 3.34 29.16 -14.24
C GLU D 141 3.49 29.88 -15.59
N ARG D 142 4.34 29.33 -16.47
CA ARG D 142 4.51 29.85 -17.83
C ARG D 142 4.82 31.33 -17.89
N MET D 143 5.75 31.77 -17.05
CA MET D 143 6.27 33.12 -17.14
C MET D 143 7.45 33.19 -18.10
N LEU D 144 8.07 32.05 -18.37
CA LEU D 144 9.23 32.01 -19.26
C LEU D 144 8.92 32.54 -20.66
N GLU D 145 7.75 32.21 -21.19
CA GLU D 145 7.36 32.71 -22.50
C GLU D 145 7.21 34.23 -22.50
N SER D 146 6.69 34.80 -21.42
CA SER D 146 6.59 36.26 -21.31
C SER D 146 8.01 36.87 -21.30
N TYR D 147 8.88 36.24 -20.53
CA TYR D 147 10.28 36.62 -20.44
C TYR D 147 10.89 36.62 -21.83
N LEU D 148 10.61 35.57 -22.60
CA LEU D 148 11.11 35.48 -23.97
C LEU D 148 10.45 36.52 -24.88
N HIS D 149 9.15 36.72 -24.70
CA HIS D 149 8.42 37.73 -25.46
C HIS D 149 9.08 39.09 -25.31
N ALA D 150 9.50 39.39 -24.09
CA ALA D 150 10.16 40.67 -23.83
C ALA D 150 11.41 40.97 -24.69
N LYS D 151 11.96 39.98 -25.39
CA LYS D 151 13.15 40.24 -26.20
C LYS D 151 12.90 41.20 -27.36
N LYS D 152 11.63 41.47 -27.67
CA LYS D 152 11.31 42.46 -28.69
C LYS D 152 11.88 43.83 -28.30
N TYR D 153 12.16 44.01 -27.01
CA TYR D 153 12.74 45.26 -26.54
C TYR D 153 14.25 45.17 -26.35
N LEU D 154 14.85 44.04 -26.69
CA LEU D 154 16.28 43.85 -26.48
C LEU D 154 17.09 44.31 -27.68
N LYS D 155 18.08 45.16 -27.43
CA LYS D 155 19.02 45.58 -28.46
C LYS D 155 19.78 44.37 -28.98
N PRO D 156 20.24 44.42 -30.24
CA PRO D 156 21.02 43.28 -30.73
C PRO D 156 22.23 43.04 -29.84
N SER D 157 22.54 41.77 -29.57
CA SER D 157 23.67 41.39 -28.73
C SER D 157 23.45 41.74 -27.26
N GLY D 158 22.21 42.06 -26.89
CA GLY D 158 21.88 42.38 -25.51
C GLY D 158 21.93 41.13 -24.65
N ASN D 159 21.94 41.30 -23.34
CA ASN D 159 22.04 40.14 -22.44
C ASN D 159 20.75 39.89 -21.65
N MET D 160 20.68 38.67 -21.12
CA MET D 160 19.54 38.24 -20.32
C MET D 160 19.98 37.57 -19.03
N PHE D 161 19.38 38.01 -17.93
CA PHE D 161 19.67 37.49 -16.60
C PHE D 161 18.35 36.96 -16.02
N PRO D 162 18.15 35.63 -15.98
CA PRO D 162 19.05 34.52 -16.31
C PRO D 162 19.33 34.32 -17.79
N THR D 163 20.50 33.77 -18.10
CA THR D 163 20.94 33.57 -19.47
C THR D 163 20.49 32.21 -19.97
N ILE D 164 20.71 31.18 -19.17
CA ILE D 164 20.21 29.86 -19.58
C ILE D 164 19.57 29.12 -18.42
N GLY D 165 18.69 28.17 -18.75
CA GLY D 165 18.08 27.31 -17.76
C GLY D 165 18.22 25.83 -18.07
N ASP D 166 18.71 25.08 -17.08
CA ASP D 166 18.86 23.63 -17.20
C ASP D 166 17.82 22.91 -16.37
N VAL D 167 17.00 22.10 -17.04
CA VAL D 167 16.09 21.20 -16.36
C VAL D 167 16.78 19.84 -16.20
N HIS D 168 16.81 19.34 -14.98
CA HIS D 168 17.38 18.03 -14.70
C HIS D 168 16.31 17.01 -14.35
N LEU D 169 16.50 15.82 -14.92
CA LEU D 169 15.64 14.65 -14.70
C LEU D 169 16.43 13.47 -14.14
N ALA D 170 15.83 12.74 -13.20
CA ALA D 170 16.45 11.49 -12.75
C ALA D 170 15.42 10.47 -12.25
N PRO D 171 15.64 9.17 -12.53
CA PRO D 171 14.68 8.20 -11.97
C PRO D 171 14.91 7.99 -10.47
N PHE D 172 13.84 7.75 -9.71
CA PHE D 172 14.01 7.50 -8.27
C PHE D 172 13.26 6.28 -7.78
N THR D 173 13.64 5.81 -6.59
CA THR D 173 12.88 4.78 -5.89
C THR D 173 12.48 5.30 -4.50
N ASP D 174 11.19 5.21 -4.20
CA ASP D 174 10.66 5.68 -2.93
C ASP D 174 9.33 4.99 -2.62
N GLU D 175 9.42 3.79 -2.04
CA GLU D 175 8.25 2.97 -1.75
C GLU D 175 7.26 3.67 -0.83
N GLN D 176 7.78 4.40 0.15
CA GLN D 176 6.95 5.09 1.14
C GLN D 176 6.00 6.09 0.48
N LEU D 177 6.51 6.91 -0.43
CA LEU D 177 5.70 7.89 -1.16
C LEU D 177 4.62 7.19 -2.00
N TYR D 178 5.07 6.16 -2.73
CA TYR D 178 4.19 5.39 -3.57
C TYR D 178 3.03 4.88 -2.76
N MET D 179 3.31 4.22 -1.63
CA MET D 179 2.22 3.71 -0.82
C MET D 179 1.43 4.82 -0.11
N GLU D 180 2.03 5.95 0.23
CA GLU D 180 1.23 7.06 0.74
C GLU D 180 0.12 7.43 -0.27
N GLN D 181 0.53 7.64 -1.52
CA GLN D 181 -0.45 8.00 -2.54
C GLN D 181 -1.42 6.86 -2.85
N PHE D 182 -0.91 5.63 -2.88
CA PHE D 182 -1.75 4.49 -3.17
C PHE D 182 -2.77 4.29 -2.03
N THR D 183 -2.30 4.47 -0.80
CA THR D 183 -3.17 4.41 0.37
C THR D 183 -4.26 5.44 0.25
N LYS D 184 -3.91 6.66 -0.15
CA LYS D 184 -4.98 7.65 -0.34
C LYS D 184 -5.96 7.19 -1.42
N ALA D 185 -5.43 6.73 -2.54
CA ALA D 185 -6.29 6.30 -3.64
C ALA D 185 -7.17 5.10 -3.28
N ASN D 186 -6.71 4.24 -2.37
CA ASN D 186 -7.49 3.06 -1.99
C ASN D 186 -8.80 3.35 -1.24
N PHE D 187 -9.02 4.60 -0.84
CA PHE D 187 -10.30 4.98 -0.25
C PHE D 187 -11.47 4.63 -1.19
N TRP D 188 -11.24 4.81 -2.49
CA TRP D 188 -12.26 4.59 -3.52
C TRP D 188 -12.38 3.10 -3.90
N TYR D 189 -11.66 2.26 -3.17
CA TYR D 189 -11.74 0.80 -3.32
C TYR D 189 -12.84 0.24 -2.42
N GLN D 190 -13.30 1.04 -1.47
CA GLN D 190 -14.30 0.58 -0.52
C GLN D 190 -15.59 0.13 -1.17
N PRO D 191 -16.03 -1.11 -0.89
CA PRO D 191 -17.29 -1.58 -1.46
C PRO D 191 -18.48 -1.18 -0.61
N SER D 192 -18.22 -0.64 0.59
CA SER D 192 -19.30 -0.28 1.50
C SER D 192 -18.95 0.88 2.44
N PHE D 193 -18.66 2.05 1.88
CA PHE D 193 -18.47 3.27 2.67
C PHE D 193 -19.83 3.81 3.12
N HIS D 194 -20.13 3.65 4.41
CA HIS D 194 -21.46 3.97 4.93
C HIS D 194 -22.53 3.28 4.09
N GLY D 195 -22.25 2.06 3.65
CA GLY D 195 -23.20 1.29 2.86
C GLY D 195 -23.13 1.49 1.35
N VAL D 196 -22.25 2.36 0.89
CA VAL D 196 -22.15 2.67 -0.53
C VAL D 196 -20.91 2.05 -1.17
N ASP D 197 -21.10 1.48 -2.36
CA ASP D 197 -20.01 0.89 -3.12
C ASP D 197 -19.31 1.95 -3.97
N LEU D 198 -18.08 2.29 -3.60
CA LEU D 198 -17.34 3.34 -4.28
C LEU D 198 -16.41 2.77 -5.35
N SER D 199 -16.22 1.45 -5.35
CA SER D 199 -15.13 0.80 -6.08
C SER D 199 -15.09 1.16 -7.57
N ALA D 200 -16.25 1.42 -8.17
CA ALA D 200 -16.31 1.73 -9.59
C ALA D 200 -15.48 2.96 -9.95
N LEU D 201 -15.16 3.79 -8.95
CA LEU D 201 -14.36 4.98 -9.18
C LEU D 201 -12.89 4.81 -8.82
N ARG D 202 -12.47 3.61 -8.44
CA ARG D 202 -11.09 3.42 -8.01
C ARG D 202 -10.11 3.80 -9.12
N GLY D 203 -10.41 3.40 -10.34
CA GLY D 203 -9.57 3.72 -11.48
C GLY D 203 -9.42 5.22 -11.67
N ALA D 204 -10.53 5.94 -11.52
CA ALA D 204 -10.51 7.39 -11.65
C ALA D 204 -9.69 8.02 -10.53
N ALA D 205 -9.84 7.48 -9.32
CA ALA D 205 -9.13 8.01 -8.15
C ALA D 205 -7.63 7.81 -8.26
N VAL D 206 -7.23 6.61 -8.66
CA VAL D 206 -5.81 6.31 -8.85
C VAL D 206 -5.23 7.23 -9.91
N ASP D 207 -5.94 7.39 -11.02
CA ASP D 207 -5.47 8.28 -12.08
C ASP D 207 -5.27 9.70 -11.56
N GLU D 208 -6.22 10.18 -10.78
CA GLU D 208 -6.15 11.55 -10.29
C GLU D 208 -4.94 11.74 -9.37
N TYR D 209 -4.84 10.91 -8.34
CA TYR D 209 -3.77 11.08 -7.34
C TYR D 209 -2.41 10.98 -7.96
N PHE D 210 -2.24 10.08 -8.90
CA PHE D 210 -0.93 9.88 -9.50
C PHE D 210 -0.64 10.93 -10.57
N ARG D 211 -1.63 11.76 -10.90
CA ARG D 211 -1.36 12.90 -11.78
C ARG D 211 -0.76 14.06 -11.00
N GLN D 212 -0.68 13.94 -9.68
CA GLN D 212 -0.21 15.03 -8.85
C GLN D 212 1.31 15.06 -8.76
N PRO D 213 1.92 16.17 -9.21
CA PRO D 213 3.35 16.26 -8.90
C PRO D 213 3.57 16.38 -7.41
N VAL D 214 4.61 15.71 -6.91
CA VAL D 214 4.91 15.72 -5.49
C VAL D 214 5.98 16.77 -5.29
N VAL D 215 5.63 17.85 -4.61
CA VAL D 215 6.56 18.94 -4.36
C VAL D 215 7.15 18.77 -2.98
N ASP D 216 8.45 18.53 -2.92
CA ASP D 216 9.18 18.52 -1.66
C ASP D 216 10.63 18.17 -1.96
N THR D 217 11.39 17.86 -0.93
CA THR D 217 12.78 17.48 -1.11
C THR D 217 12.98 16.02 -0.74
N PHE D 218 14.20 15.53 -0.92
CA PHE D 218 14.52 14.14 -0.66
C PHE D 218 16.03 13.95 -0.57
N ASP D 219 16.44 12.80 -0.04
CA ASP D 219 17.84 12.43 0.02
C ASP D 219 18.26 11.96 -1.37
N ILE D 220 19.41 12.39 -1.86
CA ILE D 220 19.82 12.00 -3.22
C ILE D 220 20.05 10.49 -3.32
N ARG D 221 20.09 9.78 -2.19
CA ARG D 221 20.31 8.35 -2.26
C ARG D 221 19.14 7.60 -2.92
N ILE D 222 18.01 8.28 -3.14
CA ILE D 222 16.87 7.63 -3.81
C ILE D 222 17.01 7.64 -5.33
N LEU D 223 17.94 8.43 -5.86
CA LEU D 223 18.13 8.54 -7.31
C LEU D 223 18.85 7.31 -7.87
N MET D 224 18.34 6.81 -9.01
CA MET D 224 18.78 5.54 -9.58
C MET D 224 19.78 5.66 -10.71
N ALA D 225 20.03 6.90 -11.15
CA ALA D 225 20.94 7.12 -12.25
C ALA D 225 21.38 8.57 -12.31
N LYS D 226 22.50 8.81 -13.01
CA LYS D 226 22.97 10.18 -13.20
C LYS D 226 21.87 10.96 -13.90
N SER D 227 21.69 12.22 -13.51
CA SER D 227 20.60 13.01 -14.07
C SER D 227 20.84 13.29 -15.55
N VAL D 228 19.74 13.50 -16.26
CA VAL D 228 19.78 13.94 -17.66
C VAL D 228 19.43 15.43 -17.69
N LYS D 229 20.14 16.15 -18.57
CA LYS D 229 20.05 17.60 -18.65
C LYS D 229 19.26 18.01 -19.89
N TYR D 230 18.36 18.97 -19.72
CA TYR D 230 17.70 19.60 -20.84
C TYR D 230 17.88 21.12 -20.74
N THR D 231 18.51 21.71 -21.75
CA THR D 231 18.89 23.12 -21.69
C THR D 231 18.02 24.03 -22.55
N VAL D 232 17.62 25.14 -21.94
CA VAL D 232 16.94 26.21 -22.66
C VAL D 232 17.85 27.45 -22.63
N ASN D 233 18.26 27.89 -23.81
CA ASN D 233 19.07 29.09 -23.96
C ASN D 233 18.16 30.28 -24.18
N PHE D 234 18.02 31.14 -23.17
CA PHE D 234 17.05 32.21 -23.23
C PHE D 234 17.45 33.29 -24.26
N LEU D 235 18.73 33.35 -24.60
CA LEU D 235 19.20 34.28 -25.63
C LEU D 235 18.70 33.87 -27.02
N GLU D 236 18.59 32.57 -27.27
CA GLU D 236 18.20 32.07 -28.59
C GLU D 236 16.74 31.60 -28.67
N ALA D 237 16.23 31.04 -27.58
CA ALA D 237 14.92 30.41 -27.62
C ALA D 237 13.85 31.42 -28.05
N LYS D 238 12.83 30.93 -28.75
CA LYS D 238 11.70 31.76 -29.12
C LYS D 238 10.50 31.44 -28.23
N GLU D 239 9.62 32.41 -28.07
CA GLU D 239 8.42 32.27 -27.24
C GLU D 239 7.64 30.99 -27.56
N GLY D 240 7.33 30.80 -28.83
CA GLY D 240 6.51 29.69 -29.27
C GLY D 240 7.11 28.35 -28.87
N ASP D 241 8.43 28.32 -28.75
CA ASP D 241 9.14 27.09 -28.39
C ASP D 241 8.61 26.53 -27.07
N LEU D 242 8.07 27.39 -26.21
CA LEU D 242 7.65 26.92 -24.89
C LEU D 242 6.19 26.47 -24.90
N HIS D 243 5.58 26.42 -26.08
CA HIS D 243 4.23 25.89 -26.20
C HIS D 243 4.27 24.36 -26.36
N ARG D 244 5.39 23.85 -26.87
CA ARG D 244 5.59 22.40 -27.00
C ARG D 244 7.04 22.07 -26.65
N ILE D 245 7.22 21.35 -25.55
CA ILE D 245 8.56 21.02 -25.09
C ILE D 245 8.74 19.50 -25.04
N GLU D 246 9.65 19.00 -25.87
CA GLU D 246 9.96 17.57 -25.90
C GLU D 246 11.33 17.29 -25.29
N ILE D 247 11.34 16.52 -24.20
CA ILE D 247 12.57 16.21 -23.47
C ILE D 247 12.85 14.72 -23.59
N PRO D 248 13.72 14.31 -24.52
CA PRO D 248 14.07 12.90 -24.57
C PRO D 248 15.02 12.53 -23.43
N PHE D 249 15.02 11.28 -23.00
CA PHE D 249 15.97 10.85 -21.99
C PHE D 249 16.36 9.38 -22.13
N LYS D 250 17.61 9.11 -21.75
CA LYS D 250 18.20 7.79 -21.75
C LYS D 250 19.02 7.66 -20.47
N PHE D 251 18.50 6.92 -19.49
CA PHE D 251 19.21 6.73 -18.24
C PHE D 251 19.94 5.41 -18.26
N HIS D 252 21.17 5.42 -17.77
CA HIS D 252 21.93 4.20 -17.61
C HIS D 252 21.86 3.85 -16.13
N MET D 253 21.08 2.83 -15.79
CA MET D 253 20.77 2.53 -14.41
C MET D 253 22.01 2.14 -13.62
N LEU D 254 22.20 2.79 -12.48
CA LEU D 254 23.36 2.54 -11.63
C LEU D 254 23.01 1.60 -10.48
N HIS D 255 21.72 1.51 -10.14
CA HIS D 255 21.26 0.62 -9.08
C HIS D 255 20.09 -0.24 -9.55
N SER D 256 19.99 -1.44 -9.00
CA SER D 256 18.86 -2.32 -9.29
C SER D 256 17.74 -2.01 -8.33
N GLY D 257 16.51 -2.10 -8.82
CA GLY D 257 15.36 -1.86 -7.97
C GLY D 257 14.14 -1.41 -8.71
N LEU D 258 13.21 -0.88 -7.94
CA LEU D 258 11.95 -0.36 -8.45
C LEU D 258 12.08 1.12 -8.74
N VAL D 259 11.75 1.51 -9.96
CA VAL D 259 11.71 2.91 -10.33
C VAL D 259 10.26 3.34 -10.14
N HIS D 260 10.04 4.22 -9.17
CA HIS D 260 8.70 4.67 -8.84
C HIS D 260 8.34 5.94 -9.59
N GLY D 261 9.32 6.54 -10.25
CA GLY D 261 9.06 7.73 -11.02
C GLY D 261 10.27 8.56 -11.37
N LEU D 262 10.00 9.81 -11.75
CA LEU D 262 11.06 10.72 -12.17
C LEU D 262 11.11 11.94 -11.26
N ALA D 263 12.32 12.29 -10.84
CA ALA D 263 12.56 13.50 -10.09
C ALA D 263 13.04 14.60 -11.02
N PHE D 264 12.56 15.81 -10.74
CA PHE D 264 12.82 17.00 -11.54
C PHE D 264 13.36 18.12 -10.66
N TRP D 265 14.37 18.79 -11.18
CA TRP D 265 14.83 20.06 -10.60
C TRP D 265 15.46 20.93 -11.69
N PHE D 266 15.92 22.13 -11.33
CA PHE D 266 16.51 23.00 -12.34
C PHE D 266 17.59 23.94 -11.81
N ASP D 267 18.46 24.36 -12.74
CA ASP D 267 19.47 25.37 -12.49
C ASP D 267 19.27 26.49 -13.50
N VAL D 268 19.61 27.72 -13.13
CA VAL D 268 19.74 28.77 -14.14
C VAL D 268 21.10 29.42 -14.01
N ALA D 269 21.61 29.87 -15.15
CA ALA D 269 22.89 30.56 -15.17
C ALA D 269 22.72 31.98 -15.66
N PHE D 270 23.38 32.86 -14.92
CA PHE D 270 23.55 34.25 -15.23
C PHE D 270 24.97 34.38 -15.76
N ILE D 271 25.09 34.42 -17.09
CA ILE D 271 26.40 34.46 -17.73
C ILE D 271 26.77 35.93 -17.96
N GLY D 272 27.45 36.52 -16.99
CA GLY D 272 27.85 37.91 -17.09
C GLY D 272 29.26 38.07 -17.62
N SER D 273 29.67 39.32 -17.83
CA SER D 273 30.97 39.63 -18.40
C SER D 273 32.13 39.40 -17.43
N ILE D 274 31.88 39.52 -16.12
CA ILE D 274 32.93 39.33 -15.12
C ILE D 274 32.93 37.87 -14.69
N MET D 275 31.75 37.31 -14.47
CA MET D 275 31.66 35.91 -14.08
C MET D 275 30.28 35.32 -14.36
N THR D 276 30.21 34.00 -14.33
CA THR D 276 28.95 33.28 -14.47
C THR D 276 28.49 32.86 -13.10
N VAL D 277 27.25 33.18 -12.76
CA VAL D 277 26.71 32.79 -11.47
C VAL D 277 25.56 31.83 -11.68
N TRP D 278 25.53 30.76 -10.89
CA TRP D 278 24.51 29.74 -11.00
C TRP D 278 23.51 29.78 -9.84
N LEU D 279 22.24 29.60 -10.15
CA LEU D 279 21.21 29.39 -9.15
C LEU D 279 20.64 27.98 -9.34
N SER D 280 20.88 27.12 -8.36
CA SER D 280 20.49 25.72 -8.45
C SER D 280 19.41 25.36 -7.42
N THR D 281 18.49 24.49 -7.83
CA THR D 281 17.49 23.94 -6.92
C THR D 281 17.69 22.44 -6.77
N ALA D 282 18.92 21.99 -6.99
CA ALA D 282 19.22 20.57 -6.92
C ALA D 282 19.09 20.09 -5.48
N PRO D 283 18.74 18.80 -5.29
CA PRO D 283 18.59 18.26 -3.94
C PRO D 283 19.91 18.18 -3.18
N THR D 284 21.03 18.40 -3.88
CA THR D 284 22.34 18.47 -3.24
C THR D 284 22.65 19.87 -2.71
N GLU D 285 21.77 20.82 -2.98
CA GLU D 285 22.00 22.22 -2.64
C GLU D 285 21.00 22.67 -1.57
N PRO D 286 21.29 23.81 -0.91
CA PRO D 286 20.32 24.31 0.07
C PRO D 286 18.94 24.50 -0.53
N LEU D 287 17.91 24.26 0.29
CA LEU D 287 16.53 24.30 -0.16
C LEU D 287 16.08 25.69 -0.60
N THR D 288 15.23 25.73 -1.62
CA THR D 288 14.60 26.96 -2.06
C THR D 288 13.10 26.73 -1.96
N HIS D 289 12.32 27.79 -2.19
N HIS D 289 12.31 27.77 -2.18
CA HIS D 289 10.86 27.66 -2.15
CA HIS D 289 10.86 27.60 -2.11
C HIS D 289 10.34 26.86 -3.34
C HIS D 289 10.34 26.86 -3.34
N TRP D 290 11.24 26.48 -4.25
CA TRP D 290 10.88 25.61 -5.38
C TRP D 290 11.03 24.12 -5.03
N TYR D 291 11.76 23.83 -3.96
CA TYR D 291 11.98 22.44 -3.54
C TYR D 291 12.42 21.56 -4.71
N GLN D 292 11.92 20.34 -4.79
CA GLN D 292 12.05 19.55 -6.00
C GLN D 292 10.72 18.91 -6.32
N VAL D 293 10.57 18.44 -7.56
CA VAL D 293 9.30 17.88 -7.99
C VAL D 293 9.47 16.44 -8.41
N ARG D 294 8.57 15.57 -7.96
CA ARG D 294 8.60 14.19 -8.40
C ARG D 294 7.29 13.77 -9.05
N CYS D 295 7.43 13.04 -10.16
CA CYS D 295 6.30 12.43 -10.83
C CYS D 295 6.30 10.94 -10.53
N LEU D 296 5.17 10.48 -9.98
CA LEU D 296 4.98 9.06 -9.67
C LEU D 296 4.39 8.28 -10.84
N PHE D 297 4.85 7.05 -10.99
CA PHE D 297 4.24 6.08 -11.90
C PHE D 297 3.15 5.33 -11.13
N GLN D 298 2.00 5.10 -11.76
CA GLN D 298 0.94 4.35 -11.09
C GLN D 298 1.42 2.94 -10.76
N SER D 299 2.31 2.44 -11.61
CA SER D 299 2.95 1.15 -11.40
C SER D 299 4.47 1.27 -11.61
N PRO D 300 5.27 0.96 -10.58
CA PRO D 300 6.73 1.13 -10.77
C PRO D 300 7.34 0.18 -11.78
N LEU D 301 8.52 0.53 -12.28
CA LEU D 301 9.22 -0.28 -13.29
C LEU D 301 10.44 -0.94 -12.66
N PHE D 302 10.59 -2.25 -12.83
CA PHE D 302 11.76 -2.93 -12.30
C PHE D 302 12.94 -2.74 -13.22
N ALA D 303 14.11 -2.43 -12.67
CA ALA D 303 15.32 -2.33 -13.48
C ALA D 303 16.56 -2.85 -12.75
N LYS D 304 17.49 -3.39 -13.52
CA LYS D 304 18.77 -3.86 -12.98
C LYS D 304 19.86 -2.85 -13.29
N ALA D 305 20.92 -2.86 -12.47
CA ALA D 305 22.08 -2.02 -12.74
C ALA D 305 22.63 -2.37 -14.11
N GLY D 306 22.87 -1.35 -14.94
CA GLY D 306 23.36 -1.58 -16.30
C GLY D 306 22.29 -1.47 -17.37
N ASP D 307 21.03 -1.61 -16.99
CA ASP D 307 19.94 -1.41 -17.94
C ASP D 307 19.86 0.04 -18.38
N THR D 308 19.10 0.29 -19.44
CA THR D 308 18.84 1.65 -19.87
C THR D 308 17.35 1.93 -19.81
N LEU D 309 16.99 3.05 -19.19
CA LEU D 309 15.60 3.47 -19.09
C LEU D 309 15.40 4.65 -20.03
N SER D 310 14.63 4.44 -21.09
CA SER D 310 14.51 5.45 -22.13
C SER D 310 13.11 5.97 -22.26
N GLY D 311 13.00 7.20 -22.75
CA GLY D 311 11.69 7.74 -23.03
C GLY D 311 11.67 9.23 -23.26
N THR D 312 10.50 9.82 -23.09
CA THR D 312 10.36 11.24 -23.35
C THR D 312 9.38 11.89 -22.40
N CYS D 313 9.66 13.15 -22.08
N CYS D 313 9.70 13.14 -22.04
CA CYS D 313 8.75 13.97 -21.31
CA CYS D 313 8.78 14.00 -21.30
C CYS D 313 8.25 15.07 -22.23
C CYS D 313 8.26 15.07 -22.26
N LEU D 314 6.95 15.08 -22.47
CA LEU D 314 6.34 16.03 -23.40
C LEU D 314 5.40 16.97 -22.67
N LEU D 315 5.73 18.25 -22.74
CA LEU D 315 4.90 19.29 -22.13
C LEU D 315 4.21 20.09 -23.22
N ILE D 316 2.88 20.14 -23.15
CA ILE D 316 2.08 20.86 -24.14
C ILE D 316 1.32 21.97 -23.43
N ALA D 317 1.58 23.20 -23.84
CA ALA D 317 0.91 24.34 -23.24
C ALA D 317 -0.59 24.17 -23.43
N ASN D 318 -1.36 24.38 -22.37
CA ASN D 318 -2.80 24.29 -22.49
C ASN D 318 -3.37 25.68 -22.25
N LYS D 319 -4.68 25.80 -22.43
CA LYS D 319 -5.33 27.10 -22.39
C LYS D 319 -5.63 27.57 -20.95
N ARG D 320 -5.21 26.78 -19.97
CA ARG D 320 -5.42 27.12 -18.56
C ARG D 320 -4.12 27.55 -17.86
N GLN D 321 -3.27 28.29 -18.55
CA GLN D 321 -2.00 28.79 -18.00
C GLN D 321 -1.08 27.73 -17.41
N SER D 322 -1.12 26.53 -17.97
CA SER D 322 -0.31 25.43 -17.48
C SER D 322 0.12 24.52 -18.63
N TYR D 323 0.53 23.31 -18.30
CA TYR D 323 0.96 22.33 -19.30
C TYR D 323 0.20 21.02 -19.12
N ASP D 324 -0.12 20.37 -20.23
CA ASP D 324 -0.47 18.97 -20.19
C ASP D 324 0.84 18.22 -20.34
N ILE D 325 1.17 17.42 -19.34
CA ILE D 325 2.43 16.70 -19.31
C ILE D 325 2.24 15.21 -19.45
N SER D 326 2.95 14.65 -20.42
CA SER D 326 2.99 13.21 -20.61
C SER D 326 4.42 12.72 -20.43
N ILE D 327 4.57 11.67 -19.63
CA ILE D 327 5.86 11.05 -19.41
C ILE D 327 5.76 9.62 -19.89
N VAL D 328 6.61 9.27 -20.85
CA VAL D 328 6.66 7.90 -21.34
C VAL D 328 8.06 7.37 -21.13
N ALA D 329 8.13 6.25 -20.41
CA ALA D 329 9.41 5.62 -20.06
C ALA D 329 9.34 4.11 -20.27
N GLN D 330 10.45 3.51 -20.69
CA GLN D 330 10.49 2.06 -20.80
C GLN D 330 11.86 1.53 -20.44
N VAL D 331 11.86 0.32 -19.87
CA VAL D 331 13.09 -0.42 -19.65
C VAL D 331 13.37 -1.17 -20.93
N ASP D 332 14.43 -0.77 -21.62
CA ASP D 332 14.71 -1.25 -22.97
C ASP D 332 15.00 -2.75 -23.04
N GLN D 333 15.65 -3.28 -22.01
CA GLN D 333 16.06 -4.68 -22.03
C GLN D 333 14.86 -5.63 -21.92
N THR D 334 13.80 -5.20 -21.25
CA THR D 334 12.62 -6.05 -21.04
C THR D 334 11.38 -5.54 -21.78
N GLY D 335 11.42 -4.31 -22.26
CA GLY D 335 10.26 -3.73 -22.92
C GLY D 335 9.15 -3.30 -21.99
N SER D 336 9.45 -3.20 -20.70
CA SER D 336 8.47 -2.75 -19.72
C SER D 336 8.23 -1.26 -19.93
N LYS D 337 6.96 -0.91 -20.15
CA LYS D 337 6.56 0.44 -20.54
C LYS D 337 5.74 1.10 -19.43
N SER D 338 5.90 2.41 -19.30
CA SER D 338 5.07 3.21 -18.42
C SER D 338 4.68 4.49 -19.14
N SER D 339 3.38 4.77 -19.13
CA SER D 339 2.86 5.99 -19.71
C SER D 339 2.19 6.73 -18.57
N ASN D 340 2.48 8.02 -18.45
CA ASN D 340 1.97 8.78 -17.32
C ASN D 340 1.61 10.20 -17.69
N LEU D 341 0.65 10.74 -16.95
CA LEU D 341 0.23 12.11 -17.09
C LEU D 341 0.53 12.87 -15.82
N LEU D 342 0.93 14.13 -15.96
CA LEU D 342 1.18 14.93 -14.76
C LEU D 342 0.35 16.20 -14.87
N ASP D 343 -0.26 16.61 -13.76
CA ASP D 343 -1.09 17.80 -13.74
C ASP D 343 -0.46 18.84 -12.81
N LEU D 344 0.24 19.80 -13.41
CA LEU D 344 0.94 20.85 -12.65
C LEU D 344 -0.01 21.75 -11.90
N LYS D 345 -1.27 21.71 -12.32
CA LYS D 345 -2.34 22.50 -11.74
C LYS D 345 -2.76 22.00 -10.35
N ASN D 346 -2.43 20.75 -10.04
CA ASN D 346 -2.87 20.14 -8.79
C ASN D 346 -1.73 19.47 -8.03
N PRO D 347 -0.75 20.26 -7.55
CA PRO D 347 0.38 19.61 -6.89
C PRO D 347 0.06 19.11 -5.50
N PHE D 348 0.81 18.11 -5.06
CA PHE D 348 0.77 17.62 -3.70
C PHE D 348 1.94 18.22 -2.93
N PHE D 349 1.62 19.17 -2.05
CA PHE D 349 2.63 19.83 -1.23
C PHE D 349 2.90 18.98 -0.01
N ARG D 350 4.00 18.24 -0.06
CA ARG D 350 4.28 17.24 0.95
C ARG D 350 5.30 17.66 2.00
N TYR D 351 6.10 18.68 1.70
CA TYR D 351 7.20 19.04 2.60
C TYR D 351 6.62 19.26 4.00
N THR D 352 7.21 18.57 4.97
CA THR D 352 6.73 18.52 6.35
C THR D 352 5.36 19.17 6.55
C1 EDO E . 6.88 -27.46 -5.99
O1 EDO E . 8.10 -27.59 -5.32
C2 EDO E . 6.30 -28.84 -6.23
O2 EDO E . 4.95 -28.85 -5.87
H11 EDO E . 6.26 -26.94 -5.44
H12 EDO E . 7.02 -26.99 -6.83
HO1 EDO E . 8.44 -26.82 -5.18
H21 EDO E . 6.38 -29.06 -7.18
H22 EDO E . 6.78 -29.50 -5.71
HO2 EDO E . 4.69 -29.64 -5.76
C1 EDO F . 35.31 -16.89 -3.18
O1 EDO F . 34.05 -17.08 -2.59
C2 EDO F . 35.50 -17.94 -4.26
O2 EDO F . 36.84 -18.36 -4.24
C1 EDO G . 10.18 -20.21 0.16
O1 EDO G . 9.82 -19.45 1.28
C2 EDO G . 9.49 -21.57 0.26
O2 EDO G . 10.14 -22.46 -0.61
C1 PEG H . 23.66 -14.44 -4.68
O1 PEG H . 22.82 -13.59 -5.41
C2 PEG H . 25.10 -14.09 -4.99
O2 PEG H . 25.53 -14.88 -6.06
C3 PEG H . 26.82 -15.43 -5.97
C4 PEG H . 27.72 -14.67 -6.93
O4 PEG H . 26.94 -13.72 -7.61
H11 PEG H . 23.48 -15.36 -4.91
H12 PEG H . 23.49 -14.31 -3.72
HO1 PEG H . 22.07 -13.51 -5.01
H21 PEG H . 25.17 -13.15 -5.24
H22 PEG H . 25.66 -14.26 -4.21
H31 PEG H . 26.79 -16.38 -6.22
H32 PEG H . 27.15 -15.35 -5.07
H41 PEG H . 28.43 -14.22 -6.44
H42 PEG H . 28.12 -15.28 -7.57
HO4 PEG H . 27.43 -13.25 -8.11
C4 DXE I . 27.20 -20.24 -17.90
O2 DXE I . 27.34 -20.88 -19.14
C3 DXE I . 27.91 -22.16 -19.08
C2 DXE I . 28.67 -22.44 -20.37
O1 DXE I . 28.51 -23.77 -20.74
C1 DXE I . 29.15 -24.71 -19.92
H41 DXE I . 28.06 -20.22 -17.45
H42 DXE I . 26.89 -19.33 -18.04
H43 DXE I . 26.56 -20.72 -17.35
H31 DXE I . 28.52 -22.20 -18.32
H32 DXE I . 27.21 -22.83 -18.96
H21 DXE I . 28.33 -21.86 -21.07
H22 DXE I . 29.61 -22.24 -20.24
H11 DXE I . 28.92 -25.61 -20.22
H12 DXE I . 30.12 -24.58 -19.98
H13 DXE I . 28.86 -24.59 -19.01
C1 M2M J . 13.08 -13.29 -6.66
O1 M2M J . 13.75 -14.50 -6.96
C2 M2M J . 14.29 -15.15 -5.82
C3 M2M J . 15.74 -15.59 -6.11
O2 M2M J . 16.28 -16.26 -4.98
C4 M2M J . 16.69 -15.49 -3.86
C5 M2M J . 17.64 -14.36 -4.27
O3 M2M J . 18.62 -14.13 -3.28
C6 M2M J . 19.65 -13.26 -3.73
H11 M2M J . 13.57 -12.74 -7.31
H12 M2M J . 13.01 -12.61 -5.99
H13 M2M J . 12.21 -13.68 -6.51
H21 M2M J . 13.75 -15.93 -5.61
H22 M2M J . 14.28 -14.53 -5.07
H31 M2M J . 15.75 -16.17 -6.88
H32 M2M J . 16.28 -14.80 -6.30
H41 M2M J . 17.13 -16.07 -3.21
H42 M2M J . 15.89 -15.11 -3.44
H51 M2M J . 18.08 -14.60 -5.11
H52 M2M J . 17.13 -13.55 -4.40
H61 M2M J . 20.05 -13.62 -4.54
H62 M2M J . 19.28 -12.38 -3.91
H63 M2M J . 20.33 -13.19 -3.05
C1 B3P K . 4.81 -37.29 -16.21
C2 B3P K . 3.87 -36.30 -15.59
C3 B3P K . 4.22 -38.69 -16.27
N1 B3P K . 4.59 -39.37 -17.52
C4 B3P K . 4.17 -40.82 -17.66
C5 B3P K . 4.42 -41.59 -16.36
C6 B3P K . 5.07 -41.40 -18.76
C7 B3P K . 2.71 -40.95 -18.09
N2 B3P K . 4.48 -34.99 -15.31
C8 B3P K . 3.85 -34.18 -14.21
C9 B3P K . 4.47 -32.79 -14.22
C10 B3P K . 2.34 -34.08 -14.49
C11 B3P K . 4.11 -34.87 -12.87
O1 B3P K . 4.68 -32.31 -15.55
O2 B3P K . 2.07 -33.28 -15.63
O3 B3P K . 5.48 -34.78 -12.50
O4 B3P K . 3.29 -41.52 -15.50
O5 B3P K . 6.40 -40.91 -18.64
O6 B3P K . 1.99 -39.74 -17.87
H11 B3P K . 5.10 -36.97 -17.21
H12 B3P K . 5.75 -37.33 -15.65
H21 B3P K . 3.42 -36.75 -14.72
H22 B3P K . 3.02 -36.13 -16.26
H31 B3P K . 4.62 -39.28 -15.44
H32 B3P K . 3.15 -38.63 -16.09
HN1 B3P K . 4.31 -38.84 -18.34
H51 B3P K . 5.31 -41.21 -15.87
H52 B3P K . 4.59 -42.66 -16.51
H61 B3P K . 4.67 -41.21 -19.76
H62 B3P K . 5.17 -42.47 -18.67
H71 B3P K . 2.23 -41.76 -17.56
H72 B3P K . 2.66 -41.22 -19.15
HN2 B3P K . 4.57 -34.45 -16.16
H91 B3P K . 5.47 -32.80 -13.79
H92 B3P K . 3.88 -32.07 -13.64
H101 B3P K . 1.85 -33.57 -13.66
H102 B3P K . 1.88 -35.06 -14.55
H111 B3P K . 3.51 -34.39 -12.09
H112 B3P K . 3.78 -35.91 -12.89
HO1 B3P K . 4.13 -31.49 -15.66
HO2 B3P K . 1.75 -32.40 -15.30
HO3 B3P K . 5.67 -35.59 -11.97
HO4 B3P K . 3.61 -41.66 -14.57
HO5 B3P K . 6.58 -40.35 -19.44
HO6 B3P K . 1.03 -39.99 -17.87
C1 6L7 L . 1.35 -28.90 -17.17
C2 6L7 L . 1.92 -30.16 -17.24
C3 6L7 L . 1.38 -31.03 -18.22
C4 6L7 L . -0.05 -29.31 -18.80
C5 6L7 L . 2.97 -29.16 -15.72
C6 6L7 L . 1.90 -26.87 -15.78
C7 6L7 L . 1.87 -26.63 -14.26
N1 6L7 L . 2.94 -30.31 -16.33
N2 6L7 L . 2.05 -28.26 -16.17
N3 6L7 L . 0.38 -30.56 -19.00
C8 6L7 L . 2.43 -25.21 -14.16
N4 6L7 L . 0.37 -28.40 -17.92
N5 6L7 L . 1.81 -32.28 -18.42
C9 6L7 L . 3.40 -25.12 -15.34
C10 6L7 L . 4.83 -25.38 -14.95
O1 6L7 L . 3.02 -26.17 -16.26
O2 6L7 L . 1.44 -24.20 -14.24
O3 6L7 L . 0.53 -26.68 -13.79
N6 6L7 L . 5.79 -24.23 -15.01
C11 6L7 L . 6.92 -24.28 -14.01
C12 6L7 L . 6.70 -24.81 -12.61
N7 6L7 L . 8.01 -25.03 -11.98
C13 6L7 L . 5.24 -22.85 -15.18
C14 6L7 L . 6.16 -21.98 -16.01
C15 6L7 L . 5.46 -20.86 -16.78
C16 6L7 L . 6.31 -19.60 -16.64
O4 6L7 L . 5.90 -18.70 -15.88
O5 6L7 L . 7.39 -19.58 -17.29
N8 6L7 L . 5.32 -21.22 -18.21
HC4 6L7 L . -0.87 -29.00 -19.47
HC5 6L7 L . 3.68 -28.92 -14.92
HC6 6L7 L . 1.03 -26.46 -16.29
HC7 6L7 L . 2.38 -27.37 -13.66
HC8 6L7 L . 2.89 -25.00 -13.19
HN5A 6L7 L . 2.57 -32.65 -17.86
HN5B 6L7 L . 1.40 -32.88 -19.14
HC9 6L7 L . 3.31 -24.18 -15.88
H10B 6L7 L . 5.20 -26.21 -15.55
H10A 6L7 L . 4.83 -25.82 -13.95
HO2 6L7 L . 1.29 -23.96 -15.20
HO3 6L7 L . -0.07 -26.24 -14.45
HN6 6L7 L . 6.27 -24.38 -15.89
H11B 6L7 L . 7.68 -24.89 -14.49
H11A 6L7 L . 7.40 -23.31 -13.92
H12B 6L7 L . 6.14 -24.12 -11.98
H12A 6L7 L . 6.11 -25.72 -12.62
HN7C 6L7 L . 8.53 -24.16 -11.88
HN7B 6L7 L . 8.61 -25.65 -12.52
HN7A 6L7 L . 7.94 -25.40 -11.04
H13B 6L7 L . 5.06 -22.37 -14.21
H13A 6L7 L . 4.25 -22.85 -15.63
H14A 6L7 L . 6.69 -22.62 -16.71
H14B 6L7 L . 6.97 -21.56 -15.41
HC15 6L7 L . 4.46 -20.67 -16.38
HN8B 6L7 L . 6.24 -21.45 -18.60
HN8C 6L7 L . 4.90 -20.49 -18.77
HN8A 6L7 L . 4.76 -22.06 -18.30
C1 EDO M . -1.41 -29.72 7.31
O1 EDO M . -1.73 -29.86 8.66
C2 EDO M . -1.76 -31.02 6.59
O2 EDO M . -1.78 -30.78 5.21
H11 EDO M . -0.46 -29.53 7.22
H12 EDO M . -1.92 -28.98 6.93
HO1 EDO M . -1.73 -29.11 9.05
H21 EDO M . -2.63 -31.33 6.87
H22 EDO M . -1.09 -31.70 6.79
HO2 EDO M . -2.28 -31.33 4.82
C1 EDO N . -7.56 -11.06 27.04
O1 EDO N . -7.71 -11.44 28.39
C2 EDO N . -7.38 -12.31 26.19
O2 EDO N . -6.33 -12.09 25.28
H11 EDO N . -6.77 -10.49 26.95
H12 EDO N . -8.33 -10.57 26.75
HO1 EDO N . -8.09 -10.82 28.82
H21 EDO N . -8.20 -12.50 25.71
H22 EDO N . -7.16 -13.06 26.77
HO2 EDO N . -6.27 -12.77 24.77
C1 EDO O . -18.51 -50.27 18.29
O1 EDO O . -19.23 -49.58 19.28
C2 EDO O . -18.72 -49.57 16.95
O2 EDO O . -18.06 -50.31 15.96
C1 EDO P . -24.18 -37.52 14.72
O1 EDO P . -23.34 -37.20 13.64
C2 EDO P . -23.65 -38.78 15.38
O2 EDO P . -24.41 -39.05 16.53
C1 EDO Q . -1.46 -3.29 -23.21
O1 EDO Q . -2.68 -3.83 -22.76
C2 EDO Q . -0.67 -4.40 -23.89
O2 EDO Q . -1.39 -4.84 -25.01
C1 B3P R . -12.71 -36.75 9.34
C2 B3P R . -11.25 -37.07 9.06
C3 B3P R . -13.67 -37.48 8.43
N1 B3P R . -15.08 -37.25 8.77
C4 B3P R . -16.10 -37.78 7.80
C5 B3P R . -17.37 -38.04 8.60
C6 B3P R . -15.61 -39.07 7.15
C7 B3P R . -16.37 -36.71 6.72
N2 B3P R . -10.35 -36.33 9.94
C8 B3P R . -8.91 -36.32 9.54
C9 B3P R . -8.74 -35.36 8.36
C10 B3P R . -8.41 -37.71 9.16
C11 B3P R . -8.13 -35.82 10.76
O1 B3P R . -9.58 -34.22 8.47
O2 B3P R . -8.52 -38.63 10.24
O3 B3P R . -8.67 -36.36 11.95
O4 B3P R . -17.51 -37.10 9.66
O5 B3P R . -15.40 -40.09 8.11
O6 B3P R . -15.50 -36.87 5.61
H11 B3P R . -12.93 -36.98 10.38
H12 B3P R . -12.88 -35.68 9.27
H21 B3P R . -11.08 -36.89 8.00
H22 B3P R . -11.08 -38.14 9.19
H31 B3P R . -13.51 -37.13 7.41
H32 B3P R . -13.39 -38.54 8.41
HN1 B3P R . -15.28 -36.28 8.98
H51 B3P R . -17.39 -39.06 8.97
H52 B3P R . -18.29 -37.93 8.02
H61 B3P R . -14.71 -38.92 6.55
H62 B3P R . -16.36 -39.50 6.48
H71 B3P R . -16.27 -35.72 7.14
H72 B3P R . -17.40 -36.79 6.39
HN2 B3P R . -10.46 -36.65 10.90
H91 B3P R . -9.04 -35.83 7.43
H92 B3P R . -7.70 -35.05 8.23
H101 B3P R . -7.35 -37.68 8.92
H102 B3P R . -8.91 -38.08 8.26
H111 B3P R . -8.20 -34.72 10.82
H112 B3P R . -7.08 -36.03 10.66
HO1 B3P R . -9.01 -33.44 8.68
HO2 B3P R . -9.24 -39.28 10.00
HO3 B3P R . -7.96 -36.94 12.34
HO4 B3P R . -17.69 -37.61 10.49
HO5 B3P R . -14.55 -40.54 7.89
HO6 B3P R . -14.90 -36.07 5.62
C1 6L7 S . -5.64 -40.01 13.46
C2 6L7 S . -6.88 -39.55 13.02
C3 6L7 S . -7.90 -40.50 12.88
C4 6L7 S . -6.37 -42.08 13.59
C5 6L7 S . -5.61 -37.85 13.12
C6 6L7 S . -3.44 -38.84 13.97
C7 6L7 S . -2.52 -38.06 13.03
N1 6L7 S . -6.84 -38.18 12.81
N2 6L7 S . -4.84 -38.90 13.51
N3 6L7 S . -7.60 -41.79 13.18
C8 6L7 S . -1.44 -37.57 14.00
N4 6L7 S . -5.32 -41.26 13.77
N5 6L7 S . -9.13 -40.22 12.47
C9 6L7 S . -2.21 -37.38 15.31
C10 6L7 S . -2.61 -35.94 15.55
O1 6L7 S . -3.43 -38.15 15.20
O2 6L7 S . -0.38 -38.49 14.15
O3 6L7 S . -1.97 -38.93 12.04
N6 6L7 S . -1.96 -35.17 16.66
C11 6L7 S . -1.76 -33.69 16.42
C12 6L7 S . -1.66 -33.12 15.02
N7 6L7 S . -1.94 -31.66 15.08
C13 6L7 S . -0.83 -35.81 17.44
C14 6L7 S . -1.26 -36.04 18.88
C15 6L7 S . -0.27 -36.77 19.81
C16 6L7 S . 0.60 -35.76 20.56
O4 6L7 S . 1.83 -35.76 20.31
O5 6L7 S . 0.01 -34.99 21.36
N8 6L7 S . -1.04 -37.58 20.80
HC4 6L7 S . -6.21 -43.13 13.82
HC5 6L7 S . -5.24 -36.82 13.07
HC6 6L7 S . -3.11 -39.85 14.16
HC7 6L7 S . -3.00 -37.29 12.44
HC8 6L7 S . -0.93 -36.68 13.64
HN5A 6L7 S . -9.39 -39.25 12.23
HN5B 6L7 S . -9.85 -40.94 12.37
HC9 6L7 S . -1.67 -37.76 16.16
H10B 6L7 S . -3.69 -35.91 15.68
H10A 6L7 S . -2.49 -35.40 14.60
HO2 6L7 S . -0.65 -39.23 14.76
HO3 6L7 S . -1.76 -39.80 12.46
HN6 6L7 S . -2.68 -35.15 17.36
H11B 6L7 S . -2.59 -33.22 16.92
H11A 6L7 S . -0.88 -33.33 16.97
H12B 6L7 S . -2.38 -33.57 14.33
H12A 6L7 S . -0.68 -33.31 14.57
HN7C 6L7 S . -1.33 -31.20 15.73
HN7B 6L7 S . -2.89 -31.45 15.37
HN7A 6L7 S . -1.78 -31.20 14.18
H13B 6L7 S . 0.07 -35.22 17.42
H13A 6L7 S . -0.52 -36.76 17.00
H14A 6L7 S . -2.19 -36.61 18.87
H14B 6L7 S . -1.55 -35.11 19.36
HC15 6L7 S . 0.36 -37.44 19.25
HN8B 6L7 S . -1.37 -36.98 21.54
HN8C 6L7 S . -0.48 -38.34 21.20
HN8A 6L7 S . -1.85 -37.99 20.34
C1 EDO T . -10.66 17.06 9.79
O1 EDO T . -11.10 17.37 11.08
C2 EDO T . -11.43 15.83 9.31
O2 EDO T . -10.91 14.69 9.96
H11 EDO T . -9.70 16.87 9.80
H12 EDO T . -10.83 17.80 9.19
HO1 EDO T . -10.50 17.80 11.49
H21 EDO T . -11.31 15.73 8.35
H22 EDO T . -12.36 15.92 9.52
HO2 EDO T . -10.69 14.11 9.38
C1 EDO U . -27.19 22.03 21.52
O1 EDO U . -26.04 22.82 21.48
C2 EDO U . -27.58 21.66 20.09
O2 EDO U . -28.12 20.37 20.10
H11 EDO U . -27.91 22.51 21.94
H12 EDO U . -27.01 21.21 22.02
HO1 EDO U . -25.98 23.28 22.18
H21 EDO U . -26.79 21.68 19.52
H22 EDO U . -28.23 22.29 19.76
HO2 EDO U . -28.88 20.38 19.71
C1 EDO V . -12.35 19.49 21.90
O1 EDO V . -13.39 18.63 22.29
C2 EDO V . -11.98 19.18 20.45
O2 EDO V . -11.20 18.03 20.42
C1 EDO W . -14.20 25.29 3.23
O1 EDO W . -13.42 25.41 2.07
C2 EDO W . -14.38 23.80 3.54
O2 EDO W . -15.69 23.44 3.20
C4 DXE X . -27.36 1.77 6.29
O2 DXE X . -27.81 1.25 7.51
C3 DXE X . -27.62 2.11 8.60
C2 DXE X . -28.70 1.84 9.66
O1 DXE X . -28.20 2.20 10.92
C1 DXE X . -29.11 2.02 11.97
H41 DXE X . -26.44 2.04 6.37
H42 DXE X . -27.44 1.08 5.60
H43 DXE X . -27.91 2.53 6.03
H31 DXE X . -26.74 1.95 8.99
H32 DXE X . -27.68 3.03 8.31
H21 DXE X . -28.92 0.90 9.66
H22 DXE X . -29.48 2.37 9.45
H11 DXE X . -29.41 1.10 11.99
H12 DXE X . -28.68 2.22 12.81
H13 DXE X . -29.87 2.61 11.85
C1 6L7 Y . -23.80 22.93 -6.88
C2 6L7 Y . -24.21 24.26 -6.76
C3 6L7 Y . -25.33 24.63 -7.54
C4 6L7 Y . -25.36 22.47 -8.35
C5 6L7 Y . -22.57 24.05 -5.44
C6 6L7 Y . -21.97 21.59 -5.76
C7 6L7 Y . -20.46 21.75 -5.84
N1 6L7 Y . -23.44 24.94 -5.85
N2 6L7 Y . -22.73 22.81 -6.02
N3 6L7 Y . -25.88 23.70 -8.34
C8 6L7 Y . -20.02 20.55 -4.98
N4 6L7 Y . -24.31 21.99 -7.66
N5 6L7 Y . -25.85 25.85 -7.52
C9 6L7 Y . -21.14 20.43 -3.94
C10 6L7 Y . -20.72 21.00 -2.60
O1 6L7 Y . -22.25 21.19 -4.43
O2 6L7 Y . -19.86 19.36 -5.73
O3 6L7 Y . -20.00 21.64 -7.17
N6 6L7 Y . -20.96 20.18 -1.36
C11 6L7 Y . -20.24 20.71 -0.16
C12 6L7 Y . -18.87 21.43 -0.31
N7 6L7 Y . -18.72 22.52 0.68
C13 6L7 Y . -20.82 18.68 -1.50
C14 6L7 Y . -21.99 17.95 -0.87
C15 6L7 Y . -22.08 16.45 -1.18
C16 6L7 Y . -21.53 15.63 -0.01
O4 6L7 Y . -20.51 14.93 -0.22
O5 6L7 Y . -22.13 15.72 1.08
N8 6L7 Y . -23.49 16.05 -1.43
HC4 6L7 Y . -25.86 21.77 -9.02
HC5 6L7 Y . -21.78 24.26 -4.71
HC6 6L7 Y . -22.36 20.81 -6.42
HC7 6L7 Y . -20.07 22.70 -5.51
HC8 6L7 Y . -19.02 20.69 -4.56
HN5A 6L7 Y . -25.46 26.58 -6.92
HN5B 6L7 Y . -26.66 26.10 -8.10
HC9 6L7 Y . -21.48 19.40 -3.83
H10B 6L7 Y . -21.21 21.97 -2.49
H10A 6L7 Y . -19.68 21.28 -2.67
HO2 6L7 Y . -20.74 19.07 -6.09
HO3 6L7 Y . -20.47 20.87 -7.61
HN6 6L7 Y . -21.94 20.31 -1.15
H11B 6L7 Y . -20.11 19.86 0.50
H11A 6L7 Y . -20.88 21.38 0.42
H12B 6L7 Y . -18.03 20.75 -0.16
H12A 6L7 Y . -18.75 21.81 -1.31
HN7C 6L7 Y . -18.47 22.16 1.60
HN7B 6L7 Y . -17.98 23.18 0.44
HN7A 6L7 Y . -19.59 23.04 0.82
H13B 6L7 Y . -19.89 18.32 -1.07
H13A 6L7 Y . -20.73 18.37 -2.53
H14A 6L7 Y . -22.91 18.42 -1.20
H14B 6L7 Y . -22.02 18.09 0.21
HC15 6L7 Y . -21.52 16.22 -2.08
HN8B 6L7 Y . -23.94 15.81 -0.55
HN8C 6L7 Y . -23.57 15.27 -2.07
HN8A 6L7 Y . -24.00 16.85 -1.81
C1 EDO Z . -1.61 30.58 -9.86
O1 EDO Z . -2.62 30.83 -8.93
C2 EDO Z . -0.27 30.55 -9.13
O2 EDO Z . -0.38 29.68 -8.03
C1 PEG AA . 9.94 -6.67 -26.46
O1 PEG AA . 8.62 -6.28 -26.20
C2 PEG AA . 10.84 -6.10 -25.36
O2 PEG AA . 12.16 -6.50 -25.57
C3 PEG AA . 12.82 -5.79 -26.58
C4 PEG AA . 14.23 -6.36 -26.74
O4 PEG AA . 14.45 -6.63 -28.10
H11 PEG AA . 10.01 -7.64 -26.46
H12 PEG AA . 10.23 -6.32 -27.31
HO1 PEG AA . 8.51 -5.48 -26.47
H21 PEG AA . 10.79 -5.13 -25.36
H22 PEG AA . 10.54 -6.45 -24.49
H31 PEG AA . 12.87 -4.86 -26.35
H32 PEG AA . 12.33 -5.89 -27.42
H41 PEG AA . 14.88 -5.72 -26.41
H42 PEG AA . 14.30 -7.20 -26.24
HO4 PEG AA . 14.22 -7.42 -28.28
C1 B3P BA . 2.20 34.02 -21.18
C2 B3P BA . 1.76 34.57 -22.52
C3 B3P BA . 1.48 34.63 -19.99
N1 B3P BA . 2.30 34.49 -18.78
C4 B3P BA . 1.58 34.65 -17.48
C5 B3P BA . 0.91 36.03 -17.42
C6 B3P BA . 2.62 34.54 -16.35
C7 B3P BA . 0.53 33.54 -17.30
N2 B3P BA . 1.30 33.51 -23.43
C8 B3P BA . 0.74 33.95 -24.77
C9 B3P BA . -0.12 32.78 -25.25
C10 B3P BA . 1.87 34.20 -25.77
C11 B3P BA . -0.13 35.22 -24.64
O1 B3P BA . -0.77 32.14 -24.16
O2 B3P BA . 2.80 33.12 -25.77
O3 B3P BA . 0.65 36.40 -24.76
O4 B3P BA . 1.83 37.07 -17.67
O5 B3P BA . 3.87 35.08 -16.75
O6 B3P BA . 1.14 32.26 -17.29
H11 B3P BA . 2.08 32.94 -21.17
H12 B3P BA . 3.27 34.16 -21.05
H21 B3P BA . 2.56 35.17 -22.92
H22 B3P BA . 0.95 35.27 -22.37
H31 B3P BA . 1.33 35.69 -20.18
H32 B3P BA . 0.49 34.19 -19.92
HN1 B3P BA . 2.85 33.64 -18.78
H51 B3P BA . 0.42 36.17 -16.45
H52 B3P BA . 0.13 36.17 -18.16
H61 B3P BA . 2.72 33.53 -15.99
H62 B3P BA . 2.33 35.15 -15.49
H71 B3P BA . -0.22 33.60 -18.09
H72 B3P BA . -0.02 33.71 -16.37
HN2 B3P BA . 2.03 32.81 -23.55
H91 B3P BA . 0.49 32.00 -25.69
H92 B3P BA . -0.85 33.08 -26.01
H101 B3P BA . 1.47 34.23 -26.78
H102 B3P BA . 2.36 35.15 -25.60
H111 B3P BA . -0.62 35.22 -23.67
H112 B3P BA . -0.94 35.20 -25.37
HO1 B3P BA . -1.74 32.24 -24.30
HO2 B3P BA . 3.65 33.46 -26.16
HO3 B3P BA . 0.81 36.53 -25.73
HO4 B3P BA . 1.55 37.53 -18.51
HO5 B3P BA . 4.04 35.88 -16.17
HO6 B3P BA . 0.47 31.64 -16.89
C1 6L7 CA . 4.20 39.90 -15.04
C2 6L7 CA . 4.06 39.07 -16.15
C3 6L7 CA . 3.86 39.69 -17.39
C4 6L7 CA . 3.95 41.71 -16.27
C5 6L7 CA . 4.36 37.79 -14.48
C6 6L7 CA . 4.61 39.46 -12.59
C7 6L7 CA . 3.79 38.70 -11.56
N1 6L7 CA . 4.17 37.74 -15.78
N2 6L7 CA . 4.38 39.06 -13.97
N3 6L7 CA . 3.81 41.04 -17.42
C8 6L7 CA . 4.70 38.70 -10.34
N4 6L7 CA . 4.15 41.23 -15.04
N5 6L7 CA . 3.71 39.02 -18.54
C9 6L7 CA . 6.10 38.77 -10.94
C10 6L7 CA . 6.79 37.42 -11.00
O1 6L7 CA . 5.96 39.22 -12.30
O2 6L7 CA . 4.48 39.82 -9.48
O3 6L7 CA . 2.59 39.42 -11.28
N6 6L7 CA . 8.01 37.22 -10.17
C11 6L7 CA . 8.15 35.79 -9.74
C12 6L7 CA . 6.97 35.21 -8.96
N7 6L7 CA . 7.04 33.73 -9.03
C13 6L7 CA . 8.25 38.19 -9.03
C14 6L7 CA . 9.67 38.13 -8.51
C15 6L7 CA . 10.27 39.50 -8.15
C16 6L7 CA . 11.37 39.30 -7.10
O4 6L7 CA . 11.10 39.62 -5.92
O5 6L7 CA . 12.44 38.81 -7.49
N8 6L7 CA . 10.85 40.16 -9.35
HC4 6L7 CA . 3.90 42.79 -16.36
HC5 6L7 CA . 4.48 36.90 -13.86
HC6 6L7 CA . 4.46 40.54 -12.53
HC7 6L7 CA . 3.43 37.72 -11.87
HC8 6L7 CA . 4.53 37.86 -9.66
HN5A 6L7 CA . 3.74 38.00 -18.55
HN5B 6L7 CA . 3.57 39.51 -19.42
HC9 6L7 CA . 6.74 39.50 -10.43
H10B 6L7 CA . 7.01 37.20 -12.05
H10A 6L7 CA . 6.05 36.66 -10.76
HO2 6L7 CA . 5.06 40.58 -9.76
HO3 6L7 CA . 2.82 40.35 -11.07
HN6 6L7 CA . 8.81 37.38 -10.79
H11B 6L7 CA . 8.29 35.21 -10.65
H11A 6L7 CA . 9.05 35.61 -9.17
H12B 6L7 CA . 6.00 35.52 -9.35
H12A 6L7 CA . 6.98 35.54 -7.92
HN7C 6L7 CA . 6.11 33.31 -8.88
HN7B 6L7 CA . 7.66 33.32 -8.34
HN7A 6L7 CA . 7.32 33.40 -9.96
H13B 6L7 CA . 7.56 38.00 -8.21
H13A 6L7 CA . 8.02 39.21 -9.32
H14A 6L7 CA . 10.29 37.66 -9.28
H14B 6L7 CA . 9.78 37.47 -7.66
HC15 6L7 CA . 9.50 40.16 -7.76
HN8B 6L7 CA . 11.60 39.58 -9.74
HN8C 6L7 CA . 11.23 41.08 -9.16
HN8A 6L7 CA . 10.15 40.24 -10.07
#